data_8PQM
# 
_entry.id   8PQM 
# 
_audit_conform.dict_name       mmcif_pdbx.dic 
_audit_conform.dict_version    5.402 
_audit_conform.dict_location   http://mmcif.pdb.org/dictionaries/ascii/mmcif_pdbx.dic 
# 
loop_
_database_2.database_id 
_database_2.database_code 
_database_2.pdbx_database_accession 
_database_2.pdbx_DOI 
PDB   8PQM         pdb_00008pqm 10.2210/pdb8pqm/pdb 
WWPDB D_1292131641 ?            ?                   
# 
loop_
_pdbx_audit_revision_history.ordinal 
_pdbx_audit_revision_history.data_content_type 
_pdbx_audit_revision_history.major_revision 
_pdbx_audit_revision_history.minor_revision 
_pdbx_audit_revision_history.revision_date 
_pdbx_audit_revision_history.part_number 
1 'Structure model' 1 0 2025-01-29 ? 
2 'Structure model' 1 1 2025-02-26 ? 
3 'Structure model' 1 2 2025-03-19 ? 
# 
_pdbx_audit_revision_details.ordinal             1 
_pdbx_audit_revision_details.revision_ordinal    1 
_pdbx_audit_revision_details.data_content_type   'Structure model' 
_pdbx_audit_revision_details.provider            repository 
_pdbx_audit_revision_details.type                'Initial release' 
_pdbx_audit_revision_details.description         ? 
_pdbx_audit_revision_details.details             ? 
# 
loop_
_pdbx_audit_revision_group.ordinal 
_pdbx_audit_revision_group.revision_ordinal 
_pdbx_audit_revision_group.data_content_type 
_pdbx_audit_revision_group.group 
1 2 'Structure model' 'Database references' 
2 3 'Structure model' 'Database references' 
# 
loop_
_pdbx_audit_revision_category.ordinal 
_pdbx_audit_revision_category.revision_ordinal 
_pdbx_audit_revision_category.data_content_type 
_pdbx_audit_revision_category.category 
1 2 'Structure model' citation        
2 2 'Structure model' citation_author 
3 3 'Structure model' citation        
4 3 'Structure model' citation_author 
# 
loop_
_pdbx_audit_revision_item.ordinal 
_pdbx_audit_revision_item.revision_ordinal 
_pdbx_audit_revision_item.data_content_type 
_pdbx_audit_revision_item.item 
1  2 'Structure model' '_citation.country'                 
2  2 'Structure model' '_citation.journal_abbrev'          
3  2 'Structure model' '_citation.journal_id_CSD'          
4  2 'Structure model' '_citation.journal_id_ISSN'         
5  2 'Structure model' '_citation.pdbx_database_id_DOI'    
6  2 'Structure model' '_citation.pdbx_database_id_PubMed' 
7  2 'Structure model' '_citation.title'                   
8  2 'Structure model' '_citation.year'                    
9  3 'Structure model' '_citation.journal_volume'          
10 3 'Structure model' '_citation.page_first'              
11 3 'Structure model' '_citation.page_last'               
12 3 'Structure model' '_citation_author.identifier_ORCID' 
# 
_pdbx_database_status.status_code                     REL 
_pdbx_database_status.status_code_sf                  REL 
_pdbx_database_status.status_code_mr                  ? 
_pdbx_database_status.entry_id                        8PQM 
_pdbx_database_status.recvd_initial_deposition_date   2023-07-11 
_pdbx_database_status.SG_entry                        N 
_pdbx_database_status.deposit_site                    PDBE 
_pdbx_database_status.process_site                    PDBE 
_pdbx_database_status.status_code_cs                  ? 
_pdbx_database_status.status_code_nmr_data            ? 
_pdbx_database_status.methods_development_category    ? 
_pdbx_database_status.pdb_format_compatible           Y 
# 
_pdbx_contact_author.id                 2 
_pdbx_contact_author.email              pavlina.rezacova@uochb.cas.cz 
_pdbx_contact_author.name_first         Pavlina 
_pdbx_contact_author.name_last          Rezacova 
_pdbx_contact_author.name_mi            ? 
_pdbx_contact_author.role               'principal investigator/group leader' 
_pdbx_contact_author.identifier_ORCID   0000-0001-9626-346X 
# 
_audit_author.name               'Soltysova, M.' 
_audit_author.pdbx_ordinal       1 
_audit_author.identifier_ORCID   0000-0002-6194-2339 
# 
_citation.abstract                  ? 
_citation.abstract_id_CAS           ? 
_citation.book_id_ISBN              ? 
_citation.book_publisher            ? 
_citation.book_publisher_city       ? 
_citation.book_title                ? 
_citation.coordinate_linkage        ? 
_citation.country                   UK 
_citation.database_id_Medline       ? 
_citation.details                   ? 
_citation.id                        primary 
_citation.journal_abbrev            'Rsc Chem Biol' 
_citation.journal_id_ASTM           ? 
_citation.journal_id_CSD            ? 
_citation.journal_id_ISSN           2633-0679 
_citation.journal_full              ? 
_citation.journal_issue             ? 
_citation.journal_volume            6 
_citation.language                  ? 
_citation.page_first                376 
_citation.page_last                 386 
_citation.title                     
;Using environment-sensitive tetramethylated thiophene-BODIPY fluorophores in DNA probes for studying effector-induced conformational changes of protein-DNA complexes.
;
_citation.year                      2025 
_citation.database_id_CSD           ? 
_citation.pdbx_database_id_DOI      10.1039/d4cb00260a 
_citation.pdbx_database_id_PubMed   39822774 
_citation.pdbx_database_id_patent   ? 
_citation.unpublished_flag          ? 
# 
loop_
_citation_author.citation_id 
_citation_author.name 
_citation_author.ordinal 
_citation_author.identifier_ORCID 
primary 'Soltysova, M.'        1  ? 
primary 'Guixens-Gallardo, P.' 2  ? 
primary 'Sieglova, I.'         3  ? 
primary 'Soldanova, A.'        4  ? 
primary 'Krejcirikova, V.'     5  ? 
primary 'Fabry, M.'            6  ? 
primary 'Brynda, J.'           7  ? 
primary 'Khoroshyy, P.'        8  ? 
primary 'Hocek, M.'            9  ? 
primary 'Rezacova, P.'         10 ? 
# 
loop_
_entity.id 
_entity.type 
_entity.src_method 
_entity.pdbx_description 
_entity.formula_weight 
_entity.pdbx_number_of_molecules 
_entity.pdbx_ec 
_entity.pdbx_mutation 
_entity.pdbx_fragment 
_entity.details 
1 polymer     man 'FadR family transcriptional regulator' 9193.068 1  ? ? ? 
'The first five residues (SNAAS) are a cloning artefact upon cleavage of the hexahistidine tag.' 
2 non-polymer syn 'SODIUM ION'                            22.990   2  ? ? ? ? 
3 water       nat water                                   18.015   72 ? ? ? ? 
# 
_entity_poly.entity_id                      1 
_entity_poly.type                           'polypeptide(L)' 
_entity_poly.nstd_linkage                   no 
_entity_poly.nstd_monomer                   yes 
_entity_poly.pdbx_seq_one_letter_code       
;SNAASKYKQIKTKKIYEEVADALLD(MSE)IKNGELKPGDKLDSVQALAESFQVSRSAVREALSALKA(MSE)GLVE
(MSE)KQGEGTYLKEFE
;
_entity_poly.pdbx_seq_one_letter_code_can   
;SNAASKYKQIKTKKIYEEVADALLDMIKNGELKPGDKLDSVQALAESFQVSRSAVREALSALKAMGLVEMKQGEGTYLKE
FE
;
_entity_poly.pdbx_strand_id                 A 
_entity_poly.pdbx_target_identifier         ? 
# 
loop_
_pdbx_entity_nonpoly.entity_id 
_pdbx_entity_nonpoly.name 
_pdbx_entity_nonpoly.comp_id 
2 'SODIUM ION' NA  
3 water        HOH 
# 
loop_
_entity_poly_seq.entity_id 
_entity_poly_seq.num 
_entity_poly_seq.mon_id 
_entity_poly_seq.hetero 
1 1  SER n 
1 2  ASN n 
1 3  ALA n 
1 4  ALA n 
1 5  SER n 
1 6  LYS n 
1 7  TYR n 
1 8  LYS n 
1 9  GLN n 
1 10 ILE n 
1 11 LYS n 
1 12 THR n 
1 13 LYS n 
1 14 LYS n 
1 15 ILE n 
1 16 TYR n 
1 17 GLU n 
1 18 GLU n 
1 19 VAL n 
1 20 ALA n 
1 21 ASP n 
1 22 ALA n 
1 23 LEU n 
1 24 LEU n 
1 25 ASP n 
1 26 MSE n 
1 27 ILE n 
1 28 LYS n 
1 29 ASN n 
1 30 GLY n 
1 31 GLU n 
1 32 LEU n 
1 33 LYS n 
1 34 PRO n 
1 35 GLY n 
1 36 ASP n 
1 37 LYS n 
1 38 LEU n 
1 39 ASP n 
1 40 SER n 
1 41 VAL n 
1 42 GLN n 
1 43 ALA n 
1 44 LEU n 
1 45 ALA n 
1 46 GLU n 
1 47 SER n 
1 48 PHE n 
1 49 GLN n 
1 50 VAL n 
1 51 SER n 
1 52 ARG n 
1 53 SER n 
1 54 ALA n 
1 55 VAL n 
1 56 ARG n 
1 57 GLU n 
1 58 ALA n 
1 59 LEU n 
1 60 SER n 
1 61 ALA n 
1 62 LEU n 
1 63 LYS n 
1 64 ALA n 
1 65 MSE n 
1 66 GLY n 
1 67 LEU n 
1 68 VAL n 
1 69 GLU n 
1 70 MSE n 
1 71 LYS n 
1 72 GLN n 
1 73 GLY n 
1 74 GLU n 
1 75 GLY n 
1 76 THR n 
1 77 TYR n 
1 78 LEU n 
1 79 LYS n 
1 80 GLU n 
1 81 PHE n 
1 82 GLU n 
# 
_entity_src_gen.entity_id                          1 
_entity_src_gen.pdbx_src_id                        1 
_entity_src_gen.pdbx_alt_source_flag               sample 
_entity_src_gen.pdbx_seq_type                      'Biological sequence' 
_entity_src_gen.pdbx_beg_seq_num                   1 
_entity_src_gen.pdbx_end_seq_num                   82 
_entity_src_gen.gene_src_common_name               ? 
_entity_src_gen.gene_src_genus                     ? 
_entity_src_gen.pdbx_gene_src_gene                 D9C10_16260 
_entity_src_gen.gene_src_species                   ? 
_entity_src_gen.gene_src_strain                    ? 
_entity_src_gen.gene_src_tissue                    ? 
_entity_src_gen.gene_src_tissue_fraction           ? 
_entity_src_gen.gene_src_details                   ? 
_entity_src_gen.pdbx_gene_src_fragment             ? 
_entity_src_gen.pdbx_gene_src_scientific_name      'Bacillus subtilis subsp. subtilis str. 168' 
_entity_src_gen.pdbx_gene_src_ncbi_taxonomy_id     224308 
_entity_src_gen.pdbx_gene_src_variant              ? 
_entity_src_gen.pdbx_gene_src_cell_line            ? 
_entity_src_gen.pdbx_gene_src_atcc                 ? 
_entity_src_gen.pdbx_gene_src_organ                ? 
_entity_src_gen.pdbx_gene_src_organelle            ? 
_entity_src_gen.pdbx_gene_src_cell                 ? 
_entity_src_gen.pdbx_gene_src_cellular_location    ? 
_entity_src_gen.host_org_common_name               ? 
_entity_src_gen.pdbx_host_org_scientific_name      'Escherichia coli BL21(DE3)' 
_entity_src_gen.pdbx_host_org_ncbi_taxonomy_id     469008 
_entity_src_gen.host_org_genus                     ? 
_entity_src_gen.pdbx_host_org_gene                 ? 
_entity_src_gen.pdbx_host_org_organ                ? 
_entity_src_gen.host_org_species                   ? 
_entity_src_gen.pdbx_host_org_tissue               ? 
_entity_src_gen.pdbx_host_org_tissue_fraction      ? 
_entity_src_gen.pdbx_host_org_strain               ? 
_entity_src_gen.pdbx_host_org_variant              ? 
_entity_src_gen.pdbx_host_org_cell_line            ? 
_entity_src_gen.pdbx_host_org_atcc                 ? 
_entity_src_gen.pdbx_host_org_culture_collection   ? 
_entity_src_gen.pdbx_host_org_cell                 ? 
_entity_src_gen.pdbx_host_org_organelle            ? 
_entity_src_gen.pdbx_host_org_cellular_location    ? 
_entity_src_gen.pdbx_host_org_vector_type          plasmid 
_entity_src_gen.pdbx_host_org_vector               ? 
_entity_src_gen.host_org_details                   
;LutR-DBD (residues 2-78) were cloned into the multicopy expression plasmid derived from the pMCSG7 vector originally designed for ligase-free cloning (Stols et al., 2002).
;
_entity_src_gen.expression_system_id               ? 
_entity_src_gen.plasmid_name                       pMCSG7 
_entity_src_gen.plasmid_details                    ? 
_entity_src_gen.pdbx_description                   ? 
# 
loop_
_chem_comp.id 
_chem_comp.type 
_chem_comp.mon_nstd_flag 
_chem_comp.name 
_chem_comp.pdbx_synonyms 
_chem_comp.formula 
_chem_comp.formula_weight 
ALA 'L-peptide linking' y ALANINE          ? 'C3 H7 N O2'     89.093  
ARG 'L-peptide linking' y ARGININE         ? 'C6 H15 N4 O2 1' 175.209 
ASN 'L-peptide linking' y ASPARAGINE       ? 'C4 H8 N2 O3'    132.118 
ASP 'L-peptide linking' y 'ASPARTIC ACID'  ? 'C4 H7 N O4'     133.103 
GLN 'L-peptide linking' y GLUTAMINE        ? 'C5 H10 N2 O3'   146.144 
GLU 'L-peptide linking' y 'GLUTAMIC ACID'  ? 'C5 H9 N O4'     147.129 
GLY 'peptide linking'   y GLYCINE          ? 'C2 H5 N O2'     75.067  
HOH non-polymer         . WATER            ? 'H2 O'           18.015  
ILE 'L-peptide linking' y ISOLEUCINE       ? 'C6 H13 N O2'    131.173 
LEU 'L-peptide linking' y LEUCINE          ? 'C6 H13 N O2'    131.173 
LYS 'L-peptide linking' y LYSINE           ? 'C6 H15 N2 O2 1' 147.195 
MSE 'L-peptide linking' n SELENOMETHIONINE ? 'C5 H11 N O2 Se' 196.106 
NA  non-polymer         . 'SODIUM ION'     ? 'Na 1'           22.990  
PHE 'L-peptide linking' y PHENYLALANINE    ? 'C9 H11 N O2'    165.189 
PRO 'L-peptide linking' y PROLINE          ? 'C5 H9 N O2'     115.130 
SER 'L-peptide linking' y SERINE           ? 'C3 H7 N O3'     105.093 
THR 'L-peptide linking' y THREONINE        ? 'C4 H9 N O3'     119.119 
TYR 'L-peptide linking' y TYROSINE         ? 'C9 H11 N O3'    181.189 
VAL 'L-peptide linking' y VALINE           ? 'C5 H11 N O2'    117.146 
# 
loop_
_pdbx_poly_seq_scheme.asym_id 
_pdbx_poly_seq_scheme.entity_id 
_pdbx_poly_seq_scheme.seq_id 
_pdbx_poly_seq_scheme.mon_id 
_pdbx_poly_seq_scheme.ndb_seq_num 
_pdbx_poly_seq_scheme.pdb_seq_num 
_pdbx_poly_seq_scheme.auth_seq_num 
_pdbx_poly_seq_scheme.pdb_mon_id 
_pdbx_poly_seq_scheme.auth_mon_id 
_pdbx_poly_seq_scheme.pdb_strand_id 
_pdbx_poly_seq_scheme.pdb_ins_code 
_pdbx_poly_seq_scheme.hetero 
A 1 1  SER 1  -3 ?  ?   ?   A . n 
A 1 2  ASN 2  -2 ?  ?   ?   A . n 
A 1 3  ALA 3  -1 ?  ?   ?   A . n 
A 1 4  ALA 4  0  ?  ?   ?   A . n 
A 1 5  SER 5  1  ?  ?   ?   A . n 
A 1 6  LYS 6  2  ?  ?   ?   A . n 
A 1 7  TYR 7  3  3  TYR TYR A . n 
A 1 8  LYS 8  4  4  LYS LYS A . n 
A 1 9  GLN 9  5  5  GLN GLN A . n 
A 1 10 ILE 10 6  6  ILE ILE A . n 
A 1 11 LYS 11 7  7  LYS LYS A . n 
A 1 12 THR 12 8  8  THR THR A . n 
A 1 13 LYS 13 9  9  LYS LYS A . n 
A 1 14 LYS 14 10 10 LYS LYS A . n 
A 1 15 ILE 15 11 11 ILE ILE A . n 
A 1 16 TYR 16 12 12 TYR TYR A . n 
A 1 17 GLU 17 13 13 GLU GLU A . n 
A 1 18 GLU 18 14 14 GLU GLU A . n 
A 1 19 VAL 19 15 15 VAL VAL A . n 
A 1 20 ALA 20 16 16 ALA ALA A . n 
A 1 21 ASP 21 17 17 ASP ASP A . n 
A 1 22 ALA 22 18 18 ALA ALA A . n 
A 1 23 LEU 23 19 19 LEU LEU A . n 
A 1 24 LEU 24 20 20 LEU LEU A . n 
A 1 25 ASP 25 21 21 ASP ASP A . n 
A 1 26 MSE 26 22 22 MSE MSE A . n 
A 1 27 ILE 27 23 23 ILE ILE A . n 
A 1 28 LYS 28 24 24 LYS LYS A . n 
A 1 29 ASN 29 25 25 ASN ASN A . n 
A 1 30 GLY 30 26 26 GLY GLY A . n 
A 1 31 GLU 31 27 27 GLU GLU A . n 
A 1 32 LEU 32 28 28 LEU LEU A . n 
A 1 33 LYS 33 29 29 LYS LYS A . n 
A 1 34 PRO 34 30 30 PRO PRO A . n 
A 1 35 GLY 35 31 31 GLY GLY A . n 
A 1 36 ASP 36 32 32 ASP ASP A . n 
A 1 37 LYS 37 33 33 LYS LYS A . n 
A 1 38 LEU 38 34 34 LEU LEU A . n 
A 1 39 ASP 39 35 35 ASP ASP A . n 
A 1 40 SER 40 36 36 SER SER A . n 
A 1 41 VAL 41 37 37 VAL VAL A . n 
A 1 42 GLN 42 38 38 GLN GLN A . n 
A 1 43 ALA 43 39 39 ALA ALA A . n 
A 1 44 LEU 44 40 40 LEU LEU A . n 
A 1 45 ALA 45 41 41 ALA ALA A . n 
A 1 46 GLU 46 42 42 GLU GLU A . n 
A 1 47 SER 47 43 43 SER SER A . n 
A 1 48 PHE 48 44 44 PHE PHE A . n 
A 1 49 GLN 49 45 45 GLN GLN A . n 
A 1 50 VAL 50 46 46 VAL VAL A . n 
A 1 51 SER 51 47 47 SER SER A . n 
A 1 52 ARG 52 48 48 ARG ARG A . n 
A 1 53 SER 53 49 49 SER SER A . n 
A 1 54 ALA 54 50 50 ALA ALA A . n 
A 1 55 VAL 55 51 51 VAL VAL A . n 
A 1 56 ARG 56 52 52 ARG ARG A . n 
A 1 57 GLU 57 53 53 GLU GLU A . n 
A 1 58 ALA 58 54 54 ALA ALA A . n 
A 1 59 LEU 59 55 55 LEU LEU A . n 
A 1 60 SER 60 56 56 SER SER A . n 
A 1 61 ALA 61 57 57 ALA ALA A . n 
A 1 62 LEU 62 58 58 LEU LEU A . n 
A 1 63 LYS 63 59 59 LYS LYS A . n 
A 1 64 ALA 64 60 60 ALA ALA A . n 
A 1 65 MSE 65 61 61 MSE MSE A . n 
A 1 66 GLY 66 62 62 GLY GLY A . n 
A 1 67 LEU 67 63 63 LEU LEU A . n 
A 1 68 VAL 68 64 64 VAL VAL A . n 
A 1 69 GLU 69 65 65 GLU GLU A . n 
A 1 70 MSE 70 66 66 MSE MSE A . n 
A 1 71 LYS 71 67 67 LYS LYS A . n 
A 1 72 GLN 72 68 68 GLN GLN A . n 
A 1 73 GLY 73 69 69 GLY GLY A . n 
A 1 74 GLU 74 70 70 GLU GLU A . n 
A 1 75 GLY 75 71 71 GLY GLY A . n 
A 1 76 THR 76 72 72 THR THR A . n 
A 1 77 TYR 77 73 73 TYR TYR A . n 
A 1 78 LEU 78 74 74 LEU LEU A . n 
A 1 79 LYS 79 75 75 LYS LYS A . n 
A 1 80 GLU 80 76 76 GLU GLU A . n 
A 1 81 PHE 81 77 77 PHE PHE A . n 
A 1 82 GLU 82 78 78 GLU GLU A . n 
# 
loop_
_pdbx_nonpoly_scheme.asym_id 
_pdbx_nonpoly_scheme.entity_id 
_pdbx_nonpoly_scheme.mon_id 
_pdbx_nonpoly_scheme.ndb_seq_num 
_pdbx_nonpoly_scheme.pdb_seq_num 
_pdbx_nonpoly_scheme.auth_seq_num 
_pdbx_nonpoly_scheme.pdb_mon_id 
_pdbx_nonpoly_scheme.auth_mon_id 
_pdbx_nonpoly_scheme.pdb_strand_id 
_pdbx_nonpoly_scheme.pdb_ins_code 
B 2 NA  1  101 1  NA  NA  A . 
C 2 NA  1  102 2  NA  NA  A . 
D 3 HOH 1  201 53 HOH HOH A . 
D 3 HOH 2  202 51 HOH HOH A . 
D 3 HOH 3  203 72 HOH HOH A . 
D 3 HOH 4  204 31 HOH HOH A . 
D 3 HOH 5  205 9  HOH HOH A . 
D 3 HOH 6  206 62 HOH HOH A . 
D 3 HOH 7  207 63 HOH HOH A . 
D 3 HOH 8  208 83 HOH HOH A . 
D 3 HOH 9  209 12 HOH HOH A . 
D 3 HOH 10 210 10 HOH HOH A . 
D 3 HOH 11 211 22 HOH HOH A . 
D 3 HOH 12 212 24 HOH HOH A . 
D 3 HOH 13 213 23 HOH HOH A . 
D 3 HOH 14 214 35 HOH HOH A . 
D 3 HOH 15 215 59 HOH HOH A . 
D 3 HOH 16 216 39 HOH HOH A . 
D 3 HOH 17 217 81 HOH HOH A . 
D 3 HOH 18 218 66 HOH HOH A . 
D 3 HOH 19 219 2  HOH HOH A . 
D 3 HOH 20 220 33 HOH HOH A . 
D 3 HOH 21 221 80 HOH HOH A . 
D 3 HOH 22 222 7  HOH HOH A . 
D 3 HOH 23 223 67 HOH HOH A . 
D 3 HOH 24 224 16 HOH HOH A . 
D 3 HOH 25 225 19 HOH HOH A . 
D 3 HOH 26 226 56 HOH HOH A . 
D 3 HOH 27 227 36 HOH HOH A . 
D 3 HOH 28 228 27 HOH HOH A . 
D 3 HOH 29 229 43 HOH HOH A . 
D 3 HOH 30 230 44 HOH HOH A . 
D 3 HOH 31 231 82 HOH HOH A . 
D 3 HOH 32 232 74 HOH HOH A . 
D 3 HOH 33 233 14 HOH HOH A . 
D 3 HOH 34 234 20 HOH HOH A . 
D 3 HOH 35 235 41 HOH HOH A . 
D 3 HOH 36 236 76 HOH HOH A . 
D 3 HOH 37 237 37 HOH HOH A . 
D 3 HOH 38 238 28 HOH HOH A . 
D 3 HOH 39 239 4  HOH HOH A . 
D 3 HOH 40 240 40 HOH HOH A . 
D 3 HOH 41 241 29 HOH HOH A . 
D 3 HOH 42 242 17 HOH HOH A . 
D 3 HOH 43 243 85 HOH HOH A . 
D 3 HOH 44 244 25 HOH HOH A . 
D 3 HOH 45 245 1  HOH HOH A . 
D 3 HOH 46 246 64 HOH HOH A . 
D 3 HOH 47 247 77 HOH HOH A . 
D 3 HOH 48 248 75 HOH HOH A . 
D 3 HOH 49 249 32 HOH HOH A . 
D 3 HOH 50 250 21 HOH HOH A . 
D 3 HOH 51 251 3  HOH HOH A . 
D 3 HOH 52 252 6  HOH HOH A . 
D 3 HOH 53 253 11 HOH HOH A . 
D 3 HOH 54 254 8  HOH HOH A . 
D 3 HOH 55 255 65 HOH HOH A . 
D 3 HOH 56 256 50 HOH HOH A . 
D 3 HOH 57 257 5  HOH HOH A . 
D 3 HOH 58 258 34 HOH HOH A . 
D 3 HOH 59 259 58 HOH HOH A . 
D 3 HOH 60 260 52 HOH HOH A . 
D 3 HOH 61 261 47 HOH HOH A . 
D 3 HOH 62 262 46 HOH HOH A . 
D 3 HOH 63 263 61 HOH HOH A . 
D 3 HOH 64 264 70 HOH HOH A . 
D 3 HOH 65 265 49 HOH HOH A . 
D 3 HOH 66 266 30 HOH HOH A . 
D 3 HOH 67 267 69 HOH HOH A . 
D 3 HOH 68 268 71 HOH HOH A . 
D 3 HOH 69 269 38 HOH HOH A . 
D 3 HOH 70 270 73 HOH HOH A . 
D 3 HOH 71 271 87 HOH HOH A . 
D 3 HOH 72 272 86 HOH HOH A . 
# 
loop_
_software.citation_id 
_software.classification 
_software.compiler_name 
_software.compiler_version 
_software.contact_author 
_software.contact_author_email 
_software.date 
_software.description 
_software.dependencies 
_software.hardware 
_software.language 
_software.location 
_software.mods 
_software.name 
_software.os 
_software.os_version 
_software.type 
_software.version 
_software.pdbx_ordinal 
? refinement       ? ? ? ? ? ? ? ? ? ? ? REFMAC ? ? ? 5.8.0415 1 
? 'data scaling'   ? ? ? ? ? ? ? ? ? ? ? XSCALE ? ? ? .        2 
? 'data reduction' ? ? ? ? ? ? ? ? ? ? ? XDS    ? ? ? .        3 
? phasing          ? ? ? ? ? ? ? ? ? ? ? MOLREP ? ? ? .        4 
# 
_cell.angle_alpha                  90.00 
_cell.angle_alpha_esd              ? 
_cell.angle_beta                   90.00 
_cell.angle_beta_esd               ? 
_cell.angle_gamma                  90.00 
_cell.angle_gamma_esd              ? 
_cell.entry_id                     8PQM 
_cell.details                      ? 
_cell.formula_units_Z              ? 
_cell.length_a                     28.310 
_cell.length_a_esd                 ? 
_cell.length_b                     38.370 
_cell.length_b_esd                 ? 
_cell.length_c                     66.710 
_cell.length_c_esd                 ? 
_cell.volume                       ? 
_cell.volume_esd                   ? 
_cell.Z_PDB                        4 
_cell.reciprocal_angle_alpha       ? 
_cell.reciprocal_angle_beta        ? 
_cell.reciprocal_angle_gamma       ? 
_cell.reciprocal_angle_alpha_esd   ? 
_cell.reciprocal_angle_beta_esd    ? 
_cell.reciprocal_angle_gamma_esd   ? 
_cell.reciprocal_length_a          ? 
_cell.reciprocal_length_b          ? 
_cell.reciprocal_length_c          ? 
_cell.reciprocal_length_a_esd      ? 
_cell.reciprocal_length_b_esd      ? 
_cell.reciprocal_length_c_esd      ? 
_cell.pdbx_unique_axis             ? 
_cell.pdbx_esd_method              ? 
# 
_symmetry.entry_id                         8PQM 
_symmetry.cell_setting                     ? 
_symmetry.Int_Tables_number                19 
_symmetry.space_group_name_Hall            ? 
_symmetry.space_group_name_H-M             'P 21 21 21' 
_symmetry.pdbx_full_space_group_name_H-M   ? 
# 
_exptl.absorpt_coefficient_mu     ? 
_exptl.absorpt_correction_T_max   ? 
_exptl.absorpt_correction_T_min   ? 
_exptl.absorpt_correction_type    ? 
_exptl.absorpt_process_details    ? 
_exptl.entry_id                   8PQM 
_exptl.crystals_number            1 
_exptl.details                    ? 
_exptl.method                     'X-RAY DIFFRACTION' 
_exptl.method_details             ? 
# 
_exptl_crystal.colour                       ? 
_exptl_crystal.density_diffrn               ? 
_exptl_crystal.density_Matthews             1.79 
_exptl_crystal.density_method               ? 
_exptl_crystal.density_percent_sol          30.83 
_exptl_crystal.description                  ? 
_exptl_crystal.F_000                        ? 
_exptl_crystal.id                           1 
_exptl_crystal.preparation                  ? 
_exptl_crystal.size_max                     ? 
_exptl_crystal.size_mid                     ? 
_exptl_crystal.size_min                     ? 
_exptl_crystal.size_rad                     ? 
_exptl_crystal.colour_lustre                ? 
_exptl_crystal.colour_modifier              ? 
_exptl_crystal.colour_primary               ? 
_exptl_crystal.density_meas                 ? 
_exptl_crystal.density_meas_esd             ? 
_exptl_crystal.density_meas_gt              ? 
_exptl_crystal.density_meas_lt              ? 
_exptl_crystal.density_meas_temp            ? 
_exptl_crystal.density_meas_temp_esd        ? 
_exptl_crystal.density_meas_temp_gt         ? 
_exptl_crystal.density_meas_temp_lt         ? 
_exptl_crystal.pdbx_crystal_image_url       ? 
_exptl_crystal.pdbx_crystal_image_format    ? 
_exptl_crystal.pdbx_mosaicity               ? 
_exptl_crystal.pdbx_mosaicity_esd           ? 
_exptl_crystal.pdbx_mosaic_method           ? 
_exptl_crystal.pdbx_mosaic_block_size       ? 
_exptl_crystal.pdbx_mosaic_block_size_esd   ? 
# 
_exptl_crystal_grow.apparatus       ? 
_exptl_crystal_grow.atmosphere      ? 
_exptl_crystal_grow.crystal_id      1 
_exptl_crystal_grow.details         ? 
_exptl_crystal_grow.method          'VAPOR DIFFUSION, HANGING DROP' 
_exptl_crystal_grow.method_ref      ? 
_exptl_crystal_grow.pH              7.5 
_exptl_crystal_grow.pressure        ? 
_exptl_crystal_grow.pressure_esd    ? 
_exptl_crystal_grow.seeding         ? 
_exptl_crystal_grow.seeding_ref     ? 
_exptl_crystal_grow.temp_details    ? 
_exptl_crystal_grow.temp_esd        ? 
_exptl_crystal_grow.time            ? 
_exptl_crystal_grow.pdbx_details    
;Morpheus screen solution:
0.1 M sodium HEPES/MOPS (acid) buffer system (pH 7.5), 37.5% (v/v) 2 methyl 2,4 pentanediol, 37.5% (v/v) PEG 1000, 37.5% (v/v) PEG 3350, 0.03 M NaF, 0.03 M NaBr, 0.03 M NaI

Volume ratio (protein:solution) = 1ul : 2ul

Plate: EasyXtal 15 well plate (NeXtal Biotechnologies, Holland)
;
_exptl_crystal_grow.pdbx_pH_range   ? 
_exptl_crystal_grow.temp            291 
# 
_diffrn.ambient_environment              ? 
_diffrn.ambient_temp                     100 
_diffrn.ambient_temp_details             ? 
_diffrn.ambient_temp_esd                 ? 
_diffrn.crystal_id                       1 
_diffrn.crystal_support                  ? 
_diffrn.crystal_treatment                ? 
_diffrn.details                          ? 
_diffrn.id                               1 
_diffrn.ambient_pressure                 ? 
_diffrn.ambient_pressure_esd             ? 
_diffrn.ambient_pressure_gt              ? 
_diffrn.ambient_pressure_lt              ? 
_diffrn.ambient_temp_gt                  ? 
_diffrn.ambient_temp_lt                  ? 
_diffrn.pdbx_serial_crystal_experiment   N 
# 
_diffrn_detector.details                      ? 
_diffrn_detector.detector                     PIXEL 
_diffrn_detector.diffrn_id                    1 
_diffrn_detector.type                         'DECTRIS PILATUS 6M' 
_diffrn_detector.area_resol_mean              ? 
_diffrn_detector.dtime                        ? 
_diffrn_detector.pdbx_frames_total            ? 
_diffrn_detector.pdbx_collection_time_total   ? 
_diffrn_detector.pdbx_collection_date         2022-09-16 
_diffrn_detector.pdbx_frequency               ? 
_diffrn_detector.id                           ? 
_diffrn_detector.number_of_axes               ? 
# 
_diffrn_radiation.collimation                      ? 
_diffrn_radiation.diffrn_id                        1 
_diffrn_radiation.filter_edge                      ? 
_diffrn_radiation.inhomogeneity                    ? 
_diffrn_radiation.monochromator                    ? 
_diffrn_radiation.polarisn_norm                    ? 
_diffrn_radiation.polarisn_ratio                   ? 
_diffrn_radiation.probe                            ? 
_diffrn_radiation.type                             ? 
_diffrn_radiation.xray_symbol                      ? 
_diffrn_radiation.wavelength_id                    1 
_diffrn_radiation.pdbx_monochromatic_or_laue_m_l   M 
_diffrn_radiation.pdbx_wavelength_list             ? 
_diffrn_radiation.pdbx_wavelength                  ? 
_diffrn_radiation.pdbx_diffrn_protocol             'SINGLE WAVELENGTH' 
_diffrn_radiation.pdbx_analyzer                    ? 
_diffrn_radiation.pdbx_scattering_type             x-ray 
# 
_diffrn_radiation_wavelength.id           1 
_diffrn_radiation_wavelength.wavelength   0.9797 
_diffrn_radiation_wavelength.wt           1.0 
# 
_diffrn_source.current                     ? 
_diffrn_source.details                     ? 
_diffrn_source.diffrn_id                   1 
_diffrn_source.power                       ? 
_diffrn_source.size                        ? 
_diffrn_source.source                      SYNCHROTRON 
_diffrn_source.target                      ? 
_diffrn_source.type                        'BESSY BEAMLINE 14.1' 
_diffrn_source.voltage                     ? 
_diffrn_source.take-off_angle              ? 
_diffrn_source.pdbx_wavelength_list        0.9797 
_diffrn_source.pdbx_wavelength             ? 
_diffrn_source.pdbx_synchrotron_beamline   14.1 
_diffrn_source.pdbx_synchrotron_site       BESSY 
# 
_reflns.B_iso_Wilson_estimate                          ? 
_reflns.entry_id                                       8PQM 
_reflns.data_reduction_details                         ? 
_reflns.data_reduction_method                          ? 
_reflns.d_resolution_high                              1.46 
_reflns.d_resolution_low                               50.0 
_reflns.details                                        ? 
_reflns.limit_h_max                                    ? 
_reflns.limit_h_min                                    ? 
_reflns.limit_k_max                                    ? 
_reflns.limit_k_min                                    ? 
_reflns.limit_l_max                                    ? 
_reflns.limit_l_min                                    ? 
_reflns.number_all                                     ? 
_reflns.number_obs                                     24387 
_reflns.observed_criterion                             ? 
_reflns.observed_criterion_F_max                       ? 
_reflns.observed_criterion_F_min                       ? 
_reflns.observed_criterion_I_max                       ? 
_reflns.observed_criterion_I_min                       ? 
_reflns.observed_criterion_sigma_F                     ? 
_reflns.observed_criterion_sigma_I                     ? 
_reflns.percent_possible_obs                           100.0 
_reflns.R_free_details                                 ? 
_reflns.Rmerge_F_all                                   ? 
_reflns.Rmerge_F_obs                                   ? 
_reflns.Friedel_coverage                               ? 
_reflns.number_gt                                      ? 
_reflns.threshold_expression                           ? 
_reflns.pdbx_redundancy                                6.76 
_reflns.pdbx_netI_over_av_sigmaI                       ? 
_reflns.pdbx_netI_over_sigmaI                          12.26 
_reflns.pdbx_res_netI_over_av_sigmaI_2                 ? 
_reflns.pdbx_res_netI_over_sigmaI_2                    ? 
_reflns.pdbx_chi_squared                               ? 
_reflns.pdbx_scaling_rejects                           ? 
_reflns.pdbx_d_res_high_opt                            ? 
_reflns.pdbx_d_res_low_opt                             ? 
_reflns.pdbx_d_res_opt_method                          ? 
_reflns.phase_calculation_details                      ? 
_reflns.pdbx_Rrim_I_all                                0.073 
_reflns.pdbx_Rpim_I_all                                ? 
_reflns.pdbx_d_opt                                     ? 
_reflns.pdbx_number_measured_all                       ? 
_reflns.pdbx_diffrn_id                                 1 
_reflns.pdbx_ordinal                                   1 
_reflns.pdbx_CC_half                                   0.9990000000000001 
_reflns.pdbx_CC_star                                   ? 
_reflns.pdbx_R_split                                   ? 
_reflns.pdbx_Rmerge_I_obs                              0.067 
_reflns.pdbx_Rmerge_I_all                              ? 
_reflns.pdbx_Rsym_value                                ? 
_reflns.pdbx_CC_split_method                           ? 
_reflns.pdbx_aniso_diffraction_limit_axis_1_ortho[1]   ? 
_reflns.pdbx_aniso_diffraction_limit_axis_1_ortho[2]   ? 
_reflns.pdbx_aniso_diffraction_limit_axis_1_ortho[3]   ? 
_reflns.pdbx_aniso_diffraction_limit_axis_2_ortho[1]   ? 
_reflns.pdbx_aniso_diffraction_limit_axis_2_ortho[2]   ? 
_reflns.pdbx_aniso_diffraction_limit_axis_2_ortho[3]   ? 
_reflns.pdbx_aniso_diffraction_limit_axis_3_ortho[1]   ? 
_reflns.pdbx_aniso_diffraction_limit_axis_3_ortho[2]   ? 
_reflns.pdbx_aniso_diffraction_limit_axis_3_ortho[3]   ? 
_reflns.pdbx_aniso_diffraction_limit_1                 ? 
_reflns.pdbx_aniso_diffraction_limit_2                 ? 
_reflns.pdbx_aniso_diffraction_limit_3                 ? 
_reflns.pdbx_aniso_B_tensor_eigenvector_1_ortho[1]     ? 
_reflns.pdbx_aniso_B_tensor_eigenvector_1_ortho[2]     ? 
_reflns.pdbx_aniso_B_tensor_eigenvector_1_ortho[3]     ? 
_reflns.pdbx_aniso_B_tensor_eigenvector_2_ortho[1]     ? 
_reflns.pdbx_aniso_B_tensor_eigenvector_2_ortho[2]     ? 
_reflns.pdbx_aniso_B_tensor_eigenvector_2_ortho[3]     ? 
_reflns.pdbx_aniso_B_tensor_eigenvector_3_ortho[1]     ? 
_reflns.pdbx_aniso_B_tensor_eigenvector_3_ortho[2]     ? 
_reflns.pdbx_aniso_B_tensor_eigenvector_3_ortho[3]     ? 
_reflns.pdbx_aniso_B_tensor_eigenvalue_1               ? 
_reflns.pdbx_aniso_B_tensor_eigenvalue_2               ? 
_reflns.pdbx_aniso_B_tensor_eigenvalue_3               ? 
_reflns.pdbx_orthogonalization_convention              ? 
_reflns.pdbx_percent_possible_ellipsoidal              ? 
_reflns.pdbx_percent_possible_spherical                ? 
_reflns.pdbx_percent_possible_ellipsoidal_anomalous    ? 
_reflns.pdbx_percent_possible_spherical_anomalous      ? 
_reflns.pdbx_redundancy_anomalous                      ? 
_reflns.pdbx_CC_half_anomalous                         ? 
_reflns.pdbx_absDiff_over_sigma_anomalous              ? 
_reflns.pdbx_percent_possible_anomalous                ? 
_reflns.pdbx_observed_signal_threshold                 ? 
_reflns.pdbx_signal_type                               ? 
_reflns.pdbx_signal_details                            ? 
_reflns.pdbx_signal_software_id                        ? 
# 
loop_
_reflns_shell.d_res_high 
_reflns_shell.d_res_low 
_reflns_shell.meanI_over_sigI_all 
_reflns_shell.meanI_over_sigI_obs 
_reflns_shell.number_measured_all 
_reflns_shell.number_measured_obs 
_reflns_shell.number_possible 
_reflns_shell.number_unique_all 
_reflns_shell.number_unique_obs 
_reflns_shell.percent_possible_obs 
_reflns_shell.Rmerge_F_all 
_reflns_shell.Rmerge_F_obs 
_reflns_shell.meanI_over_sigI_gt 
_reflns_shell.meanI_over_uI_all 
_reflns_shell.meanI_over_uI_gt 
_reflns_shell.number_measured_gt 
_reflns_shell.number_unique_gt 
_reflns_shell.percent_possible_gt 
_reflns_shell.Rmerge_F_gt 
_reflns_shell.Rmerge_I_gt 
_reflns_shell.pdbx_redundancy 
_reflns_shell.pdbx_chi_squared 
_reflns_shell.pdbx_netI_over_sigmaI_all 
_reflns_shell.pdbx_netI_over_sigmaI_obs 
_reflns_shell.pdbx_Rrim_I_all 
_reflns_shell.pdbx_Rpim_I_all 
_reflns_shell.pdbx_rejects 
_reflns_shell.pdbx_ordinal 
_reflns_shell.pdbx_diffrn_id 
_reflns_shell.pdbx_CC_half 
_reflns_shell.pdbx_CC_star 
_reflns_shell.pdbx_R_split 
_reflns_shell.percent_possible_all 
_reflns_shell.Rmerge_I_all 
_reflns_shell.Rmerge_I_obs 
_reflns_shell.pdbx_Rsym_value 
_reflns_shell.pdbx_percent_possible_ellipsoidal 
_reflns_shell.pdbx_percent_possible_spherical 
_reflns_shell.pdbx_percent_possible_ellipsoidal_anomalous 
_reflns_shell.pdbx_percent_possible_spherical_anomalous 
_reflns_shell.pdbx_redundancy_anomalous 
_reflns_shell.pdbx_CC_half_anomalous 
_reflns_shell.pdbx_absDiff_over_sigma_anomalous 
_reflns_shell.pdbx_percent_possible_anomalous 
1.46 1.55 ? ? ? ? ? ? 3958 ? ? ? ? ? ? ? ? ? ? ? ? ? ? ? 3.388                ? ? 1 1 0.319              ? ? ? ? 
3.1189999999999998   ? ? ? ? ? ? ? ? ? 
1.55 1.66 ? ? ? ? ? ? 3669 ? ? ? ? ? ? ? ? ? ? ? ? ? ? ? 1.834                ? ? 2 1 0.502              ? ? ? ? 1.696 ? ? ? ? ? ? 
? ? ? 
1.66 1.79 ? ? ? ? ? ? 3476 ? ? ? ? ? ? ? ? ? ? ? ? ? ? ? 0.938                ? ? 3 1 0.772              ? ? ? ? 0.868 ? ? ? ? ? ? 
? ? ? 
1.79 1.96 ? ? ? ? ? ? 3167 ? ? ? ? ? ? ? ? ? ? ? ? ? ? ? 0.405                ? ? 4 1 0.9490000000000001 ? ? ? ? 0.373 ? ? ? ? ? ? 
? ? ? 
1.96 2.19 ? ? ? ? ? ? 2856 ? ? ? ? ? ? ? ? ? ? ? ? ? ? ? 0.171                ? ? 5 1 0.99               ? ? ? ? 0.159 ? ? ? ? ? ? 
? ? ? 
2.19 2.52 ? ? ? ? ? ? 2552 ? ? ? ? ? ? ? ? ? ? ? ? ? ? ? 0.08800000000000001  ? ? 6 1 0.997              ? ? ? ? 0.081 ? ? ? ? ? ? 
? ? ? 
2.52 3.09 ? ? ? ? ? ? 2131 ? ? ? ? ? ? ? ? ? ? ? ? ? ? ? 0.059000000000000004 ? ? 7 1 0.998              ? ? ? ? 
0.054000000000000006 ? ? ? ? ? ? ? ? ? 
3.09 4.35 ? ? ? ? ? ? 1655 ? ? ? ? ? ? ? ? ? ? ? ? ? ? ? 0.04                 ? ? 8 1 0.9990000000000001 ? ? ? ? 
0.037000000000000005 ? ? ? ? ? ? ? ? ? 
# 
_refine.aniso_B[1][1]                            0.77 
_refine.aniso_B[1][2]                            0.00 
_refine.aniso_B[1][3]                            -0.00 
_refine.aniso_B[2][2]                            -0.95 
_refine.aniso_B[2][3]                            0.00 
_refine.aniso_B[3][3]                            0.18 
_refine.B_iso_max                                ? 
_refine.B_iso_mean                               40.221 
_refine.B_iso_min                                ? 
_refine.correlation_coeff_Fo_to_Fc               0.968 
_refine.correlation_coeff_Fo_to_Fc_free          0.955 
_refine.details                                  'HYDROGENS HAVE BEEN ADDED IN THE RIDING POSITIONS' 
_refine.diff_density_max                         ? 
_refine.diff_density_max_esd                     ? 
_refine.diff_density_min                         ? 
_refine.diff_density_min_esd                     ? 
_refine.diff_density_rms                         ? 
_refine.diff_density_rms_esd                     ? 
_refine.entry_id                                 8PQM 
_refine.pdbx_refine_id                           'X-RAY DIFFRACTION' 
_refine.ls_abs_structure_details                 ? 
_refine.ls_abs_structure_Flack                   ? 
_refine.ls_abs_structure_Flack_esd               ? 
_refine.ls_abs_structure_Rogers                  ? 
_refine.ls_abs_structure_Rogers_esd              ? 
_refine.ls_d_res_high                            1.46 
_refine.ls_d_res_low                             33.38 
_refine.ls_extinction_coef                       ? 
_refine.ls_extinction_coef_esd                   ? 
_refine.ls_extinction_expression                 ? 
_refine.ls_extinction_method                     ? 
_refine.ls_goodness_of_fit_all                   ? 
_refine.ls_goodness_of_fit_all_esd               ? 
_refine.ls_goodness_of_fit_obs                   ? 
_refine.ls_goodness_of_fit_obs_esd               ? 
_refine.ls_hydrogen_treatment                    ? 
_refine.ls_matrix_type                           ? 
_refine.ls_number_constraints                    ? 
_refine.ls_number_parameters                     ? 
_refine.ls_number_reflns_all                     ? 
_refine.ls_number_reflns_obs                     12527 
_refine.ls_number_reflns_R_free                  660 
_refine.ls_number_reflns_R_work                  ? 
_refine.ls_number_restraints                     ? 
_refine.ls_percent_reflns_obs                    99.98 
_refine.ls_percent_reflns_R_free                 5.0 
_refine.ls_R_factor_all                          ? 
_refine.ls_R_factor_obs                          0.20402 
_refine.ls_R_factor_R_free                       0.23735 
_refine.ls_R_factor_R_free_error                 ? 
_refine.ls_R_factor_R_free_error_details         ? 
_refine.ls_R_factor_R_work                       0.20221 
_refine.ls_R_Fsqd_factor_obs                     ? 
_refine.ls_R_I_factor_obs                        ? 
_refine.ls_redundancy_reflns_all                 ? 
_refine.ls_redundancy_reflns_obs                 ? 
_refine.ls_restrained_S_all                      ? 
_refine.ls_restrained_S_obs                      ? 
_refine.ls_shift_over_esd_max                    ? 
_refine.ls_shift_over_esd_mean                   ? 
_refine.ls_structure_factor_coef                 ? 
_refine.ls_weighting_details                     ? 
_refine.ls_weighting_scheme                      ? 
_refine.ls_wR_factor_all                         ? 
_refine.ls_wR_factor_obs                         ? 
_refine.ls_wR_factor_R_free                      ? 
_refine.ls_wR_factor_R_work                      ? 
_refine.occupancy_max                            ? 
_refine.occupancy_min                            ? 
_refine.solvent_model_details                    'BABINET MODEL WITH MASK' 
_refine.solvent_model_param_bsol                 ? 
_refine.solvent_model_param_ksol                 ? 
_refine.pdbx_R_complete                          ? 
_refine.ls_R_factor_gt                           ? 
_refine.ls_goodness_of_fit_gt                    ? 
_refine.ls_goodness_of_fit_ref                   ? 
_refine.ls_shift_over_su_max                     ? 
_refine.ls_shift_over_su_max_lt                  ? 
_refine.ls_shift_over_su_mean                    ? 
_refine.ls_shift_over_su_mean_lt                 ? 
_refine.pdbx_ls_sigma_I                          ? 
_refine.pdbx_ls_sigma_F                          ? 
_refine.pdbx_ls_sigma_Fsqd                       ? 
_refine.pdbx_data_cutoff_high_absF               ? 
_refine.pdbx_data_cutoff_high_rms_absF           ? 
_refine.pdbx_data_cutoff_low_absF                ? 
_refine.pdbx_isotropic_thermal_model             ? 
_refine.pdbx_ls_cross_valid_method               THROUGHOUT 
_refine.pdbx_method_to_determine_struct          'MOLECULAR REPLACEMENT' 
_refine.pdbx_starting_model                      ? 
_refine.pdbx_stereochemistry_target_values       'MAXIMUM LIKELIHOOD' 
_refine.pdbx_R_Free_selection_details            RANDOM 
_refine.pdbx_stereochem_target_val_spec_case     ? 
_refine.pdbx_overall_ESU_R                       0.082 
_refine.pdbx_overall_ESU_R_Free                  0.085 
_refine.pdbx_solvent_vdw_probe_radii             1.20 
_refine.pdbx_solvent_ion_probe_radii             0.80 
_refine.pdbx_solvent_shrinkage_radii             0.80 
_refine.pdbx_real_space_R                        ? 
_refine.pdbx_density_correlation                 ? 
_refine.pdbx_pd_number_of_powder_patterns        ? 
_refine.pdbx_pd_number_of_points                 ? 
_refine.pdbx_pd_meas_number_of_points            ? 
_refine.pdbx_pd_proc_ls_prof_R_factor            ? 
_refine.pdbx_pd_proc_ls_prof_wR_factor           ? 
_refine.pdbx_pd_Marquardt_correlation_coeff      ? 
_refine.pdbx_pd_Fsqrd_R_factor                   ? 
_refine.pdbx_pd_ls_matrix_band_width             ? 
_refine.pdbx_overall_phase_error                 ? 
_refine.pdbx_overall_SU_R_free_Cruickshank_DPI   ? 
_refine.pdbx_overall_SU_R_free_Blow_DPI          ? 
_refine.pdbx_overall_SU_R_Blow_DPI               ? 
_refine.pdbx_TLS_residual_ADP_flag               ? 
_refine.pdbx_diffrn_id                           1 
_refine.overall_SU_B                             2.253 
_refine.overall_SU_ML                            0.083 
_refine.overall_SU_R_Cruickshank_DPI             ? 
_refine.overall_SU_R_free                        ? 
_refine.overall_FOM_free_R_set                   ? 
_refine.overall_FOM_work_R_set                   ? 
_refine.pdbx_average_fsc_overall                 ? 
_refine.pdbx_average_fsc_work                    ? 
_refine.pdbx_average_fsc_free                    ? 
# 
_refine_hist.pdbx_refine_id                   'X-RAY DIFFRACTION' 
_refine_hist.cycle_id                         1 
_refine_hist.details                          ? 
_refine_hist.d_res_high                       1.46 
_refine_hist.d_res_low                        33.38 
_refine_hist.number_atoms_solvent             72 
_refine_hist.number_atoms_total               667 
_refine_hist.number_reflns_all                ? 
_refine_hist.number_reflns_obs                ? 
_refine_hist.number_reflns_R_free             ? 
_refine_hist.number_reflns_R_work             ? 
_refine_hist.R_factor_all                     ? 
_refine_hist.R_factor_obs                     ? 
_refine_hist.R_factor_R_free                  ? 
_refine_hist.R_factor_R_work                  ? 
_refine_hist.pdbx_number_residues_total       ? 
_refine_hist.pdbx_B_iso_mean_ligand           ? 
_refine_hist.pdbx_B_iso_mean_solvent          ? 
_refine_hist.pdbx_number_atoms_protein        593 
_refine_hist.pdbx_number_atoms_nucleic_acid   0 
_refine_hist.pdbx_number_atoms_ligand         2 
_refine_hist.pdbx_number_atoms_lipid          ? 
_refine_hist.pdbx_number_atoms_carb           ? 
_refine_hist.pdbx_pseudo_atom_details         ? 
# 
loop_
_refine_ls_restr.pdbx_refine_id 
_refine_ls_restr.criterion 
_refine_ls_restr.dev_ideal 
_refine_ls_restr.dev_ideal_target 
_refine_ls_restr.number 
_refine_ls_restr.rejects 
_refine_ls_restr.type 
_refine_ls_restr.weight 
_refine_ls_restr.pdbx_restraint_function 
'X-RAY DIFFRACTION' ? 0.009  0.012  649  ? r_bond_refined_d             ? ? 
'X-RAY DIFFRACTION' ? 0.001  0.016  650  ? r_bond_other_d               ? ? 
'X-RAY DIFFRACTION' ? 1.572  1.654  872  ? r_angle_refined_deg          ? ? 
'X-RAY DIFFRACTION' ? 0.556  1.583  1516 ? r_angle_other_deg            ? ? 
'X-RAY DIFFRACTION' ? 6.272  5.000  86   ? r_dihedral_angle_1_deg       ? ? 
'X-RAY DIFFRACTION' ? 13.993 5.000  3    ? r_dihedral_angle_2_deg       ? ? 
'X-RAY DIFFRACTION' ? 14.925 10.000 131  ? r_dihedral_angle_3_deg       ? ? 
'X-RAY DIFFRACTION' ? ?      ?      ?    ? r_dihedral_angle_4_deg       ? ? 
'X-RAY DIFFRACTION' ? 0.084  0.200  96   ? r_chiral_restr               ? ? 
'X-RAY DIFFRACTION' ? 0.008  0.020  754  ? r_gen_planes_refined         ? ? 
'X-RAY DIFFRACTION' ? 0.002  0.020  130  ? r_gen_planes_other           ? ? 
'X-RAY DIFFRACTION' ? ?      ?      ?    ? r_nbd_refined                ? ? 
'X-RAY DIFFRACTION' ? ?      ?      ?    ? r_nbd_other                  ? ? 
'X-RAY DIFFRACTION' ? ?      ?      ?    ? r_nbtor_refined              ? ? 
'X-RAY DIFFRACTION' ? ?      ?      ?    ? r_nbtor_other                ? ? 
'X-RAY DIFFRACTION' ? ?      ?      ?    ? r_xyhbond_nbd_refined        ? ? 
'X-RAY DIFFRACTION' ? ?      ?      ?    ? r_xyhbond_nbd_other          ? ? 
'X-RAY DIFFRACTION' ? ?      ?      ?    ? r_metal_ion_refined          ? ? 
'X-RAY DIFFRACTION' ? ?      ?      ?    ? r_metal_ion_other            ? ? 
'X-RAY DIFFRACTION' ? ?      ?      ?    ? r_symmetry_vdw_refined       ? ? 
'X-RAY DIFFRACTION' ? ?      ?      ?    ? r_symmetry_vdw_other         ? ? 
'X-RAY DIFFRACTION' ? ?      ?      ?    ? r_symmetry_hbond_refined     ? ? 
'X-RAY DIFFRACTION' ? ?      ?      ?    ? r_symmetry_hbond_other       ? ? 
'X-RAY DIFFRACTION' ? ?      ?      ?    ? r_symmetry_metal_ion_refined ? ? 
'X-RAY DIFFRACTION' ? ?      ?      ?    ? r_symmetry_metal_ion_other   ? ? 
'X-RAY DIFFRACTION' ? 4.382  3.963  326  ? r_mcbond_it                  ? ? 
'X-RAY DIFFRACTION' ? 4.370  3.968  325  ? r_mcbond_other               ? ? 
'X-RAY DIFFRACTION' ? 7.112  7.061  412  ? r_mcangle_it                 ? ? 
'X-RAY DIFFRACTION' ? 7.111  7.058  413  ? r_mcangle_other              ? ? 
'X-RAY DIFFRACTION' ? 5.147  4.742  323  ? r_scbond_it                  ? ? 
'X-RAY DIFFRACTION' ? 5.150  4.728  320  ? r_scbond_other               ? ? 
'X-RAY DIFFRACTION' ? ?      ?      ?    ? r_scangle_it                 ? ? 
'X-RAY DIFFRACTION' ? 7.679  8.413  459  ? r_scangle_other              ? ? 
'X-RAY DIFFRACTION' ? 13.299 54.28  793  ? r_long_range_B_refined       ? ? 
'X-RAY DIFFRACTION' ? 13.038 53.07  767  ? r_long_range_B_other         ? ? 
'X-RAY DIFFRACTION' ? ?      ?      ?    ? r_rigid_bond_restr           ? ? 
'X-RAY DIFFRACTION' ? ?      ?      ?    ? r_sphericity_free            ? ? 
'X-RAY DIFFRACTION' ? ?      ?      ?    ? r_sphericity_bonded          ? ? 
# 
_refine_ls_shell.pdbx_refine_id                   'X-RAY DIFFRACTION' 
_refine_ls_shell.d_res_high                       1.460 
_refine_ls_shell.d_res_low                        1.498 
_refine_ls_shell.number_reflns_all                ? 
_refine_ls_shell.number_reflns_obs                ? 
_refine_ls_shell.number_reflns_R_free             47 
_refine_ls_shell.number_reflns_R_work             896 
_refine_ls_shell.percent_reflns_obs               100.00 
_refine_ls_shell.percent_reflns_R_free            ? 
_refine_ls_shell.R_factor_all                     ? 
_refine_ls_shell.R_factor_obs                     ? 
_refine_ls_shell.R_factor_R_free_error            ? 
_refine_ls_shell.R_factor_R_work                  0.402 
_refine_ls_shell.redundancy_reflns_all            ? 
_refine_ls_shell.redundancy_reflns_obs            ? 
_refine_ls_shell.wR_factor_all                    ? 
_refine_ls_shell.wR_factor_obs                    ? 
_refine_ls_shell.wR_factor_R_free                 ? 
_refine_ls_shell.wR_factor_R_work                 ? 
_refine_ls_shell.pdbx_R_complete                  ? 
_refine_ls_shell.pdbx_total_number_of_bins_used   20 
_refine_ls_shell.pdbx_phase_error                 ? 
_refine_ls_shell.pdbx_fsc_work                    ? 
_refine_ls_shell.pdbx_fsc_free                    ? 
_refine_ls_shell.R_factor_R_free                  0.321 
# 
_struct.entry_id                     8PQM 
_struct.title                        'The DNA-binding domain of L-lactate utilization repressor (LutR-DBD) from Bacillus subtilis' 
_struct.pdbx_model_details           ? 
_struct.pdbx_formula_weight          ? 
_struct.pdbx_formula_weight_method   ? 
_struct.pdbx_model_type_details      ? 
_struct.pdbx_CASP_flag               N 
# 
_struct_keywords.entry_id        8PQM 
_struct_keywords.text            'transcription, metabolic repressor, Bacillus subtilis, DNA BINDING PROTEIN' 
_struct_keywords.pdbx_keywords   'DNA BINDING PROTEIN' 
# 
loop_
_struct_asym.id 
_struct_asym.pdbx_blank_PDB_chainid_flag 
_struct_asym.pdbx_modified 
_struct_asym.entity_id 
_struct_asym.details 
A N N 1 ? 
B N N 2 ? 
C N N 2 ? 
D N N 3 ? 
# 
_struct_ref.id                         1 
_struct_ref.db_name                    UNP 
_struct_ref.db_code                    A0A809FTE4_BACIU 
_struct_ref.pdbx_db_accession          A0A809FTE4 
_struct_ref.pdbx_db_isoform            ? 
_struct_ref.entity_id                  1 
_struct_ref.pdbx_seq_one_letter_code   KYKQIKTKKIYEEVADALLDMIKNGELKPGDKLDSVQALAESFQVSRSAVREALSALKAMGLVEMKQGEGTYLKEFE 
_struct_ref.pdbx_align_begin           2 
# 
_struct_ref_seq.align_id                      1 
_struct_ref_seq.ref_id                        1 
_struct_ref_seq.pdbx_PDB_id_code              8PQM 
_struct_ref_seq.pdbx_strand_id                A 
_struct_ref_seq.seq_align_beg                 6 
_struct_ref_seq.pdbx_seq_align_beg_ins_code   ? 
_struct_ref_seq.seq_align_end                 82 
_struct_ref_seq.pdbx_seq_align_end_ins_code   ? 
_struct_ref_seq.pdbx_db_accession             A0A809FTE4 
_struct_ref_seq.db_align_beg                  2 
_struct_ref_seq.pdbx_db_align_beg_ins_code    ? 
_struct_ref_seq.db_align_end                  78 
_struct_ref_seq.pdbx_db_align_end_ins_code    ? 
_struct_ref_seq.pdbx_auth_seq_align_beg       2 
_struct_ref_seq.pdbx_auth_seq_align_end       78 
# 
loop_
_struct_ref_seq_dif.align_id 
_struct_ref_seq_dif.pdbx_pdb_id_code 
_struct_ref_seq_dif.mon_id 
_struct_ref_seq_dif.pdbx_pdb_strand_id 
_struct_ref_seq_dif.seq_num 
_struct_ref_seq_dif.pdbx_pdb_ins_code 
_struct_ref_seq_dif.pdbx_seq_db_name 
_struct_ref_seq_dif.pdbx_seq_db_accession_code 
_struct_ref_seq_dif.db_mon_id 
_struct_ref_seq_dif.pdbx_seq_db_seq_num 
_struct_ref_seq_dif.details 
_struct_ref_seq_dif.pdbx_auth_seq_num 
_struct_ref_seq_dif.pdbx_ordinal 
1 8PQM SER A 1 ? UNP A0A809FTE4 ? ? 'expression tag' -3 1 
1 8PQM ASN A 2 ? UNP A0A809FTE4 ? ? 'expression tag' -2 2 
1 8PQM ALA A 3 ? UNP A0A809FTE4 ? ? 'expression tag' -1 3 
1 8PQM ALA A 4 ? UNP A0A809FTE4 ? ? 'expression tag' 0  4 
1 8PQM SER A 5 ? UNP A0A809FTE4 ? ? 'expression tag' 1  5 
# 
_pdbx_struct_assembly.id                   1 
_pdbx_struct_assembly.details              author_and_software_defined_assembly 
_pdbx_struct_assembly.method_details       ? 
_pdbx_struct_assembly.oligomeric_details   monomeric 
_pdbx_struct_assembly.oligomeric_count     1 
# 
_pdbx_struct_assembly_gen.assembly_id       1 
_pdbx_struct_assembly_gen.oper_expression   1 
_pdbx_struct_assembly_gen.asym_id_list      A,B,C,D 
# 
_pdbx_struct_assembly_auth_evidence.id                     1 
_pdbx_struct_assembly_auth_evidence.assembly_id            1 
_pdbx_struct_assembly_auth_evidence.experimental_support   none 
_pdbx_struct_assembly_auth_evidence.details                
;Size-exclusion chromatography showed that LutR-DBD forms dimers in solution Running buffer was 50 mM Tris-HCl, pH 7.5, and 100 mM NaCl.
;
# 
_pdbx_struct_oper_list.id                   1 
_pdbx_struct_oper_list.type                 'identity operation' 
_pdbx_struct_oper_list.name                 1_555 
_pdbx_struct_oper_list.symmetry_operation   x,y,z 
_pdbx_struct_oper_list.matrix[1][1]         1.0 
_pdbx_struct_oper_list.matrix[1][2]         0.0 
_pdbx_struct_oper_list.matrix[1][3]         0.0 
_pdbx_struct_oper_list.vector[1]            0.0 
_pdbx_struct_oper_list.matrix[2][1]         0.0 
_pdbx_struct_oper_list.matrix[2][2]         1.0 
_pdbx_struct_oper_list.matrix[2][3]         0.0 
_pdbx_struct_oper_list.vector[2]            0.0 
_pdbx_struct_oper_list.matrix[3][1]         0.0 
_pdbx_struct_oper_list.matrix[3][2]         0.0 
_pdbx_struct_oper_list.matrix[3][3]         1.0 
_pdbx_struct_oper_list.vector[3]            0.0 
# 
loop_
_struct_conf.conf_type_id 
_struct_conf.id 
_struct_conf.pdbx_PDB_helix_id 
_struct_conf.beg_label_comp_id 
_struct_conf.beg_label_asym_id 
_struct_conf.beg_label_seq_id 
_struct_conf.pdbx_beg_PDB_ins_code 
_struct_conf.end_label_comp_id 
_struct_conf.end_label_asym_id 
_struct_conf.end_label_seq_id 
_struct_conf.pdbx_end_PDB_ins_code 
_struct_conf.beg_auth_comp_id 
_struct_conf.beg_auth_asym_id 
_struct_conf.beg_auth_seq_id 
_struct_conf.end_auth_comp_id 
_struct_conf.end_auth_asym_id 
_struct_conf.end_auth_seq_id 
_struct_conf.pdbx_PDB_helix_class 
_struct_conf.details 
_struct_conf.pdbx_PDB_helix_length 
HELX_P HELX_P1 AA1 LYS A 14 ? ASN A 29 ? LYS A 10 ASN A 25 1 ? 16 
HELX_P HELX_P2 AA2 SER A 40 ? GLN A 49 ? SER A 36 GLN A 45 1 ? 10 
HELX_P HELX_P3 AA3 SER A 51 ? MSE A 65 ? SER A 47 MSE A 61 1 ? 15 
# 
_struct_conf_type.id          HELX_P 
_struct_conf_type.criteria    ? 
_struct_conf_type.reference   ? 
# 
loop_
_struct_conn.id 
_struct_conn.conn_type_id 
_struct_conn.pdbx_leaving_atom_flag 
_struct_conn.pdbx_PDB_id 
_struct_conn.ptnr1_label_asym_id 
_struct_conn.ptnr1_label_comp_id 
_struct_conn.ptnr1_label_seq_id 
_struct_conn.ptnr1_label_atom_id 
_struct_conn.pdbx_ptnr1_label_alt_id 
_struct_conn.pdbx_ptnr1_PDB_ins_code 
_struct_conn.pdbx_ptnr1_standard_comp_id 
_struct_conn.ptnr1_symmetry 
_struct_conn.ptnr2_label_asym_id 
_struct_conn.ptnr2_label_comp_id 
_struct_conn.ptnr2_label_seq_id 
_struct_conn.ptnr2_label_atom_id 
_struct_conn.pdbx_ptnr2_label_alt_id 
_struct_conn.pdbx_ptnr2_PDB_ins_code 
_struct_conn.ptnr1_auth_asym_id 
_struct_conn.ptnr1_auth_comp_id 
_struct_conn.ptnr1_auth_seq_id 
_struct_conn.ptnr2_auth_asym_id 
_struct_conn.ptnr2_auth_comp_id 
_struct_conn.ptnr2_auth_seq_id 
_struct_conn.ptnr2_symmetry 
_struct_conn.pdbx_ptnr3_label_atom_id 
_struct_conn.pdbx_ptnr3_label_seq_id 
_struct_conn.pdbx_ptnr3_label_comp_id 
_struct_conn.pdbx_ptnr3_label_asym_id 
_struct_conn.pdbx_ptnr3_label_alt_id 
_struct_conn.pdbx_ptnr3_PDB_ins_code 
_struct_conn.details 
_struct_conn.pdbx_dist_value 
_struct_conn.pdbx_value_order 
_struct_conn.pdbx_role 
covale1 covale both ? A ASP 25 C   A ? ? 1_555 A MSE 26 N  ? ? A ASP 21  A MSE 22  1_555 ? ? ? ? ? ? ? 1.343 ? ? 
covale2 covale both ? A ASP 25 C   B ? ? 1_555 A MSE 26 N  ? ? A ASP 21  A MSE 22  1_555 ? ? ? ? ? ? ? 1.335 ? ? 
covale3 covale both ? A MSE 26 C   ? ? ? 1_555 A ILE 27 N  ? ? A MSE 22  A ILE 23  1_555 ? ? ? ? ? ? ? 1.315 ? ? 
covale4 covale both ? A ALA 64 C   ? ? ? 1_555 A MSE 65 N  ? ? A ALA 60  A MSE 61  1_555 ? ? ? ? ? ? ? 1.332 ? ? 
covale5 covale both ? A MSE 65 C   ? ? ? 1_555 A GLY 66 N  ? ? A MSE 61  A GLY 62  1_555 ? ? ? ? ? ? ? 1.337 ? ? 
covale6 covale both ? A GLU 69 C   ? ? ? 1_555 A MSE 70 N  ? ? A GLU 65  A MSE 66  1_555 ? ? ? ? ? ? ? 1.342 ? ? 
covale7 covale both ? A MSE 70 C   ? ? ? 1_555 A LYS 71 N  ? ? A MSE 66  A LYS 67  1_555 ? ? ? ? ? ? ? 1.344 ? ? 
metalc1 metalc ?    ? A GLU 46 OE2 ? ? ? 1_555 C NA  .  NA ? ? A GLU 42  A NA  102 1_655 ? ? ? ? ? ? ? 2.912 ? ? 
metalc2 metalc ?    ? B NA  .  NA  ? ? ? 1_555 D HOH .  O  B ? A NA  101 A HOH 224 4_455 ? ? ? ? ? ? ? 2.673 ? ? 
metalc3 metalc ?    ? B NA  .  NA  ? ? ? 1_555 D HOH .  O  C ? A NA  101 A HOH 224 4_455 ? ? ? ? ? ? ? 1.908 ? ? 
metalc4 metalc ?    ? B NA  .  NA  ? ? ? 1_555 D HOH .  O  B ? A NA  101 A HOH 243 1_555 ? ? ? ? ? ? ? 1.972 ? ? 
metalc5 metalc ?    ? B NA  .  NA  ? ? ? 1_555 D HOH .  O  A ? A NA  101 A HOH 243 1_555 ? ? ? ? ? ? ? 2.140 ? ? 
metalc6 metalc ?    ? C NA  .  NA  ? ? ? 1_555 D HOH .  O  A ? A NA  102 A HOH 226 1_555 ? ? ? ? ? ? ? 2.088 ? ? 
# 
loop_
_struct_conn_type.id 
_struct_conn_type.criteria 
_struct_conn_type.reference 
covale ? ? 
metalc ? ? 
# 
loop_
_pdbx_struct_conn_angle.id 
_pdbx_struct_conn_angle.ptnr1_label_atom_id 
_pdbx_struct_conn_angle.ptnr1_label_alt_id 
_pdbx_struct_conn_angle.ptnr1_label_asym_id 
_pdbx_struct_conn_angle.ptnr1_label_comp_id 
_pdbx_struct_conn_angle.ptnr1_label_seq_id 
_pdbx_struct_conn_angle.ptnr1_auth_atom_id 
_pdbx_struct_conn_angle.ptnr1_auth_asym_id 
_pdbx_struct_conn_angle.ptnr1_auth_comp_id 
_pdbx_struct_conn_angle.ptnr1_auth_seq_id 
_pdbx_struct_conn_angle.ptnr1_PDB_ins_code 
_pdbx_struct_conn_angle.ptnr1_symmetry 
_pdbx_struct_conn_angle.ptnr2_label_atom_id 
_pdbx_struct_conn_angle.ptnr2_label_alt_id 
_pdbx_struct_conn_angle.ptnr2_label_asym_id 
_pdbx_struct_conn_angle.ptnr2_label_comp_id 
_pdbx_struct_conn_angle.ptnr2_label_seq_id 
_pdbx_struct_conn_angle.ptnr2_auth_atom_id 
_pdbx_struct_conn_angle.ptnr2_auth_asym_id 
_pdbx_struct_conn_angle.ptnr2_auth_comp_id 
_pdbx_struct_conn_angle.ptnr2_auth_seq_id 
_pdbx_struct_conn_angle.ptnr2_PDB_ins_code 
_pdbx_struct_conn_angle.ptnr2_symmetry 
_pdbx_struct_conn_angle.ptnr3_label_atom_id 
_pdbx_struct_conn_angle.ptnr3_label_alt_id 
_pdbx_struct_conn_angle.ptnr3_label_asym_id 
_pdbx_struct_conn_angle.ptnr3_label_comp_id 
_pdbx_struct_conn_angle.ptnr3_label_seq_id 
_pdbx_struct_conn_angle.ptnr3_auth_atom_id 
_pdbx_struct_conn_angle.ptnr3_auth_asym_id 
_pdbx_struct_conn_angle.ptnr3_auth_comp_id 
_pdbx_struct_conn_angle.ptnr3_auth_seq_id 
_pdbx_struct_conn_angle.ptnr3_PDB_ins_code 
_pdbx_struct_conn_angle.ptnr3_symmetry 
_pdbx_struct_conn_angle.value 
_pdbx_struct_conn_angle.value_esd 
1 OE2 ? A GLU 46 ? A GLU 42  ? 1_555 NA ? C NA . ? A NA 102 ? 1_655 O A D HOH . ? A HOH 226 ? 1_555 73.2  ? 
2 O   B D HOH .  ? A HOH 224 ? 4_455 NA ? B NA . ? A NA 101 ? 1_555 O C D HOH . ? A HOH 224 ? 4_455 51.7  ? 
3 O   B D HOH .  ? A HOH 224 ? 4_455 NA ? B NA . ? A NA 101 ? 1_555 O B D HOH . ? A HOH 243 ? 1_555 163.5 ? 
4 O   C D HOH .  ? A HOH 224 ? 4_455 NA ? B NA . ? A NA 101 ? 1_555 O B D HOH . ? A HOH 243 ? 1_555 144.8 ? 
5 O   B D HOH .  ? A HOH 224 ? 4_455 NA ? B NA . ? A NA 101 ? 1_555 O A D HOH . ? A HOH 243 ? 1_555 75.0  ? 
6 O   C D HOH .  ? A HOH 224 ? 4_455 NA ? B NA . ? A NA 101 ? 1_555 O A D HOH . ? A HOH 243 ? 1_555 119.6 ? 
7 O   B D HOH .  ? A HOH 243 ? 1_555 NA ? B NA . ? A NA 101 ? 1_555 O A D HOH . ? A HOH 243 ? 1_555 90.3  ? 
# 
loop_
_pdbx_modification_feature.ordinal 
_pdbx_modification_feature.label_comp_id 
_pdbx_modification_feature.label_asym_id 
_pdbx_modification_feature.label_seq_id 
_pdbx_modification_feature.label_alt_id 
_pdbx_modification_feature.modified_residue_label_comp_id 
_pdbx_modification_feature.modified_residue_label_asym_id 
_pdbx_modification_feature.modified_residue_label_seq_id 
_pdbx_modification_feature.modified_residue_label_alt_id 
_pdbx_modification_feature.auth_comp_id 
_pdbx_modification_feature.auth_asym_id 
_pdbx_modification_feature.auth_seq_id 
_pdbx_modification_feature.PDB_ins_code 
_pdbx_modification_feature.symmetry 
_pdbx_modification_feature.modified_residue_auth_comp_id 
_pdbx_modification_feature.modified_residue_auth_asym_id 
_pdbx_modification_feature.modified_residue_auth_seq_id 
_pdbx_modification_feature.modified_residue_PDB_ins_code 
_pdbx_modification_feature.modified_residue_symmetry 
_pdbx_modification_feature.comp_id_linking_atom 
_pdbx_modification_feature.modified_residue_id_linking_atom 
_pdbx_modification_feature.modified_residue_id 
_pdbx_modification_feature.ref_pcm_id 
_pdbx_modification_feature.ref_comp_id 
_pdbx_modification_feature.type 
_pdbx_modification_feature.category 
1 MSE A 26 ? . . . . MSE A 22 ? 1_555 . . . . . . . MET 1 MSE Selenomethionine 'Named protein modification' 
2 MSE A 65 ? . . . . MSE A 61 ? 1_555 . . . . . . . MET 1 MSE Selenomethionine 'Named protein modification' 
3 MSE A 70 ? . . . . MSE A 66 ? 1_555 . . . . . . . MET 1 MSE Selenomethionine 'Named protein modification' 
# 
_struct_sheet.id               AA1 
_struct_sheet.type             ? 
_struct_sheet.number_strands   2 
_struct_sheet.details          ? 
# 
_struct_sheet_order.sheet_id     AA1 
_struct_sheet_order.range_id_1   1 
_struct_sheet_order.range_id_2   2 
_struct_sheet_order.offset       ? 
_struct_sheet_order.sense        anti-parallel 
# 
loop_
_struct_sheet_range.sheet_id 
_struct_sheet_range.id 
_struct_sheet_range.beg_label_comp_id 
_struct_sheet_range.beg_label_asym_id 
_struct_sheet_range.beg_label_seq_id 
_struct_sheet_range.pdbx_beg_PDB_ins_code 
_struct_sheet_range.end_label_comp_id 
_struct_sheet_range.end_label_asym_id 
_struct_sheet_range.end_label_seq_id 
_struct_sheet_range.pdbx_end_PDB_ins_code 
_struct_sheet_range.beg_auth_comp_id 
_struct_sheet_range.beg_auth_asym_id 
_struct_sheet_range.beg_auth_seq_id 
_struct_sheet_range.end_auth_comp_id 
_struct_sheet_range.end_auth_asym_id 
_struct_sheet_range.end_auth_seq_id 
AA1 1 VAL A 68 ? GLU A 69 ? VAL A 64 GLU A 65 
AA1 2 TYR A 77 ? LEU A 78 ? TYR A 73 LEU A 74 
# 
_pdbx_struct_sheet_hbond.sheet_id                AA1 
_pdbx_struct_sheet_hbond.range_id_1              1 
_pdbx_struct_sheet_hbond.range_id_2              2 
_pdbx_struct_sheet_hbond.range_1_label_atom_id   N 
_pdbx_struct_sheet_hbond.range_1_label_comp_id   GLU 
_pdbx_struct_sheet_hbond.range_1_label_asym_id   A 
_pdbx_struct_sheet_hbond.range_1_label_seq_id    69 
_pdbx_struct_sheet_hbond.range_1_PDB_ins_code    ? 
_pdbx_struct_sheet_hbond.range_1_auth_atom_id    N 
_pdbx_struct_sheet_hbond.range_1_auth_comp_id    GLU 
_pdbx_struct_sheet_hbond.range_1_auth_asym_id    A 
_pdbx_struct_sheet_hbond.range_1_auth_seq_id     65 
_pdbx_struct_sheet_hbond.range_2_label_atom_id   O 
_pdbx_struct_sheet_hbond.range_2_label_comp_id   TYR 
_pdbx_struct_sheet_hbond.range_2_label_asym_id   A 
_pdbx_struct_sheet_hbond.range_2_label_seq_id    77 
_pdbx_struct_sheet_hbond.range_2_PDB_ins_code    ? 
_pdbx_struct_sheet_hbond.range_2_auth_atom_id    O 
_pdbx_struct_sheet_hbond.range_2_auth_comp_id    TYR 
_pdbx_struct_sheet_hbond.range_2_auth_asym_id    A 
_pdbx_struct_sheet_hbond.range_2_auth_seq_id     73 
# 
_pdbx_entry_details.entry_id                   8PQM 
_pdbx_entry_details.has_ligand_of_interest     N 
_pdbx_entry_details.compound_details           ? 
_pdbx_entry_details.source_details             ? 
_pdbx_entry_details.nonpolymer_details         ? 
_pdbx_entry_details.sequence_details           ? 
_pdbx_entry_details.has_protein_modification   Y 
# 
_pdbx_validate_close_contact.id               1 
_pdbx_validate_close_contact.PDB_model_num    1 
_pdbx_validate_close_contact.auth_atom_id_1   NZ 
_pdbx_validate_close_contact.auth_asym_id_1   A 
_pdbx_validate_close_contact.auth_comp_id_1   LYS 
_pdbx_validate_close_contact.auth_seq_id_1    10 
_pdbx_validate_close_contact.PDB_ins_code_1   ? 
_pdbx_validate_close_contact.label_alt_id_1   A 
_pdbx_validate_close_contact.auth_atom_id_2   O 
_pdbx_validate_close_contact.auth_asym_id_2   A 
_pdbx_validate_close_contact.auth_comp_id_2   HOH 
_pdbx_validate_close_contact.auth_seq_id_2    201 
_pdbx_validate_close_contact.PDB_ins_code_2   ? 
_pdbx_validate_close_contact.label_alt_id_2   ? 
_pdbx_validate_close_contact.dist             1.80 
# 
_pdbx_validate_symm_contact.id                1 
_pdbx_validate_symm_contact.PDB_model_num     1 
_pdbx_validate_symm_contact.auth_atom_id_1    O 
_pdbx_validate_symm_contact.auth_asym_id_1    A 
_pdbx_validate_symm_contact.auth_comp_id_1    HOH 
_pdbx_validate_symm_contact.auth_seq_id_1     213 
_pdbx_validate_symm_contact.PDB_ins_code_1    ? 
_pdbx_validate_symm_contact.label_alt_id_1    ? 
_pdbx_validate_symm_contact.site_symmetry_1   1_555 
_pdbx_validate_symm_contact.auth_atom_id_2    O 
_pdbx_validate_symm_contact.auth_asym_id_2    A 
_pdbx_validate_symm_contact.auth_comp_id_2    HOH 
_pdbx_validate_symm_contact.auth_seq_id_2     218 
_pdbx_validate_symm_contact.PDB_ins_code_2    ? 
_pdbx_validate_symm_contact.label_alt_id_2    ? 
_pdbx_validate_symm_contact.site_symmetry_2   3_545 
_pdbx_validate_symm_contact.dist              1.99 
# 
_pdbx_validate_torsion.id              1 
_pdbx_validate_torsion.PDB_model_num   1 
_pdbx_validate_torsion.auth_comp_id    GLN 
_pdbx_validate_torsion.auth_asym_id    A 
_pdbx_validate_torsion.auth_seq_id     68 
_pdbx_validate_torsion.PDB_ins_code    ? 
_pdbx_validate_torsion.label_alt_id    ? 
_pdbx_validate_torsion.phi             67.72 
_pdbx_validate_torsion.psi             -73.31 
# 
_pdbx_validate_planes.id              1 
_pdbx_validate_planes.PDB_model_num   1 
_pdbx_validate_planes.auth_comp_id    ARG 
_pdbx_validate_planes.auth_asym_id    A 
_pdbx_validate_planes.auth_seq_id     52 
_pdbx_validate_planes.PDB_ins_code    ? 
_pdbx_validate_planes.label_alt_id    ? 
_pdbx_validate_planes.rmsd            0.149 
_pdbx_validate_planes.type            'SIDE CHAIN' 
# 
loop_
_pdbx_struct_mod_residue.id 
_pdbx_struct_mod_residue.label_asym_id 
_pdbx_struct_mod_residue.label_comp_id 
_pdbx_struct_mod_residue.label_seq_id 
_pdbx_struct_mod_residue.auth_asym_id 
_pdbx_struct_mod_residue.auth_comp_id 
_pdbx_struct_mod_residue.auth_seq_id 
_pdbx_struct_mod_residue.PDB_ins_code 
_pdbx_struct_mod_residue.parent_comp_id 
_pdbx_struct_mod_residue.details 
1 A MSE 26 A MSE 22 ? MET 'modified residue' 
2 A MSE 65 A MSE 61 ? MET 'modified residue' 
3 A MSE 70 A MSE 66 ? MET 'modified residue' 
# 
loop_
_pdbx_unobs_or_zero_occ_residues.id 
_pdbx_unobs_or_zero_occ_residues.PDB_model_num 
_pdbx_unobs_or_zero_occ_residues.polymer_flag 
_pdbx_unobs_or_zero_occ_residues.occupancy_flag 
_pdbx_unobs_or_zero_occ_residues.auth_asym_id 
_pdbx_unobs_or_zero_occ_residues.auth_comp_id 
_pdbx_unobs_or_zero_occ_residues.auth_seq_id 
_pdbx_unobs_or_zero_occ_residues.PDB_ins_code 
_pdbx_unobs_or_zero_occ_residues.label_asym_id 
_pdbx_unobs_or_zero_occ_residues.label_comp_id 
_pdbx_unobs_or_zero_occ_residues.label_seq_id 
1 1 Y 1 A SER -3 ? A SER 1 
2 1 Y 1 A ASN -2 ? A ASN 2 
3 1 Y 1 A ALA -1 ? A ALA 3 
4 1 Y 1 A ALA 0  ? A ALA 4 
5 1 Y 1 A SER 1  ? A SER 5 
6 1 Y 1 A LYS 2  ? A LYS 6 
# 
loop_
_chem_comp_atom.comp_id 
_chem_comp_atom.atom_id 
_chem_comp_atom.type_symbol 
_chem_comp_atom.pdbx_aromatic_flag 
_chem_comp_atom.pdbx_stereo_config 
_chem_comp_atom.pdbx_ordinal 
ALA N    N  N N 1   
ALA CA   C  N S 2   
ALA C    C  N N 3   
ALA O    O  N N 4   
ALA CB   C  N N 5   
ALA OXT  O  N N 6   
ALA H    H  N N 7   
ALA H2   H  N N 8   
ALA HA   H  N N 9   
ALA HB1  H  N N 10  
ALA HB2  H  N N 11  
ALA HB3  H  N N 12  
ALA HXT  H  N N 13  
ARG N    N  N N 14  
ARG CA   C  N S 15  
ARG C    C  N N 16  
ARG O    O  N N 17  
ARG CB   C  N N 18  
ARG CG   C  N N 19  
ARG CD   C  N N 20  
ARG NE   N  N N 21  
ARG CZ   C  N N 22  
ARG NH1  N  N N 23  
ARG NH2  N  N N 24  
ARG OXT  O  N N 25  
ARG H    H  N N 26  
ARG H2   H  N N 27  
ARG HA   H  N N 28  
ARG HB2  H  N N 29  
ARG HB3  H  N N 30  
ARG HG2  H  N N 31  
ARG HG3  H  N N 32  
ARG HD2  H  N N 33  
ARG HD3  H  N N 34  
ARG HE   H  N N 35  
ARG HH11 H  N N 36  
ARG HH12 H  N N 37  
ARG HH21 H  N N 38  
ARG HH22 H  N N 39  
ARG HXT  H  N N 40  
ASN N    N  N N 41  
ASN CA   C  N S 42  
ASN C    C  N N 43  
ASN O    O  N N 44  
ASN CB   C  N N 45  
ASN CG   C  N N 46  
ASN OD1  O  N N 47  
ASN ND2  N  N N 48  
ASN OXT  O  N N 49  
ASN H    H  N N 50  
ASN H2   H  N N 51  
ASN HA   H  N N 52  
ASN HB2  H  N N 53  
ASN HB3  H  N N 54  
ASN HD21 H  N N 55  
ASN HD22 H  N N 56  
ASN HXT  H  N N 57  
ASP N    N  N N 58  
ASP CA   C  N S 59  
ASP C    C  N N 60  
ASP O    O  N N 61  
ASP CB   C  N N 62  
ASP CG   C  N N 63  
ASP OD1  O  N N 64  
ASP OD2  O  N N 65  
ASP OXT  O  N N 66  
ASP H    H  N N 67  
ASP H2   H  N N 68  
ASP HA   H  N N 69  
ASP HB2  H  N N 70  
ASP HB3  H  N N 71  
ASP HD2  H  N N 72  
ASP HXT  H  N N 73  
GLN N    N  N N 74  
GLN CA   C  N S 75  
GLN C    C  N N 76  
GLN O    O  N N 77  
GLN CB   C  N N 78  
GLN CG   C  N N 79  
GLN CD   C  N N 80  
GLN OE1  O  N N 81  
GLN NE2  N  N N 82  
GLN OXT  O  N N 83  
GLN H    H  N N 84  
GLN H2   H  N N 85  
GLN HA   H  N N 86  
GLN HB2  H  N N 87  
GLN HB3  H  N N 88  
GLN HG2  H  N N 89  
GLN HG3  H  N N 90  
GLN HE21 H  N N 91  
GLN HE22 H  N N 92  
GLN HXT  H  N N 93  
GLU N    N  N N 94  
GLU CA   C  N S 95  
GLU C    C  N N 96  
GLU O    O  N N 97  
GLU CB   C  N N 98  
GLU CG   C  N N 99  
GLU CD   C  N N 100 
GLU OE1  O  N N 101 
GLU OE2  O  N N 102 
GLU OXT  O  N N 103 
GLU H    H  N N 104 
GLU H2   H  N N 105 
GLU HA   H  N N 106 
GLU HB2  H  N N 107 
GLU HB3  H  N N 108 
GLU HG2  H  N N 109 
GLU HG3  H  N N 110 
GLU HE2  H  N N 111 
GLU HXT  H  N N 112 
GLY N    N  N N 113 
GLY CA   C  N N 114 
GLY C    C  N N 115 
GLY O    O  N N 116 
GLY OXT  O  N N 117 
GLY H    H  N N 118 
GLY H2   H  N N 119 
GLY HA2  H  N N 120 
GLY HA3  H  N N 121 
GLY HXT  H  N N 122 
HOH O    O  N N 123 
HOH H1   H  N N 124 
HOH H2   H  N N 125 
ILE N    N  N N 126 
ILE CA   C  N S 127 
ILE C    C  N N 128 
ILE O    O  N N 129 
ILE CB   C  N S 130 
ILE CG1  C  N N 131 
ILE CG2  C  N N 132 
ILE CD1  C  N N 133 
ILE OXT  O  N N 134 
ILE H    H  N N 135 
ILE H2   H  N N 136 
ILE HA   H  N N 137 
ILE HB   H  N N 138 
ILE HG12 H  N N 139 
ILE HG13 H  N N 140 
ILE HG21 H  N N 141 
ILE HG22 H  N N 142 
ILE HG23 H  N N 143 
ILE HD11 H  N N 144 
ILE HD12 H  N N 145 
ILE HD13 H  N N 146 
ILE HXT  H  N N 147 
LEU N    N  N N 148 
LEU CA   C  N S 149 
LEU C    C  N N 150 
LEU O    O  N N 151 
LEU CB   C  N N 152 
LEU CG   C  N N 153 
LEU CD1  C  N N 154 
LEU CD2  C  N N 155 
LEU OXT  O  N N 156 
LEU H    H  N N 157 
LEU H2   H  N N 158 
LEU HA   H  N N 159 
LEU HB2  H  N N 160 
LEU HB3  H  N N 161 
LEU HG   H  N N 162 
LEU HD11 H  N N 163 
LEU HD12 H  N N 164 
LEU HD13 H  N N 165 
LEU HD21 H  N N 166 
LEU HD22 H  N N 167 
LEU HD23 H  N N 168 
LEU HXT  H  N N 169 
LYS N    N  N N 170 
LYS CA   C  N S 171 
LYS C    C  N N 172 
LYS O    O  N N 173 
LYS CB   C  N N 174 
LYS CG   C  N N 175 
LYS CD   C  N N 176 
LYS CE   C  N N 177 
LYS NZ   N  N N 178 
LYS OXT  O  N N 179 
LYS H    H  N N 180 
LYS H2   H  N N 181 
LYS HA   H  N N 182 
LYS HB2  H  N N 183 
LYS HB3  H  N N 184 
LYS HG2  H  N N 185 
LYS HG3  H  N N 186 
LYS HD2  H  N N 187 
LYS HD3  H  N N 188 
LYS HE2  H  N N 189 
LYS HE3  H  N N 190 
LYS HZ1  H  N N 191 
LYS HZ2  H  N N 192 
LYS HZ3  H  N N 193 
LYS HXT  H  N N 194 
MSE N    N  N N 195 
MSE CA   C  N S 196 
MSE C    C  N N 197 
MSE O    O  N N 198 
MSE OXT  O  N N 199 
MSE CB   C  N N 200 
MSE CG   C  N N 201 
MSE SE   SE N N 202 
MSE CE   C  N N 203 
MSE H    H  N N 204 
MSE H2   H  N N 205 
MSE HA   H  N N 206 
MSE HXT  H  N N 207 
MSE HB2  H  N N 208 
MSE HB3  H  N N 209 
MSE HG2  H  N N 210 
MSE HG3  H  N N 211 
MSE HE1  H  N N 212 
MSE HE2  H  N N 213 
MSE HE3  H  N N 214 
NA  NA   NA N N 215 
PHE N    N  N N 216 
PHE CA   C  N S 217 
PHE C    C  N N 218 
PHE O    O  N N 219 
PHE CB   C  N N 220 
PHE CG   C  Y N 221 
PHE CD1  C  Y N 222 
PHE CD2  C  Y N 223 
PHE CE1  C  Y N 224 
PHE CE2  C  Y N 225 
PHE CZ   C  Y N 226 
PHE OXT  O  N N 227 
PHE H    H  N N 228 
PHE H2   H  N N 229 
PHE HA   H  N N 230 
PHE HB2  H  N N 231 
PHE HB3  H  N N 232 
PHE HD1  H  N N 233 
PHE HD2  H  N N 234 
PHE HE1  H  N N 235 
PHE HE2  H  N N 236 
PHE HZ   H  N N 237 
PHE HXT  H  N N 238 
PRO N    N  N N 239 
PRO CA   C  N S 240 
PRO C    C  N N 241 
PRO O    O  N N 242 
PRO CB   C  N N 243 
PRO CG   C  N N 244 
PRO CD   C  N N 245 
PRO OXT  O  N N 246 
PRO H    H  N N 247 
PRO HA   H  N N 248 
PRO HB2  H  N N 249 
PRO HB3  H  N N 250 
PRO HG2  H  N N 251 
PRO HG3  H  N N 252 
PRO HD2  H  N N 253 
PRO HD3  H  N N 254 
PRO HXT  H  N N 255 
SER N    N  N N 256 
SER CA   C  N S 257 
SER C    C  N N 258 
SER O    O  N N 259 
SER CB   C  N N 260 
SER OG   O  N N 261 
SER OXT  O  N N 262 
SER H    H  N N 263 
SER H2   H  N N 264 
SER HA   H  N N 265 
SER HB2  H  N N 266 
SER HB3  H  N N 267 
SER HG   H  N N 268 
SER HXT  H  N N 269 
THR N    N  N N 270 
THR CA   C  N S 271 
THR C    C  N N 272 
THR O    O  N N 273 
THR CB   C  N R 274 
THR OG1  O  N N 275 
THR CG2  C  N N 276 
THR OXT  O  N N 277 
THR H    H  N N 278 
THR H2   H  N N 279 
THR HA   H  N N 280 
THR HB   H  N N 281 
THR HG1  H  N N 282 
THR HG21 H  N N 283 
THR HG22 H  N N 284 
THR HG23 H  N N 285 
THR HXT  H  N N 286 
TYR N    N  N N 287 
TYR CA   C  N S 288 
TYR C    C  N N 289 
TYR O    O  N N 290 
TYR CB   C  N N 291 
TYR CG   C  Y N 292 
TYR CD1  C  Y N 293 
TYR CD2  C  Y N 294 
TYR CE1  C  Y N 295 
TYR CE2  C  Y N 296 
TYR CZ   C  Y N 297 
TYR OH   O  N N 298 
TYR OXT  O  N N 299 
TYR H    H  N N 300 
TYR H2   H  N N 301 
TYR HA   H  N N 302 
TYR HB2  H  N N 303 
TYR HB3  H  N N 304 
TYR HD1  H  N N 305 
TYR HD2  H  N N 306 
TYR HE1  H  N N 307 
TYR HE2  H  N N 308 
TYR HH   H  N N 309 
TYR HXT  H  N N 310 
VAL N    N  N N 311 
VAL CA   C  N S 312 
VAL C    C  N N 313 
VAL O    O  N N 314 
VAL CB   C  N N 315 
VAL CG1  C  N N 316 
VAL CG2  C  N N 317 
VAL OXT  O  N N 318 
VAL H    H  N N 319 
VAL H2   H  N N 320 
VAL HA   H  N N 321 
VAL HB   H  N N 322 
VAL HG11 H  N N 323 
VAL HG12 H  N N 324 
VAL HG13 H  N N 325 
VAL HG21 H  N N 326 
VAL HG22 H  N N 327 
VAL HG23 H  N N 328 
VAL HXT  H  N N 329 
# 
loop_
_chem_comp_bond.comp_id 
_chem_comp_bond.atom_id_1 
_chem_comp_bond.atom_id_2 
_chem_comp_bond.value_order 
_chem_comp_bond.pdbx_aromatic_flag 
_chem_comp_bond.pdbx_stereo_config 
_chem_comp_bond.pdbx_ordinal 
ALA N   CA   sing N N 1   
ALA N   H    sing N N 2   
ALA N   H2   sing N N 3   
ALA CA  C    sing N N 4   
ALA CA  CB   sing N N 5   
ALA CA  HA   sing N N 6   
ALA C   O    doub N N 7   
ALA C   OXT  sing N N 8   
ALA CB  HB1  sing N N 9   
ALA CB  HB2  sing N N 10  
ALA CB  HB3  sing N N 11  
ALA OXT HXT  sing N N 12  
ARG N   CA   sing N N 13  
ARG N   H    sing N N 14  
ARG N   H2   sing N N 15  
ARG CA  C    sing N N 16  
ARG CA  CB   sing N N 17  
ARG CA  HA   sing N N 18  
ARG C   O    doub N N 19  
ARG C   OXT  sing N N 20  
ARG CB  CG   sing N N 21  
ARG CB  HB2  sing N N 22  
ARG CB  HB3  sing N N 23  
ARG CG  CD   sing N N 24  
ARG CG  HG2  sing N N 25  
ARG CG  HG3  sing N N 26  
ARG CD  NE   sing N N 27  
ARG CD  HD2  sing N N 28  
ARG CD  HD3  sing N N 29  
ARG NE  CZ   sing N N 30  
ARG NE  HE   sing N N 31  
ARG CZ  NH1  sing N N 32  
ARG CZ  NH2  doub N N 33  
ARG NH1 HH11 sing N N 34  
ARG NH1 HH12 sing N N 35  
ARG NH2 HH21 sing N N 36  
ARG NH2 HH22 sing N N 37  
ARG OXT HXT  sing N N 38  
ASN N   CA   sing N N 39  
ASN N   H    sing N N 40  
ASN N   H2   sing N N 41  
ASN CA  C    sing N N 42  
ASN CA  CB   sing N N 43  
ASN CA  HA   sing N N 44  
ASN C   O    doub N N 45  
ASN C   OXT  sing N N 46  
ASN CB  CG   sing N N 47  
ASN CB  HB2  sing N N 48  
ASN CB  HB3  sing N N 49  
ASN CG  OD1  doub N N 50  
ASN CG  ND2  sing N N 51  
ASN ND2 HD21 sing N N 52  
ASN ND2 HD22 sing N N 53  
ASN OXT HXT  sing N N 54  
ASP N   CA   sing N N 55  
ASP N   H    sing N N 56  
ASP N   H2   sing N N 57  
ASP CA  C    sing N N 58  
ASP CA  CB   sing N N 59  
ASP CA  HA   sing N N 60  
ASP C   O    doub N N 61  
ASP C   OXT  sing N N 62  
ASP CB  CG   sing N N 63  
ASP CB  HB2  sing N N 64  
ASP CB  HB3  sing N N 65  
ASP CG  OD1  doub N N 66  
ASP CG  OD2  sing N N 67  
ASP OD2 HD2  sing N N 68  
ASP OXT HXT  sing N N 69  
GLN N   CA   sing N N 70  
GLN N   H    sing N N 71  
GLN N   H2   sing N N 72  
GLN CA  C    sing N N 73  
GLN CA  CB   sing N N 74  
GLN CA  HA   sing N N 75  
GLN C   O    doub N N 76  
GLN C   OXT  sing N N 77  
GLN CB  CG   sing N N 78  
GLN CB  HB2  sing N N 79  
GLN CB  HB3  sing N N 80  
GLN CG  CD   sing N N 81  
GLN CG  HG2  sing N N 82  
GLN CG  HG3  sing N N 83  
GLN CD  OE1  doub N N 84  
GLN CD  NE2  sing N N 85  
GLN NE2 HE21 sing N N 86  
GLN NE2 HE22 sing N N 87  
GLN OXT HXT  sing N N 88  
GLU N   CA   sing N N 89  
GLU N   H    sing N N 90  
GLU N   H2   sing N N 91  
GLU CA  C    sing N N 92  
GLU CA  CB   sing N N 93  
GLU CA  HA   sing N N 94  
GLU C   O    doub N N 95  
GLU C   OXT  sing N N 96  
GLU CB  CG   sing N N 97  
GLU CB  HB2  sing N N 98  
GLU CB  HB3  sing N N 99  
GLU CG  CD   sing N N 100 
GLU CG  HG2  sing N N 101 
GLU CG  HG3  sing N N 102 
GLU CD  OE1  doub N N 103 
GLU CD  OE2  sing N N 104 
GLU OE2 HE2  sing N N 105 
GLU OXT HXT  sing N N 106 
GLY N   CA   sing N N 107 
GLY N   H    sing N N 108 
GLY N   H2   sing N N 109 
GLY CA  C    sing N N 110 
GLY CA  HA2  sing N N 111 
GLY CA  HA3  sing N N 112 
GLY C   O    doub N N 113 
GLY C   OXT  sing N N 114 
GLY OXT HXT  sing N N 115 
HOH O   H1   sing N N 116 
HOH O   H2   sing N N 117 
ILE N   CA   sing N N 118 
ILE N   H    sing N N 119 
ILE N   H2   sing N N 120 
ILE CA  C    sing N N 121 
ILE CA  CB   sing N N 122 
ILE CA  HA   sing N N 123 
ILE C   O    doub N N 124 
ILE C   OXT  sing N N 125 
ILE CB  CG1  sing N N 126 
ILE CB  CG2  sing N N 127 
ILE CB  HB   sing N N 128 
ILE CG1 CD1  sing N N 129 
ILE CG1 HG12 sing N N 130 
ILE CG1 HG13 sing N N 131 
ILE CG2 HG21 sing N N 132 
ILE CG2 HG22 sing N N 133 
ILE CG2 HG23 sing N N 134 
ILE CD1 HD11 sing N N 135 
ILE CD1 HD12 sing N N 136 
ILE CD1 HD13 sing N N 137 
ILE OXT HXT  sing N N 138 
LEU N   CA   sing N N 139 
LEU N   H    sing N N 140 
LEU N   H2   sing N N 141 
LEU CA  C    sing N N 142 
LEU CA  CB   sing N N 143 
LEU CA  HA   sing N N 144 
LEU C   O    doub N N 145 
LEU C   OXT  sing N N 146 
LEU CB  CG   sing N N 147 
LEU CB  HB2  sing N N 148 
LEU CB  HB3  sing N N 149 
LEU CG  CD1  sing N N 150 
LEU CG  CD2  sing N N 151 
LEU CG  HG   sing N N 152 
LEU CD1 HD11 sing N N 153 
LEU CD1 HD12 sing N N 154 
LEU CD1 HD13 sing N N 155 
LEU CD2 HD21 sing N N 156 
LEU CD2 HD22 sing N N 157 
LEU CD2 HD23 sing N N 158 
LEU OXT HXT  sing N N 159 
LYS N   CA   sing N N 160 
LYS N   H    sing N N 161 
LYS N   H2   sing N N 162 
LYS CA  C    sing N N 163 
LYS CA  CB   sing N N 164 
LYS CA  HA   sing N N 165 
LYS C   O    doub N N 166 
LYS C   OXT  sing N N 167 
LYS CB  CG   sing N N 168 
LYS CB  HB2  sing N N 169 
LYS CB  HB3  sing N N 170 
LYS CG  CD   sing N N 171 
LYS CG  HG2  sing N N 172 
LYS CG  HG3  sing N N 173 
LYS CD  CE   sing N N 174 
LYS CD  HD2  sing N N 175 
LYS CD  HD3  sing N N 176 
LYS CE  NZ   sing N N 177 
LYS CE  HE2  sing N N 178 
LYS CE  HE3  sing N N 179 
LYS NZ  HZ1  sing N N 180 
LYS NZ  HZ2  sing N N 181 
LYS NZ  HZ3  sing N N 182 
LYS OXT HXT  sing N N 183 
MSE N   CA   sing N N 184 
MSE N   H    sing N N 185 
MSE N   H2   sing N N 186 
MSE CA  C    sing N N 187 
MSE CA  CB   sing N N 188 
MSE CA  HA   sing N N 189 
MSE C   O    doub N N 190 
MSE C   OXT  sing N N 191 
MSE OXT HXT  sing N N 192 
MSE CB  CG   sing N N 193 
MSE CB  HB2  sing N N 194 
MSE CB  HB3  sing N N 195 
MSE CG  SE   sing N N 196 
MSE CG  HG2  sing N N 197 
MSE CG  HG3  sing N N 198 
MSE SE  CE   sing N N 199 
MSE CE  HE1  sing N N 200 
MSE CE  HE2  sing N N 201 
MSE CE  HE3  sing N N 202 
PHE N   CA   sing N N 203 
PHE N   H    sing N N 204 
PHE N   H2   sing N N 205 
PHE CA  C    sing N N 206 
PHE CA  CB   sing N N 207 
PHE CA  HA   sing N N 208 
PHE C   O    doub N N 209 
PHE C   OXT  sing N N 210 
PHE CB  CG   sing N N 211 
PHE CB  HB2  sing N N 212 
PHE CB  HB3  sing N N 213 
PHE CG  CD1  doub Y N 214 
PHE CG  CD2  sing Y N 215 
PHE CD1 CE1  sing Y N 216 
PHE CD1 HD1  sing N N 217 
PHE CD2 CE2  doub Y N 218 
PHE CD2 HD2  sing N N 219 
PHE CE1 CZ   doub Y N 220 
PHE CE1 HE1  sing N N 221 
PHE CE2 CZ   sing Y N 222 
PHE CE2 HE2  sing N N 223 
PHE CZ  HZ   sing N N 224 
PHE OXT HXT  sing N N 225 
PRO N   CA   sing N N 226 
PRO N   CD   sing N N 227 
PRO N   H    sing N N 228 
PRO CA  C    sing N N 229 
PRO CA  CB   sing N N 230 
PRO CA  HA   sing N N 231 
PRO C   O    doub N N 232 
PRO C   OXT  sing N N 233 
PRO CB  CG   sing N N 234 
PRO CB  HB2  sing N N 235 
PRO CB  HB3  sing N N 236 
PRO CG  CD   sing N N 237 
PRO CG  HG2  sing N N 238 
PRO CG  HG3  sing N N 239 
PRO CD  HD2  sing N N 240 
PRO CD  HD3  sing N N 241 
PRO OXT HXT  sing N N 242 
SER N   CA   sing N N 243 
SER N   H    sing N N 244 
SER N   H2   sing N N 245 
SER CA  C    sing N N 246 
SER CA  CB   sing N N 247 
SER CA  HA   sing N N 248 
SER C   O    doub N N 249 
SER C   OXT  sing N N 250 
SER CB  OG   sing N N 251 
SER CB  HB2  sing N N 252 
SER CB  HB3  sing N N 253 
SER OG  HG   sing N N 254 
SER OXT HXT  sing N N 255 
THR N   CA   sing N N 256 
THR N   H    sing N N 257 
THR N   H2   sing N N 258 
THR CA  C    sing N N 259 
THR CA  CB   sing N N 260 
THR CA  HA   sing N N 261 
THR C   O    doub N N 262 
THR C   OXT  sing N N 263 
THR CB  OG1  sing N N 264 
THR CB  CG2  sing N N 265 
THR CB  HB   sing N N 266 
THR OG1 HG1  sing N N 267 
THR CG2 HG21 sing N N 268 
THR CG2 HG22 sing N N 269 
THR CG2 HG23 sing N N 270 
THR OXT HXT  sing N N 271 
TYR N   CA   sing N N 272 
TYR N   H    sing N N 273 
TYR N   H2   sing N N 274 
TYR CA  C    sing N N 275 
TYR CA  CB   sing N N 276 
TYR CA  HA   sing N N 277 
TYR C   O    doub N N 278 
TYR C   OXT  sing N N 279 
TYR CB  CG   sing N N 280 
TYR CB  HB2  sing N N 281 
TYR CB  HB3  sing N N 282 
TYR CG  CD1  doub Y N 283 
TYR CG  CD2  sing Y N 284 
TYR CD1 CE1  sing Y N 285 
TYR CD1 HD1  sing N N 286 
TYR CD2 CE2  doub Y N 287 
TYR CD2 HD2  sing N N 288 
TYR CE1 CZ   doub Y N 289 
TYR CE1 HE1  sing N N 290 
TYR CE2 CZ   sing Y N 291 
TYR CE2 HE2  sing N N 292 
TYR CZ  OH   sing N N 293 
TYR OH  HH   sing N N 294 
TYR OXT HXT  sing N N 295 
VAL N   CA   sing N N 296 
VAL N   H    sing N N 297 
VAL N   H2   sing N N 298 
VAL CA  C    sing N N 299 
VAL CA  CB   sing N N 300 
VAL CA  HA   sing N N 301 
VAL C   O    doub N N 302 
VAL C   OXT  sing N N 303 
VAL CB  CG1  sing N N 304 
VAL CB  CG2  sing N N 305 
VAL CB  HB   sing N N 306 
VAL CG1 HG11 sing N N 307 
VAL CG1 HG12 sing N N 308 
VAL CG1 HG13 sing N N 309 
VAL CG2 HG21 sing N N 310 
VAL CG2 HG22 sing N N 311 
VAL CG2 HG23 sing N N 312 
VAL OXT HXT  sing N N 313 
# 
_pdbx_audit_support.funding_organization   'Ministry of Education, Youth and Sports of the Czech Republic' 
_pdbx_audit_support.country                'Czech Republic' 
_pdbx_audit_support.grant_number           LX22NPO5102 
_pdbx_audit_support.ordinal                1 
# 
_pdbx_initial_refinement_model.id               1 
_pdbx_initial_refinement_model.entity_id_list   ? 
_pdbx_initial_refinement_model.type             'in silico model' 
_pdbx_initial_refinement_model.source_name      ITasser 
_pdbx_initial_refinement_model.accession_code   ? 
_pdbx_initial_refinement_model.details          ? 
# 
_atom_sites.entry_id                    8PQM 
_atom_sites.Cartn_transf_matrix[1][1]   ? 
_atom_sites.Cartn_transf_matrix[1][2]   ? 
_atom_sites.Cartn_transf_matrix[1][3]   ? 
_atom_sites.Cartn_transf_matrix[2][1]   ? 
_atom_sites.Cartn_transf_matrix[2][2]   ? 
_atom_sites.Cartn_transf_matrix[2][3]   ? 
_atom_sites.Cartn_transf_matrix[3][1]   ? 
_atom_sites.Cartn_transf_matrix[3][2]   ? 
_atom_sites.Cartn_transf_matrix[3][3]   ? 
_atom_sites.Cartn_transf_vector[1]      ? 
_atom_sites.Cartn_transf_vector[2]      ? 
_atom_sites.Cartn_transf_vector[3]      ? 
_atom_sites.fract_transf_matrix[1][1]   0.02829661 
_atom_sites.fract_transf_matrix[1][2]   0.01981889 
_atom_sites.fract_transf_matrix[1][3]   -0.00736395 
_atom_sites.fract_transf_matrix[2][1]   -0.01474673 
_atom_sites.fract_transf_matrix[2][2]   0.02146084 
_atom_sites.fract_transf_matrix[2][3]   0.00109284 
_atom_sites.fract_transf_matrix[3][1]   0.00292599 
_atom_sites.fract_transf_matrix[3][2]   0.00126472 
_atom_sites.fract_transf_matrix[3][3]   0.01464716 
_atom_sites.fract_transf_vector[1]      -0.149117 
_atom_sites.fract_transf_vector[2]      -0.035651 
_atom_sites.fract_transf_vector[3]      0.106991 
_atom_sites.solution_primary            ? 
_atom_sites.solution_secondary          ? 
_atom_sites.solution_hydrogens          ? 
_atom_sites.special_details             ? 
# 
loop_
_atom_type.symbol 
C  
N  
NA 
O  
SE 
# 
loop_
_atom_site.group_PDB 
_atom_site.id 
_atom_site.type_symbol 
_atom_site.label_atom_id 
_atom_site.label_alt_id 
_atom_site.label_comp_id 
_atom_site.label_asym_id 
_atom_site.label_entity_id 
_atom_site.label_seq_id 
_atom_site.pdbx_PDB_ins_code 
_atom_site.Cartn_x 
_atom_site.Cartn_y 
_atom_site.Cartn_z 
_atom_site.occupancy 
_atom_site.B_iso_or_equiv 
_atom_site.pdbx_formal_charge 
_atom_site.auth_seq_id 
_atom_site.auth_comp_id 
_atom_site.auth_asym_id 
_atom_site.auth_atom_id 
_atom_site.pdbx_PDB_model_num 
ATOM   1   N  N   . TYR A 1 7  ? -17.303 -18.484 -11.723 1.00 123.28 ? 3   TYR A N   1 
ATOM   2   C  CA  . TYR A 1 7  ? -15.813 -18.449 -11.802 1.00 122.67 ? 3   TYR A CA  1 
ATOM   3   C  C   . TYR A 1 7  ? -15.360 -17.009 -12.049 1.00 117.98 ? 3   TYR A C   1 
ATOM   4   O  O   . TYR A 1 7  ? -14.537 -16.489 -11.297 1.00 113.40 ? 3   TYR A O   1 
ATOM   5   C  CB  . TYR A 1 7  ? -15.300 -19.493 -12.807 1.00 125.15 ? 3   TYR A CB  1 
ATOM   6   C  CG  . TYR A 1 7  ? -16.025 -19.625 -14.143 1.00 126.41 ? 3   TYR A CG  1 
ATOM   7   C  CD1 . TYR A 1 7  ? -15.793 -18.734 -15.185 1.00 127.49 ? 3   TYR A CD1 1 
ATOM   8   C  CD2 . TYR A 1 7  ? -16.934 -20.656 -14.367 1.00 123.62 ? 3   TYR A CD2 1 
ATOM   9   C  CE1 . TYR A 1 7  ? -16.441 -18.858 -16.403 1.00 123.62 ? 3   TYR A CE1 1 
ATOM   10  C  CE2 . TYR A 1 7  ? -17.595 -20.787 -15.579 1.00 122.13 ? 3   TYR A CE2 1 
ATOM   11  C  CZ  . TYR A 1 7  ? -17.346 -19.887 -16.600 1.00 122.47 ? 3   TYR A CZ  1 
ATOM   12  O  OH  . TYR A 1 7  ? -17.988 -20.006 -17.798 1.00 121.60 ? 3   TYR A OH  1 
ATOM   13  N  N   . LYS A 1 8  ? -15.917 -16.367 -13.086 1.00 115.84 ? 4   LYS A N   1 
ATOM   14  C  CA  . LYS A 1 8  ? -15.754 -14.937 -13.294 1.00 113.66 ? 4   LYS A CA  1 
ATOM   15  C  C   . LYS A 1 8  ? -16.923 -14.229 -12.611 1.00 106.94 ? 4   LYS A C   1 
ATOM   16  O  O   . LYS A 1 8  ? -17.862 -13.774 -13.260 1.00 107.49 ? 4   LYS A O   1 
ATOM   17  C  CB  . LYS A 1 8  ? -15.652 -14.599 -14.787 1.00 119.32 ? 4   LYS A CB  1 
ATOM   18  C  CG  . LYS A 1 8  ? -14.383 -15.074 -15.488 1.00 120.40 ? 4   LYS A CG  1 
ATOM   19  C  CD  . LYS A 1 8  ? -13.121 -14.329 -15.086 1.00 115.94 ? 4   LYS A CD  1 
ATOM   20  C  CE  . LYS A 1 8  ? -11.858 -14.925 -15.676 1.00 112.36 ? 4   LYS A CE  1 
ATOM   21  N  NZ  . LYS A 1 8  ? -11.803 -14.782 -17.151 1.00 110.20 ? 4   LYS A NZ  1 
ATOM   22  N  N   . GLN A 1 9  ? -16.850 -14.197 -11.276 1.00 97.43  ? 5   GLN A N   1 
ATOM   23  C  CA  . GLN A 1 9  ? -17.808 -13.533 -10.407 1.00 85.59  ? 5   GLN A CA  1 
ATOM   24  C  C   . GLN A 1 9  ? -17.004 -12.707 -9.410  1.00 72.68  ? 5   GLN A C   1 
ATOM   25  O  O   . GLN A 1 9  ? -17.090 -12.898 -8.200  1.00 65.49  ? 5   GLN A O   1 
ATOM   26  C  CB  . GLN A 1 9  ? -18.680 -14.566 -9.689  1.00 88.83  ? 5   GLN A CB  1 
ATOM   27  C  CG  . GLN A 1 9  ? -17.881 -15.735 -9.120  1.00 91.15  ? 5   GLN A CG  1 
ATOM   28  C  CD  . GLN A 1 9  ? -18.664 -16.583 -8.148  1.00 92.02  ? 5   GLN A CD  1 
ATOM   29  O  OE1 . GLN A 1 9  ? -19.754 -16.216 -7.713  1.00 89.65  ? 5   GLN A OE1 1 
ATOM   30  N  NE2 . GLN A 1 9  ? -18.100 -17.728 -7.791  1.00 89.39  ? 5   GLN A NE2 1 
ATOM   31  N  N   . ILE A 1 10 ? -16.210 -11.785 -9.955  1.00 66.35  ? 6   ILE A N   1 
ATOM   32  C  CA  . ILE A 1 10 ? -15.079 -11.233 -9.235  1.00 57.14  ? 6   ILE A CA  1 
ATOM   33  C  C   . ILE A 1 10 ? -15.618 -10.366 -8.101  1.00 56.78  ? 6   ILE A C   1 
ATOM   34  O  O   . ILE A 1 10 ? -16.677 -9.749  -8.214  1.00 56.71  ? 6   ILE A O   1 
ATOM   35  C  CB  . ILE A 1 10 ? -14.138 -10.495 -10.211 1.00 60.45  ? 6   ILE A CB  1 
ATOM   36  C  CG1 . ILE A 1 10 ? -13.855 -11.350 -11.449 1.00 60.26  ? 6   ILE A CG1 1 
ATOM   37  C  CG2 . ILE A 1 10 ? -12.850 -10.031 -9.539  1.00 55.88  ? 6   ILE A CG2 1 
ATOM   38  C  CD1 . ILE A 1 10 ? -13.600 -12.811 -11.157 1.00 61.91  ? 6   ILE A CD1 1 
ATOM   39  N  N   . LYS A 1 11 ? -14.910 -10.399 -6.971  1.00 44.92  ? 7   LYS A N   1 
ATOM   40  C  CA  . LYS A 1 11 ? -15.239 -9.544  -5.848  1.00 50.82  ? 7   LYS A CA  1 
ATOM   41  C  C   . LYS A 1 11 ? -15.186 -8.103  -6.347  1.00 45.52  ? 7   LYS A C   1 
ATOM   42  O  O   . LYS A 1 11 ? -14.321 -7.772  -7.170  1.00 41.99  ? 7   LYS A O   1 
ATOM   43  C  CB  . LYS A 1 11 ? -14.311 -9.809  -4.664  1.00 44.96  ? 7   LYS A CB  1 
ATOM   44  C  CG  . LYS A 1 11 ? -14.568 -11.108 -3.922  1.00 59.38  ? 7   LYS A CG  1 
ATOM   45  C  CD  . LYS A 1 11 ? -13.687 -11.279 -2.716  1.00 63.09  ? 7   LYS A CD  1 
ATOM   46  C  CE  . LYS A 1 11 ? -13.948 -12.575 -1.979  1.00 64.95  ? 7   LYS A CE  1 
ATOM   47  N  NZ  . LYS A 1 11 ? -13.187 -12.634 -0.709  1.00 72.41  ? 7   LYS A NZ  1 
ATOM   48  N  N   . THR A 1 12 ? -16.183 -7.304  -5.912  1.00 48.56  ? 8   THR A N   1 
ATOM   49  C  CA  . THR A 1 12 ? -16.095 -5.857  -6.002  1.00 40.57  ? 8   THR A CA  1 
ATOM   50  C  C   . THR A 1 12 ? -15.671 -5.314  -4.629  1.00 48.88  ? 8   THR A C   1 
ATOM   51  O  O   . THR A 1 12 ? -15.913 -5.902  -3.575  1.00 64.75  ? 8   THR A O   1 
ATOM   52  C  CB  . THR A 1 12 ? -17.297 -5.256  -6.756  1.00 51.00  ? 8   THR A CB  1 
ATOM   53  O  OG1 . THR A 1 12 ? -18.531 -5.882  -6.401  1.00 51.12  ? 8   THR A OG1 1 
ATOM   54  C  CG2 . THR A 1 12 ? -17.139 -5.396  -8.246  1.00 53.80  ? 8   THR A CG2 1 
ATOM   55  N  N   . LYS A 1 13 ? -14.886 -4.242  -4.718  1.00 32.80  ? 9   LYS A N   1 
ATOM   56  C  CA  . LYS A 1 13 ? -14.083 -3.640  -3.688  1.00 30.54  ? 9   LYS A CA  1 
ATOM   57  C  C   . LYS A 1 13 ? -14.245 -2.123  -3.774  1.00 27.30  ? 9   LYS A C   1 
ATOM   58  O  O   . LYS A 1 13 ? -14.532 -1.563  -4.837  1.00 27.85  ? 9   LYS A O   1 
ATOM   59  C  CB  . LYS A 1 13 ? -12.609 -3.985  -4.001  1.00 32.88  ? 9   LYS A CB  1 
ATOM   60  C  CG  . LYS A 1 13 ? -12.194 -5.425  -3.727  1.00 42.31  ? 9   LYS A CG  1 
ATOM   61  C  CD  . LYS A 1 13 ? -10.886 -5.797  -4.384  1.00 48.62  ? 9   LYS A CD  1 
ATOM   62  C  CE  . LYS A 1 13 ? -10.541 -7.274  -4.266  1.00 46.98  ? 9   LYS A CE  1 
ATOM   63  N  NZ  . LYS A 1 13 ? -10.183 -7.647  -2.881  1.00 49.61  ? 9   LYS A NZ  1 
ATOM   64  N  N   . LYS A 1 14 ? -13.964 -1.464  -2.668  1.00 26.00  ? 10  LYS A N   1 
ATOM   65  C  CA  A LYS A 1 14 ? -13.886 -0.012  -2.619  0.50 24.33  ? 10  LYS A CA  1 
ATOM   66  C  CA  B LYS A 1 14 ? -13.881 -0.013  -2.627  0.50 26.28  ? 10  LYS A CA  1 
ATOM   67  C  C   . LYS A 1 14 ? -12.580 0.445   -3.286  1.00 25.14  ? 10  LYS A C   1 
ATOM   68  O  O   . LYS A 1 14 ? -11.645 -0.332  -3.442  1.00 24.56  ? 10  LYS A O   1 
ATOM   69  C  CB  A LYS A 1 14 ? -14.002 0.468   -1.172  0.50 23.99  ? 10  LYS A CB  1 
ATOM   70  C  CB  B LYS A 1 14 ? -13.927 0.486   -1.188  0.50 28.36  ? 10  LYS A CB  1 
ATOM   71  C  CG  A LYS A 1 14 ? -15.361 0.252   -0.473  0.50 22.47  ? 10  LYS A CG  1 
ATOM   72  C  CG  B LYS A 1 14 ? -15.233 0.241   -0.431  0.50 31.44  ? 10  LYS A CG  1 
ATOM   73  C  CD  A LYS A 1 14 ? -15.352 0.726   1.004   0.50 26.21  ? 10  LYS A CD  1 
ATOM   74  C  CD  B LYS A 1 14 ? -14.960 0.276   1.056   0.50 37.77  ? 10  LYS A CD  1 
ATOM   75  C  CE  A LYS A 1 14 ? -16.621 0.424   1.791   0.50 27.41  ? 10  LYS A CE  1 
ATOM   76  C  CE  B LYS A 1 14 ? -16.165 0.461   1.946   0.50 39.53  ? 10  LYS A CE  1 
ATOM   77  N  NZ  A LYS A 1 14 ? -16.805 -1.011  2.113   0.50 30.57  ? 10  LYS A NZ  1 
ATOM   78  N  NZ  B LYS A 1 14 ? -15.729 0.836   3.311   0.50 42.03  ? 10  LYS A NZ  1 
ATOM   79  N  N   . ILE A 1 15 ? -12.499 1.723   -3.666  1.00 25.93  ? 11  ILE A N   1 
ATOM   80  C  CA  . ILE A 1 15 ? -11.312 2.173   -4.389  1.00 24.60  ? 11  ILE A CA  1 
ATOM   81  C  C   . ILE A 1 15 ? -10.059 1.936   -3.530  1.00 23.67  ? 11  ILE A C   1 
ATOM   82  O  O   . ILE A 1 15 ? -9.060  1.479   -4.083  1.00 24.24  ? 11  ILE A O   1 
ATOM   83  C  CB  . ILE A 1 15 ? -11.468 3.637   -4.809  1.00 24.72  ? 11  ILE A CB  1 
ATOM   84  C  CG1 . ILE A 1 15 ? -12.685 3.861   -5.736  1.00 25.67  ? 11  ILE A CG1 1 
ATOM   85  C  CG2 . ILE A 1 15 ? -10.191 4.134   -5.455  1.00 25.07  ? 11  ILE A CG2 1 
ATOM   86  C  CD1 . ILE A 1 15 ? -12.808 2.985   -6.896  1.00 27.71  ? 11  ILE A CD1 1 
ATOM   87  N  N   . TYR A 1 16 ? -10.080 2.283   -2.242  1.00 23.66  ? 12  TYR A N   1 
ATOM   88  C  CA  . TYR A 1 16 ? -8.857  2.172   -1.432  1.00 22.66  ? 12  TYR A CA  1 
ATOM   89  C  C   . TYR A 1 16 ? -8.471  0.710   -1.308  1.00 25.69  ? 12  TYR A C   1 
ATOM   90  O  O   . TYR A 1 16 ? -7.296  0.391   -1.105  1.00 24.34  ? 12  TYR A O   1 
ATOM   91  C  CB  . TYR A 1 16 ? -9.022  2.802   -0.052  1.00 24.79  ? 12  TYR A CB  1 
ATOM   92  C  CG  . TYR A 1 16 ? -9.717  2.010   1.016   1.00 26.81  ? 12  TYR A CG  1 
ATOM   93  C  CD1 . TYR A 1 16 ? -9.002  1.061   1.784   1.00 26.85  ? 12  TYR A CD1 1 
ATOM   94  C  CD2 . TYR A 1 16 ? -11.075 2.158   1.257   1.00 27.91  ? 12  TYR A CD2 1 
ATOM   95  C  CE1 . TYR A 1 16 ? -9.633  0.331   2.769   1.00 31.04  ? 12  TYR A CE1 1 
ATOM   96  C  CE2 . TYR A 1 16 ? -11.691 1.435   2.273   1.00 31.57  ? 12  TYR A CE2 1 
ATOM   97  C  CZ  . TYR A 1 16 ? -10.976 0.507   3.000   1.00 33.12  ? 12  TYR A CZ  1 
ATOM   98  O  OH  . TYR A 1 16 ? -11.588 -0.182  4.010   1.00 40.78  ? 12  TYR A OH  1 
ATOM   99  N  N   . GLU A 1 17 ? -9.437  -0.203  -1.407  1.00 23.95  ? 13  GLU A N   1 
ATOM   100 C  CA  . GLU A 1 17 ? -9.163  -1.629  -1.332  1.00 26.14  ? 13  GLU A CA  1 
ATOM   101 C  C   . GLU A 1 17 ? -8.488  -2.108  -2.604  1.00 25.34  ? 13  GLU A C   1 
ATOM   102 O  O   . GLU A 1 17 ? -7.599  -2.964  -2.527  1.00 25.62  ? 13  GLU A O   1 
ATOM   103 C  CB  . GLU A 1 17 ? -10.476 -2.382  -1.079  1.00 26.80  ? 13  GLU A CB  1 
ATOM   104 C  CG  . GLU A 1 17 ? -10.976 -2.206  0.309   1.00 28.59  ? 13  GLU A CG  1 
ATOM   105 C  CD  . GLU A 1 17 ? -12.309 -2.878  0.609   1.00 37.53  ? 13  GLU A CD  1 
ATOM   106 O  OE1 . GLU A 1 17 ? -12.411 -3.368  1.744   1.00 38.77  ? 13  GLU A OE1 1 
ATOM   107 O  OE2 . GLU A 1 17 ? -13.242 -2.912  -0.278  1.00 33.63  ? 13  GLU A OE2 1 
ATOM   108 N  N   . GLU A 1 18 ? -8.867  -1.591  -3.788  1.00 24.75  ? 14  GLU A N   1 
ATOM   109 C  CA  . GLU A 1 18 ? -8.160  -1.861  -5.031  1.00 24.97  ? 14  GLU A CA  1 
ATOM   110 C  C   . GLU A 1 18 ? -6.694  -1.435  -4.849  1.00 25.47  ? 14  GLU A C   1 
ATOM   111 O  O   . GLU A 1 18 ? -5.763  -2.112  -5.337  1.00 25.03  ? 14  GLU A O   1 
ATOM   112 C  CB  . GLU A 1 18 ? -8.791  -1.151  -6.231  1.00 29.53  ? 14  GLU A CB  1 
ATOM   113 C  CG  . GLU A 1 18 ? -10.228 -1.608  -6.482  1.00 31.40  ? 14  GLU A CG  1 
ATOM   114 C  CD  . GLU A 1 18 ? -10.853 -0.890  -7.665  1.00 35.30  ? 14  GLU A CD  1 
ATOM   115 O  OE1 . GLU A 1 18 ? -10.292 0.122   -8.112  1.00 41.44  ? 14  GLU A OE1 1 
ATOM   116 O  OE2 . GLU A 1 18 ? -11.838 -1.414  -8.168  1.00 46.08  ? 14  GLU A OE2 1 
ATOM   117 N  N   . VAL A 1 19 ? -6.492  -0.253  -4.241  1.00 24.84  ? 15  VAL A N   1 
ATOM   118 C  CA  . VAL A 1 19 ? -5.129  0.257   -4.095  1.00 23.48  ? 15  VAL A CA  1 
ATOM   119 C  C   . VAL A 1 19 ? -4.338  -0.649  -3.141  1.00 24.26  ? 15  VAL A C   1 
ATOM   120 O  O   . VAL A 1 19 ? -3.201  -1.004  -3.424  1.00 25.36  ? 15  VAL A O   1 
ATOM   121 C  CB  . VAL A 1 19 ? -5.146  1.704   -3.597  1.00 23.62  ? 15  VAL A CB  1 
ATOM   122 C  CG1 . VAL A 1 19 ? -3.727  2.173   -3.250  1.00 23.88  ? 15  VAL A CG1 1 
ATOM   123 C  CG2 . VAL A 1 19 ? -5.830  2.671   -4.577  1.00 25.94  ? 15  VAL A CG2 1 
ATOM   124 N  N   . ALA A 1 20 ? -4.939  -0.998  -2.016  1.00 22.65  ? 16  ALA A N   1 
ATOM   125 C  CA  . ALA A 1 20 ? -4.282  -1.874  -1.044  1.00 24.00  ? 16  ALA A CA  1 
ATOM   126 C  C   . ALA A 1 20 ? -3.928  -3.203  -1.705  1.00 27.24  ? 16  ALA A C   1 
ATOM   127 O  O   . ALA A 1 20 ? -2.819  -3.708  -1.528  1.00 26.30  ? 16  ALA A O   1 
ATOM   128 C  CB  . ALA A 1 20 ? -5.154  -2.071  0.173   1.00 24.24  ? 16  ALA A CB  1 
ATOM   129 N  N   . ASP A 1 21 ? -4.855  -3.764  -2.495  1.00 26.62  ? 17  ASP A N   1 
ATOM   130 C  CA  . ASP A 1 21 ? -4.544  -5.025  -3.190  1.00 28.33  ? 17  ASP A CA  1 
ATOM   131 C  C   . ASP A 1 21 ? -3.367  -4.912  -4.156  1.00 29.30  ? 17  ASP A C   1 
ATOM   132 O  O   . ASP A 1 21 ? -2.580  -5.853  -4.270  1.00 30.70  ? 17  ASP A O   1 
ATOM   133 C  CB  . ASP A 1 21 ? -5.757  -5.491  -3.981  1.00 35.62  ? 17  ASP A CB  1 
ATOM   134 C  CG  . ASP A 1 21 ? -6.818  -6.153  -3.139  1.00 38.70  ? 17  ASP A CG  1 
ATOM   135 O  OD1 . ASP A 1 21 ? -6.622  -6.290  -1.906  1.00 42.95  ? 17  ASP A OD1 1 
ATOM   136 O  OD2 . ASP A 1 21 ? -7.878  -6.470  -3.747  1.00 49.47  ? 17  ASP A OD2 1 
ATOM   137 N  N   . ALA A 1 22 ? -3.260  -3.813  -4.906  1.00 25.64  ? 18  ALA A N   1 
ATOM   138 C  CA  . ALA A 1 22 ? -2.199  -3.581  -5.872  1.00 26.30  ? 18  ALA A CA  1 
ATOM   139 C  C   . ALA A 1 22 ? -0.867  -3.534  -5.121  1.00 28.76  ? 18  ALA A C   1 
ATOM   140 O  O   . ALA A 1 22 ? 0.144   -4.067  -5.599  1.00 28.40  ? 18  ALA A O   1 
ATOM   141 C  CB  . ALA A 1 22 ? -2.441  -2.303  -6.598  1.00 28.76  ? 18  ALA A CB  1 
ATOM   142 N  N   . LEU A 1 23 ? -0.867  -2.897  -3.953  1.00 27.38  ? 19  LEU A N   1 
ATOM   143 C  CA  . LEU A 1 23 ? 0.339   -2.832  -3.122  1.00 23.72  ? 19  LEU A CA  1 
ATOM   144 C  C   . LEU A 1 23 ? 0.707   -4.218  -2.604  1.00 27.60  ? 19  LEU A C   1 
ATOM   145 O  O   . LEU A 1 23 ? 1.884   -4.591  -2.607  1.00 27.88  ? 19  LEU A O   1 
ATOM   146 C  CB  . LEU A 1 23 ? 0.181   -1.796  -2.003  1.00 26.21  ? 19  LEU A CB  1 
ATOM   147 C  CG  . LEU A 1 23 ? 0.125   -0.321  -2.427  1.00 28.88  ? 19  LEU A CG  1 
ATOM   148 C  CD1 . LEU A 1 23 ? -0.421  0.547   -1.318  1.00 26.44  ? 19  LEU A CD1 1 
ATOM   149 C  CD2 . LEU A 1 23 ? 1.497   0.178   -2.826  1.00 31.74  ? 19  LEU A CD2 1 
ATOM   150 N  N   . LEU A 1 24 ? -0.285  -4.978  -2.168  1.00 26.97  ? 20  LEU A N   1 
ATOM   151 C  CA  . LEU A 1 24 ? -0.023  -6.337  -1.709  1.00 30.51  ? 20  LEU A CA  1 
ATOM   152 C  C   . LEU A 1 24 ? 0.544   -7.211  -2.826  1.00 35.02  ? 20  LEU A C   1 
ATOM   153 O  O   . LEU A 1 24 ? 1.439   -8.015  -2.545  1.00 31.64  ? 20  LEU A O   1 
ATOM   154 C  CB  . LEU A 1 24 ? -1.306  -6.920  -1.118  1.00 30.06  ? 20  LEU A CB  1 
ATOM   155 C  CG  . LEU A 1 24 ? -1.745  -6.348  0.221   1.00 31.82  ? 20  LEU A CG  1 
ATOM   156 C  CD1 . LEU A 1 24 ? -3.142  -6.865  0.577   1.00 36.83  ? 20  LEU A CD1 1 
ATOM   157 C  CD2 . LEU A 1 24 ? -0.759  -6.595  1.353   1.00 36.55  ? 20  LEU A CD2 1 
ATOM   158 N  N   A ASP A 1 25 ? 0.015   -7.051  -4.046  0.50 31.26  ? 21  ASP A N   1 
ATOM   159 N  N   B ASP A 1 25 ? 0.108   -7.021  -4.084  0.50 32.00  ? 21  ASP A N   1 
ATOM   160 C  CA  A ASP A 1 25 ? 0.517   -7.715  -5.239  0.50 32.81  ? 21  ASP A CA  1 
ATOM   161 C  CA  B ASP A 1 25 ? 0.603   -7.821  -5.199  0.50 34.01  ? 21  ASP A CA  1 
ATOM   162 C  C   A ASP A 1 25 ? 2.011   -7.453  -5.391  0.50 32.35  ? 21  ASP A C   1 
ATOM   163 C  C   B ASP A 1 25 ? 2.028   -7.418  -5.573  0.50 34.17  ? 21  ASP A C   1 
ATOM   164 O  O   A ASP A 1 25 ? 2.780   -8.403  -5.557  0.50 31.12  ? 21  ASP A O   1 
ATOM   165 O  O   B ASP A 1 25 ? 2.768   -8.210  -6.159  0.50 35.05  ? 21  ASP A O   1 
ATOM   166 C  CB  A ASP A 1 25 ? -0.277  -7.288  -6.483  0.50 33.03  ? 21  ASP A CB  1 
ATOM   167 C  CB  B ASP A 1 25 ? -0.286  -7.708  -6.444  0.50 37.09  ? 21  ASP A CB  1 
ATOM   168 C  CG  A ASP A 1 25 ? -1.654  -7.929  -6.558  0.50 41.86  ? 21  ASP A CG  1 
ATOM   169 C  CG  B ASP A 1 25 ? -0.033  -8.806  -7.471  0.50 39.44  ? 21  ASP A CG  1 
ATOM   170 O  OD1 A ASP A 1 25 ? -1.889  -8.872  -5.787  0.50 39.94  ? 21  ASP A OD1 1 
ATOM   171 O  OD1 B ASP A 1 25 ? -0.554  -9.930  -7.284  0.50 46.82  ? 21  ASP A OD1 1 
ATOM   172 O  OD2 A ASP A 1 25 ? -2.483  -7.479  -7.384  0.50 41.92  ? 21  ASP A OD2 1 
ATOM   173 O  OD2 B ASP A 1 25 ? 0.697   -8.541  -8.448  0.50 48.45  ? 21  ASP A OD2 1 
HETATM 174 N  N   . MSE A 1 26 ? 2.422   -6.180  -5.269  1.00 30.98  ? 22  MSE A N   1 
HETATM 175 C  CA  . MSE A 1 26 ? 3.796   -5.734  -5.488  1.00 33.54  ? 22  MSE A CA  1 
HETATM 176 C  C   . MSE A 1 26 ? 4.699   -6.376  -4.435  1.00 30.02  ? 22  MSE A C   1 
HETATM 177 O  O   . MSE A 1 26 ? 5.866   -6.722  -4.696  1.00 32.79  ? 22  MSE A O   1 
HETATM 178 C  CB  . MSE A 1 26 ? 3.902   -4.211  -5.451  1.00 34.34  ? 22  MSE A CB  1 
HETATM 179 C  CG  . MSE A 1 26 ? 3.372   -3.549  -6.732  1.00 31.28  ? 22  MSE A CG  1 
HETATM 180 SE SE  . MSE A 1 26 ? 3.092   -1.633  -6.387  0.80 39.00  ? 22  MSE A SE  1 
HETATM 181 C  CE  . MSE A 1 26 ? 4.925   -1.043  -6.487  1.00 51.16  ? 22  MSE A CE  1 
ATOM   182 N  N   . ILE A 1 27 ? 4.188   -6.510  -3.231  1.00 31.15  ? 23  ILE A N   1 
ATOM   183 C  CA  . ILE A 1 27 ? 4.915   -7.217  -2.179  1.00 29.29  ? 23  ILE A CA  1 
ATOM   184 C  C   . ILE A 1 27 ? 5.127   -8.680  -2.559  1.00 32.03  ? 23  ILE A C   1 
ATOM   185 O  O   . ILE A 1 27 ? 6.241   -9.205  -2.493  1.00 33.76  ? 23  ILE A O   1 
ATOM   186 C  CB  . ILE A 1 27 ? 4.237   -7.095  -0.818  1.00 31.20  ? 23  ILE A CB  1 
ATOM   187 C  CG1 . ILE A 1 27 ? 4.245   -5.636  -0.357  1.00 30.83  ? 23  ILE A CG1 1 
ATOM   188 C  CG2 . ILE A 1 27 ? 4.925   -8.051  0.185   1.00 34.59  ? 23  ILE A CG2 1 
ATOM   189 C  CD1 . ILE A 1 27 ? 3.370   -5.364  0.808   1.00 37.40  ? 23  ILE A CD1 1 
ATOM   190 N  N   . LYS A 1 28 ? 4.087   -9.318  -3.069  1.00 31.16  ? 24  LYS A N   1 
ATOM   191 C  CA  . LYS A 1 28 ? 4.136   -10.745 -3.380  1.00 35.15  ? 24  LYS A CA  1 
ATOM   192 C  C   . LYS A 1 28 ? 5.121   -11.007 -4.514  1.00 37.38  ? 24  LYS A C   1 
ATOM   193 O  O   . LYS A 1 28 ? 5.794   -12.045 -4.526  1.00 37.64  ? 24  LYS A O   1 
ATOM   194 C  CB  . LYS A 1 28 ? 2.753   -11.275 -3.766  1.00 37.70  ? 24  LYS A CB  1 
ATOM   195 C  CG  . LYS A 1 28 ? 2.693   -12.800 -3.816  1.00 47.07  ? 24  LYS A CG  1 
ATOM   196 C  CD  . LYS A 1 28 ? 1.321   -13.393 -4.027  1.00 49.37  ? 24  LYS A CD  1 
ATOM   197 C  CE  . LYS A 1 28 ? 1.392   -14.882 -4.309  1.00 57.96  ? 24  LYS A CE  1 
ATOM   198 N  NZ  . LYS A 1 28 ? 0.113   -15.567 -4.000  1.00 56.78  ? 24  LYS A NZ  1 
ATOM   199 N  N   . ASN A 1 29 ? 5.220   -10.065 -5.449  1.00 34.29  ? 25  ASN A N   1 
ATOM   200 C  CA  . ASN A 1 29 ? 6.006   -10.214 -6.663  1.00 37.14  ? 25  ASN A CA  1 
ATOM   201 C  C   . ASN A 1 29 ? 7.431   -9.688  -6.483  1.00 38.91  ? 25  ASN A C   1 
ATOM   202 O  O   . ASN A 1 29 ? 8.208   -9.656  -7.448  1.00 38.90  ? 25  ASN A O   1 
ATOM   203 C  CB  . ASN A 1 29 ? 5.290   -9.533  -7.838  1.00 40.54  ? 25  ASN A CB  1 
ATOM   204 C  CG  . ASN A 1 29 ? 4.203   -10.410 -8.425  1.00 53.95  ? 25  ASN A CG  1 
ATOM   205 O  OD1 . ASN A 1 29 ? 4.487   -11.271 -9.262  1.00 60.98  ? 25  ASN A OD1 1 
ATOM   206 N  ND2 . ASN A 1 29 ? 2.960   -10.214 -8.000  1.00 54.72  ? 25  ASN A ND2 1 
ATOM   207 N  N   . GLY A 1 30 ? 7.746   -9.177  -5.281  1.00 36.19  ? 26  GLY A N   1 
ATOM   208 C  CA  . GLY A 1 30 ? 9.070   -8.691  -4.916  1.00 38.94  ? 26  GLY A CA  1 
ATOM   209 C  C   . GLY A 1 30 ? 9.403   -7.286  -5.417  1.00 37.19  ? 26  GLY A C   1 
ATOM   210 O  O   . GLY A 1 30 ? 10.551  -6.852  -5.343  1.00 38.08  ? 26  GLY A O   1 
ATOM   211 N  N   A GLU A 1 31 ? 8.415   -6.564  -5.954  0.50 35.19  ? 27  GLU A N   1 
ATOM   212 N  N   B GLU A 1 31 ? 8.370   -6.598  -5.925  0.50 35.88  ? 27  GLU A N   1 
ATOM   213 C  CA  A GLU A 1 31 ? 8.684   -5.199  -6.371  0.50 34.17  ? 27  GLU A CA  1 
ATOM   214 C  CA  B GLU A 1 31 ? 8.491   -5.241  -6.429  0.50 35.65  ? 27  GLU A CA  1 
ATOM   215 C  C   A GLU A 1 31 ? 8.874   -4.303  -5.156  0.50 37.12  ? 27  GLU A C   1 
ATOM   216 C  C   B GLU A 1 31 ? 8.693   -4.249  -5.278  0.50 37.04  ? 27  GLU A C   1 
ATOM   217 O  O   A GLU A 1 31 ? 9.757   -3.439  -5.158  0.50 39.65  ? 27  GLU A O   1 
ATOM   218 O  O   B GLU A 1 31 ? 9.385   -3.247  -5.455  0.50 38.75  ? 27  GLU A O   1 
ATOM   219 C  CB  A GLU A 1 31 ? 7.562   -4.601  -7.213  0.50 35.17  ? 27  GLU A CB  1 
ATOM   220 C  CB  B GLU A 1 31 ? 7.235   -4.881  -7.239  0.50 36.92  ? 27  GLU A CB  1 
ATOM   221 C  CG  A GLU A 1 31 ? 7.861   -3.167  -7.600  0.50 34.87  ? 27  GLU A CG  1 
ATOM   222 C  CG  B GLU A 1 31 ? 6.960   -5.757  -8.469  0.50 38.06  ? 27  GLU A CG  1 
ATOM   223 C  CD  A GLU A 1 31 ? 6.908   -2.545  -8.612  0.50 42.73  ? 27  GLU A CD  1 
ATOM   224 C  CD  B GLU A 1 31 ? 5.610   -5.477  -9.127  0.50 38.12  ? 27  GLU A CD  1 
ATOM   225 O  OE1 A GLU A 1 31 ? 6.049   -3.270  -9.140  0.50 35.81  ? 27  GLU A OE1 1 
ATOM   226 O  OE1 B GLU A 1 31 ? 5.389   -4.324  -9.576  0.50 41.22  ? 27  GLU A OE1 1 
ATOM   227 O  OE2 A GLU A 1 31 ? 7.015   -1.318  -8.840  0.50 38.75  ? 27  GLU A OE2 1 
ATOM   228 O  OE2 B GLU A 1 31 ? 4.762   -6.380  -9.144  0.50 39.18  ? 27  GLU A OE2 1 
ATOM   229 N  N   . LEU A 1 32 ? 8.035   -4.510  -4.131  1.00 31.50  ? 28  LEU A N   1 
ATOM   230 C  CA  . LEU A 1 32 ? 8.180   -3.794  -2.888  1.00 35.49  ? 28  LEU A CA  1 
ATOM   231 C  C   . LEU A 1 32 ? 8.748   -4.804  -1.896  1.00 32.45  ? 28  LEU A C   1 
ATOM   232 O  O   . LEU A 1 32 ? 8.141   -5.852  -1.682  1.00 37.68  ? 28  LEU A O   1 
ATOM   233 C  CB  . LEU A 1 32 ? 6.804   -3.286  -2.434  1.00 35.21  ? 28  LEU A CB  1 
ATOM   234 C  CG  . LEU A 1 32 ? 6.248   -2.129  -3.248  1.00 42.28  ? 28  LEU A CG  1 
ATOM   235 C  CD1 . LEU A 1 32 ? 4.898   -1.720  -2.682  1.00 40.92  ? 28  LEU A CD1 1 
ATOM   236 C  CD2 . LEU A 1 32 ? 7.216   -0.950  -3.268  1.00 47.96  ? 28  LEU A CD2 1 
ATOM   237 N  N   . LYS A 1 33 ? 9.949   -4.521  -1.396  1.00 32.86  ? 29  LYS A N   1 
ATOM   238 C  CA  . LYS A 1 33 ? 10.630  -5.489  -0.561  1.00 32.14  ? 29  LYS A CA  1 
ATOM   239 C  C   . LYS A 1 33 ? 10.655  -5.018  0.889   1.00 34.92  ? 29  LYS A C   1 
ATOM   240 O  O   . LYS A 1 33 ? 10.594  -3.820  1.168   1.00 33.20  ? 29  LYS A O   1 
ATOM   241 C  CB  . LYS A 1 33 ? 12.080  -5.672  -0.985  1.00 38.04  ? 29  LYS A CB  1 
ATOM   242 C  CG  . LYS A 1 33 ? 12.252  -6.250  -2.375  1.00 39.32  ? 29  LYS A CG  1 
ATOM   243 C  CD  . LYS A 1 33 ? 13.715  -6.500  -2.660  1.00 46.78  ? 29  LYS A CD  1 
ATOM   244 C  CE  . LYS A 1 33 ? 13.926  -7.750  -3.489  1.00 50.58  ? 29  LYS A CE  1 
ATOM   245 N  NZ  . LYS A 1 33 ? 13.034  -7.800  -4.675  1.00 51.63  ? 29  LYS A NZ  1 
ATOM   246 N  N   . PRO A 1 34 ? 10.731  -5.966  1.849   1.00 37.24  ? 30  PRO A N   1 
ATOM   247 C  CA  . PRO A 1 34 ? 10.848  -5.605  3.266   1.00 37.01  ? 30  PRO A CA  1 
ATOM   248 C  C   . PRO A 1 34 ? 11.985  -4.607  3.481   1.00 35.47  ? 30  PRO A C   1 
ATOM   249 O  O   . PRO A 1 34 ? 13.132  -4.726  3.025   1.00 35.69  ? 30  PRO A O   1 
ATOM   250 C  CB  . PRO A 1 34 ? 11.054  -6.959  3.972   1.00 41.97  ? 30  PRO A CB  1 
ATOM   251 C  CG  . PRO A 1 34 ? 10.394  -7.942  3.029   1.00 43.19  ? 30  PRO A CG  1 
ATOM   252 C  CD  . PRO A 1 34 ? 10.758  -7.430  1.647   1.00 42.26  ? 30  PRO A CD  1 
ATOM   253 N  N   . GLY A 1 35 ? 11.623  -3.532  4.153   1.00 30.32  ? 31  GLY A N   1 
ATOM   254 C  CA  . GLY A 1 35 ? 12.524  -2.451  4.457   1.00 33.63  ? 31  GLY A CA  1 
ATOM   255 C  C   . GLY A 1 35 ? 12.521  -1.310  3.442   1.00 37.04  ? 31  GLY A C   1 
ATOM   256 O  O   . GLY A 1 35 ? 13.162  -0.298  3.696   1.00 39.63  ? 31  GLY A O   1 
ATOM   257 N  N   . ASP A 1 36 ? 11.819  -1.485  2.301   1.00 34.26  ? 32  ASP A N   1 
ATOM   258 C  CA  . ASP A 1 36 ? 11.756  -0.490  1.238   1.00 33.74  ? 32  ASP A CA  1 
ATOM   259 C  C   . ASP A 1 36 ? 10.911  0.688   1.695   1.00 31.61  ? 32  ASP A C   1 
ATOM   260 O  O   . ASP A 1 36 ? 9.912   0.504   2.405   1.00 34.50  ? 32  ASP A O   1 
ATOM   261 C  CB  . ASP A 1 36 ? 11.132  -0.988  -0.074  1.00 36.62  ? 32  ASP A CB  1 
ATOM   262 C  CG  . ASP A 1 36 ? 12.049  -1.836  -0.944  1.00 39.46  ? 32  ASP A CG  1 
ATOM   263 O  OD1 . ASP A 1 36 ? 13.249  -2.064  -0.550  1.00 44.79  ? 32  ASP A OD1 1 
ATOM   264 O  OD2 . ASP A 1 36 ? 11.562  -2.294  -1.985  1.00 42.94  ? 32  ASP A OD2 1 
ATOM   265 N  N   . LYS A 1 37 ? 11.388  1.884   1.330   1.00 33.60  ? 33  LYS A N   1 
ATOM   266 C  CA  . LYS A 1 37 ? 10.622  3.106   1.517   1.00 35.76  ? 33  LYS A CA  1 
ATOM   267 C  C   . LYS A 1 37 ? 9.577   3.156   0.403   1.00 34.15  ? 33  LYS A C   1 
ATOM   268 O  O   . LYS A 1 37 ? 9.895   2.973   -0.769  1.00 37.71  ? 33  LYS A O   1 
ATOM   269 C  CB  . LYS A 1 37 ? 11.512  4.344   1.463   1.00 37.82  ? 33  LYS A CB  1 
ATOM   270 C  CG  . LYS A 1 37 ? 10.792  5.640   1.803   1.00 42.23  ? 33  LYS A CG  1 
ATOM   271 C  CD  . LYS A 1 37 ? 11.660  6.866   1.600   1.00 50.82  ? 33  LYS A CD  1 
ATOM   272 C  CE  . LYS A 1 37 ? 11.142  8.064   2.366   1.00 61.94  ? 33  LYS A CE  1 
ATOM   273 N  NZ  . LYS A 1 37 ? 11.784  9.323   1.919   1.00 69.81  ? 33  LYS A NZ  1 
ATOM   274 N  N   . LEU A 1 38 ? 8.307   3.340   0.772   1.00 37.43  ? 34  LEU A N   1 
ATOM   275 C  CA  . LEU A 1 38 ? 7.253   3.466   -0.227  1.00 33.77  ? 34  LEU A CA  1 
ATOM   276 C  C   . LEU A 1 38 ? 7.318   4.880   -0.809  1.00 34.35  ? 34  LEU A C   1 
ATOM   277 O  O   . LEU A 1 38 ? 7.727   5.828   -0.147  1.00 35.08  ? 34  LEU A O   1 
ATOM   278 C  CB  . LEU A 1 38 ? 5.878   3.247   0.430   1.00 35.05  ? 34  LEU A CB  1 
ATOM   279 C  CG  . LEU A 1 38 ? 5.541   1.872   0.997   1.00 42.29  ? 34  LEU A CG  1 
ATOM   280 C  CD1 . LEU A 1 38 ? 4.071   1.837   1.396   1.00 42.11  ? 34  LEU A CD1 1 
ATOM   281 C  CD2 . LEU A 1 38 ? 5.824   0.759   0.014   1.00 47.79  ? 34  LEU A CD2 1 
ATOM   282 N  N   . ASP A 1 39 ? 6.867   4.990   -2.064  1.00 32.48  ? 35  ASP A N   1 
ATOM   283 C  CA  . ASP A 1 39 ? 6.618   6.293   -2.677  1.00 34.82  ? 35  ASP A CA  1 
ATOM   284 C  C   . ASP A 1 39 ? 5.647   7.139   -1.847  1.00 30.31  ? 35  ASP A C   1 
ATOM   285 O  O   . ASP A 1 39 ? 4.862   6.636   -1.030  1.00 34.04  ? 35  ASP A O   1 
ATOM   286 C  CB  . ASP A 1 39 ? 6.096   6.070   -4.088  1.00 38.78  ? 35  ASP A CB  1 
ATOM   287 C  CG  . ASP A 1 39 ? 7.081   5.420   -5.044  1.00 46.98  ? 35  ASP A CG  1 
ATOM   288 O  OD1 . ASP A 1 39 ? 8.303   5.472   -4.769  1.00 47.45  ? 35  ASP A OD1 1 
ATOM   289 O  OD2 . ASP A 1 39 ? 6.605   4.779   -6.005  1.00 54.24  ? 35  ASP A OD2 1 
ATOM   290 N  N   . SER A 1 40 ? 5.698   8.467   -2.053  1.00 30.08  ? 36  SER A N   1 
ATOM   291 C  CA  . SER A 1 40 ? 4.884   9.400   -1.314  1.00 29.77  ? 36  SER A CA  1 
ATOM   292 C  C   . SER A 1 40 ? 3.441   9.188   -1.732  1.00 27.58  ? 36  SER A C   1 
ATOM   293 O  O   . SER A 1 40 ? 3.185   8.501   -2.731  1.00 28.92  ? 36  SER A O   1 
ATOM   294 C  CB  . SER A 1 40 ? 5.226   10.826  -1.589  1.00 34.17  ? 36  SER A CB  1 
ATOM   295 O  OG  . SER A 1 40 ? 4.998   11.104  -2.962  1.00 34.18  ? 36  SER A OG  1 
ATOM   296 N  N   . VAL A 1 41 ? 2.550   9.695   -0.900  1.00 29.80  ? 37  VAL A N   1 
ATOM   297 C  CA  . VAL A 1 41 ? 1.120   9.605   -1.167  1.00 28.15  ? 37  VAL A CA  1 
ATOM   298 C  C   . VAL A 1 41 ? 0.838   10.192  -2.549  1.00 33.04  ? 37  VAL A C   1 
ATOM   299 O  O   . VAL A 1 41 ? 0.054   9.648   -3.333  1.00 28.62  ? 37  VAL A O   1 
ATOM   300 C  CB  . VAL A 1 41 ? 0.298   10.289  -0.062  1.00 29.10  ? 37  VAL A CB  1 
ATOM   301 C  CG1 . VAL A 1 41 ? -1.148  10.504  -0.521  1.00 27.37  ? 37  VAL A CG1 1 
ATOM   302 C  CG2 . VAL A 1 41 ? 0.378   9.516   1.259   1.00 31.46  ? 37  VAL A CG2 1 
ATOM   303 N  N   . GLN A 1 42 ? 1.456   11.332  -2.854  1.00 31.36  ? 38  GLN A N   1 
ATOM   304 C  CA  . GLN A 1 42 ? 1.190   11.999  -4.105  1.00 31.52  ? 38  GLN A CA  1 
ATOM   305 C  C   . GLN A 1 42 ? 1.613   11.125  -5.282  1.00 27.96  ? 38  GLN A C   1 
ATOM   306 O  O   . GLN A 1 42 ? 0.870   10.971  -6.265  1.00 28.77  ? 38  GLN A O   1 
ATOM   307 C  CB  . GLN A 1 42 ? 1.946   13.314  -4.111  1.00 34.98  ? 38  GLN A CB  1 
ATOM   308 C  CG  . GLN A 1 42 ? 1.566   14.185  -5.269  1.00 41.16  ? 38  GLN A CG  1 
ATOM   309 C  CD  . GLN A 1 42 ? 2.218   15.532  -5.083  1.00 42.52  ? 38  GLN A CD  1 
ATOM   310 O  OE1 . GLN A 1 42 ? 1.839   16.332  -4.222  1.00 48.03  ? 38  GLN A OE1 1 
ATOM   311 N  NE2 . GLN A 1 42 ? 3.233   15.772  -5.881  1.00 48.53  ? 38  GLN A NE2 1 
ATOM   312 N  N   . ALA A 1 43 ? 2.807   10.484  -5.171  1.00 28.49  ? 39  ALA A N   1 
ATOM   313 C  CA  . ALA A 1 43 ? 3.344   9.663   -6.227  1.00 27.04  ? 39  ALA A CA  1 
ATOM   314 C  C   . ALA A 1 43 ? 2.472   8.434   -6.421  1.00 28.05  ? 39  ALA A C   1 
ATOM   315 O  O   . ALA A 1 43 ? 2.175   8.025   -7.543  1.00 27.79  ? 39  ALA A O   1 
ATOM   316 C  CB  . ALA A 1 43 ? 4.775   9.280   -5.956  1.00 32.34  ? 39  ALA A CB  1 
ATOM   317 N  N   . LEU A 1 44 ? 2.029   7.827   -5.303  1.00 24.36  ? 40  LEU A N   1 
ATOM   318 C  CA  . LEU A 1 44 ? 1.181   6.628   -5.422  1.00 24.87  ? 40  LEU A CA  1 
ATOM   319 C  C   . LEU A 1 44 ? -0.184  7.020   -6.025  1.00 22.72  ? 40  LEU A C   1 
ATOM   320 O  O   . LEU A 1 44 ? -0.804  6.259   -6.781  1.00 26.36  ? 40  LEU A O   1 
ATOM   321 C  CB  . LEU A 1 44 ? 1.023   6.027   -4.006  1.00 26.13  ? 40  LEU A CB  1 
ATOM   322 C  CG  . LEU A 1 44 ? 2.250   5.306   -3.415  1.00 30.83  ? 40  LEU A CG  1 
ATOM   323 C  CD1 . LEU A 1 44 ? 1.970   4.916   -1.965  1.00 29.00  ? 40  LEU A CD1 1 
ATOM   324 C  CD2 . LEU A 1 44 ? 2.657   4.091   -4.227  1.00 33.28  ? 40  LEU A CD2 1 
ATOM   325 N  N   . ALA A 1 45 ? -0.725  8.180   -5.620  1.00 23.08  ? 41  ALA A N   1 
ATOM   326 C  CA  . ALA A 1 45 ? -2.005  8.617   -6.163  1.00 24.27  ? 41  ALA A CA  1 
ATOM   327 C  C   . ALA A 1 45 ? -1.921  8.760   -7.684  1.00 26.67  ? 41  ALA A C   1 
ATOM   328 O  O   . ALA A 1 45 ? -2.824  8.319   -8.415  1.00 26.50  ? 41  ALA A O   1 
ATOM   329 C  CB  . ALA A 1 45 ? -2.469  9.873   -5.500  1.00 24.92  ? 41  ALA A CB  1 
ATOM   330 N  N   . GLU A 1 46 ? -0.878  9.428   -8.155  1.00 26.56  ? 42  GLU A N   1 
ATOM   331 C  CA  . GLU A 1 46 ? -0.709  9.605   -9.586  1.00 26.95  ? 42  GLU A CA  1 
ATOM   332 C  C   . GLU A 1 46 ? -0.554  8.257   -10.275 1.00 28.62  ? 42  GLU A C   1 
ATOM   333 O  O   . GLU A 1 46 ? -1.190  8.043   -11.289 1.00 30.85  ? 42  GLU A O   1 
ATOM   334 C  CB  . GLU A 1 46 ? 0.554   10.418  -9.924  1.00 29.52  ? 42  GLU A CB  1 
ATOM   335 C  CG  . GLU A 1 46 ? 0.487   11.906  -9.774  1.00 34.10  ? 42  GLU A CG  1 
ATOM   336 C  CD  . GLU A 1 46 ? 1.702   12.629  -10.372 1.00 32.28  ? 42  GLU A CD  1 
ATOM   337 O  OE1 . GLU A 1 46 ? 2.091   12.261  -11.509 1.00 33.16  ? 42  GLU A OE1 1 
ATOM   338 O  OE2 . GLU A 1 46 ? 2.165   13.681  -9.774  1.00 37.01  ? 42  GLU A OE2 1 
ATOM   339 N  N   . SER A 1 47 ? 0.295   7.351   -9.743  1.00 27.89  ? 43  SER A N   1 
ATOM   340 C  CA  . SER A 1 47 ? 0.527   6.040   -10.349 1.00 31.15  ? 43  SER A CA  1 
ATOM   341 C  C   . SER A 1 47 ? -0.745  5.194   -10.459 1.00 31.06  ? 43  SER A C   1 
ATOM   342 O  O   . SER A 1 47 ? -0.944  4.525   -11.476 1.00 31.41  ? 43  SER A O   1 
ATOM   343 C  CB  . SER A 1 47 ? 1.615   5.295   -9.627  1.00 34.29  ? 43  SER A CB  1 
ATOM   344 O  OG  . SER A 1 47 ? 1.162   4.806   -8.374  1.00 49.80  ? 43  SER A OG  1 
ATOM   345 N  N   . PHE A 1 48 ? -1.596  5.210   -9.427  1.00 25.93  ? 44  PHE A N   1 
ATOM   346 C  CA  . PHE A 1 48 ? -2.788  4.396   -9.362  1.00 28.95  ? 44  PHE A CA  1 
ATOM   347 C  C   . PHE A 1 48 ? -4.009  5.110   -9.924  1.00 26.11  ? 44  PHE A C   1 
ATOM   348 O  O   . PHE A 1 48 ? -5.084  4.528   -10.014 1.00 29.68  ? 44  PHE A O   1 
ATOM   349 C  CB  . PHE A 1 48 ? -3.087  3.898   -7.945  1.00 27.50  ? 44  PHE A CB  1 
ATOM   350 C  CG  . PHE A 1 48 ? -2.062  2.941   -7.369  1.00 28.29  ? 44  PHE A CG  1 
ATOM   351 C  CD1 . PHE A 1 48 ? -1.743  1.749   -7.994  1.00 34.99  ? 44  PHE A CD1 1 
ATOM   352 C  CD2 . PHE A 1 48 ? -1.450  3.228   -6.168  1.00 30.30  ? 44  PHE A CD2 1 
ATOM   353 C  CE1 . PHE A 1 48 ? -0.832  0.868   -7.411  1.00 32.22  ? 44  PHE A CE1 1 
ATOM   354 C  CE2 . PHE A 1 48 ? -0.511  2.372   -5.610  1.00 31.24  ? 44  PHE A CE2 1 
ATOM   355 C  CZ  . PHE A 1 48 ? -0.222  1.196   -6.236  1.00 31.25  ? 44  PHE A CZ  1 
ATOM   356 N  N   . GLN A 1 49 ? -3.865  6.392   -10.282 1.00 26.38  ? 45  GLN A N   1 
ATOM   357 C  CA  . GLN A 1 49 ? -4.956  7.183   -10.839 1.00 27.09  ? 45  GLN A CA  1 
ATOM   358 C  C   . GLN A 1 49 ? -6.113  7.311   -9.850  1.00 25.83  ? 45  GLN A C   1 
ATOM   359 O  O   . GLN A 1 49 ? -7.284  7.164   -10.207 1.00 29.04  ? 45  GLN A O   1 
ATOM   360 C  CB  . GLN A 1 49 ? -5.430  6.588   -12.169 1.00 32.67  ? 45  GLN A CB  1 
ATOM   361 C  CG  . GLN A 1 49 ? -4.279  6.508   -13.145 1.00 31.95  ? 45  GLN A CG  1 
ATOM   362 C  CD  . GLN A 1 49 ? -4.689  6.183   -14.563 1.00 46.30  ? 45  GLN A CD  1 
ATOM   363 O  OE1 . GLN A 1 49 ? -5.065  7.052   -15.346 1.00 57.55  ? 45  GLN A OE1 1 
ATOM   364 N  NE2 . GLN A 1 49 ? -4.563  4.923   -14.925 1.00 46.93  ? 45  GLN A NE2 1 
ATOM   365 N  N   . VAL A 1 50 ? -5.808  7.601   -8.561  1.00 23.12  ? 46  VAL A N   1 
ATOM   366 C  CA  . VAL A 1 50 ? -6.782  7.770   -7.505  1.00 23.90  ? 46  VAL A CA  1 
ATOM   367 C  C   . VAL A 1 50 ? -6.434  9.009   -6.701  1.00 24.10  ? 46  VAL A C   1 
ATOM   368 O  O   . VAL A 1 50 ? -5.437  9.653   -6.992  1.00 24.16  ? 46  VAL A O   1 
ATOM   369 C  CB  . VAL A 1 50 ? -6.829  6.521   -6.577  1.00 26.54  ? 46  VAL A CB  1 
ATOM   370 C  CG1 . VAL A 1 50 ? -7.248  5.280   -7.319  1.00 25.56  ? 46  VAL A CG1 1 
ATOM   371 C  CG2 . VAL A 1 50 ? -5.483  6.365   -5.843  1.00 26.02  ? 46  VAL A CG2 1 
ATOM   372 N  N   . SER A 1 51 ? -7.268  9.364   -5.747  1.00 23.86  ? 47  SER A N   1 
ATOM   373 C  CA  . SER A 1 51 ? -7.024  10.508  -4.881  1.00 23.66  ? 47  SER A CA  1 
ATOM   374 C  C   . SER A 1 51 ? -5.975  10.210  -3.808  1.00 24.94  ? 47  SER A C   1 
ATOM   375 O  O   . SER A 1 51 ? -5.660  9.061   -3.473  1.00 22.17  ? 47  SER A O   1 
ATOM   376 C  CB  . SER A 1 51 ? -8.297  10.935  -4.202  1.00 26.11  ? 47  SER A CB  1 
ATOM   377 O  OG  . SER A 1 51 ? -8.658  9.970   -3.191  1.00 27.20  ? 47  SER A OG  1 
ATOM   378 N  N   . ARG A 1 52 ? -5.443  11.280  -3.230  1.00 26.16  ? 48  ARG A N   1 
ATOM   379 C  CA  . ARG A 1 52 ? -4.558  11.172  -2.076  1.00 25.95  ? 48  ARG A CA  1 
ATOM   380 C  C   . ARG A 1 52 ? -5.270  10.474  -0.945  1.00 26.16  ? 48  ARG A C   1 
ATOM   381 O  O   . ARG A 1 52 ? -4.670  9.627   -0.241  1.00 25.29  ? 48  ARG A O   1 
ATOM   382 C  CB  . ARG A 1 52 ? -4.147  12.583  -1.600  1.00 27.44  ? 48  ARG A CB  1 
ATOM   383 C  CG  . ARG A 1 52 ? -3.267  13.350  -2.569  1.00 29.77  ? 48  ARG A CG  1 
ATOM   384 C  CD  . ARG A 1 52 ? -3.114  14.800  -2.081  1.00 32.08  ? 48  ARG A CD  1 
ATOM   385 N  NE  . ARG A 1 52 ? -2.710  15.713  -3.142  1.00 35.17  ? 48  ARG A NE  1 
ATOM   386 C  CZ  . ARG A 1 52 ? -1.463  16.131  -3.417  1.00 38.64  ? 48  ARG A CZ  1 
ATOM   387 N  NH1 . ARG A 1 52 ? -0.406  15.713  -2.734  1.00 35.13  ? 48  ARG A NH1 1 
ATOM   388 N  NH2 . ARG A 1 52 ? -1.271  16.956  -4.436  1.00 38.13  ? 48  ARG A NH2 1 
ATOM   389 N  N   A SER A 1 53 ? -6.570  10.780  -0.807  0.50 25.23  ? 49  SER A N   1 
ATOM   390 N  N   B SER A 1 53 ? -6.569  10.768  -0.758  0.50 25.33  ? 49  SER A N   1 
ATOM   391 C  CA  A SER A 1 53 ? -7.367  10.214  0.256   0.50 25.60  ? 49  SER A CA  1 
ATOM   392 C  CA  B SER A 1 53 ? -7.275  10.162  0.351   0.50 25.30  ? 49  SER A CA  1 
ATOM   393 C  C   A SER A 1 53 ? -7.429  8.694   0.176   0.50 24.90  ? 49  SER A C   1 
ATOM   394 C  C   B SER A 1 53 ? -7.378  8.647   0.187   0.50 24.68  ? 49  SER A C   1 
ATOM   395 O  O   A SER A 1 53 ? -7.370  8.037   1.210   0.50 25.99  ? 49  SER A O   1 
ATOM   396 O  O   B SER A 1 53 ? -7.241  7.922   1.167   0.50 25.14  ? 49  SER A O   1 
ATOM   397 C  CB  A SER A 1 53 ? -8.752  10.824  0.228   0.50 30.29  ? 49  SER A CB  1 
ATOM   398 C  CB  B SER A 1 53 ? -8.636  10.801  0.545   0.50 30.72  ? 49  SER A CB  1 
ATOM   399 O  OG  A SER A 1 53 ? -9.541  10.378  1.314   0.50 31.57  ? 49  SER A OG  1 
ATOM   400 O  OG  B SER A 1 53 ? -9.401  10.684  -0.645  0.50 33.41  ? 49  SER A OG  1 
ATOM   401 N  N   . ALA A 1 54 ? -7.618  8.153   -1.038  1.00 22.24  ? 50  ALA A N   1 
ATOM   402 C  CA  . ALA A 1 54 ? -7.701  6.723   -1.263  1.00 22.85  ? 50  ALA A CA  1 
ATOM   403 C  C   . ALA A 1 54 ? -6.378  6.075   -0.883  1.00 23.77  ? 50  ALA A C   1 
ATOM   404 O  O   . ALA A 1 54 ? -6.355  4.980   -0.343  1.00 23.93  ? 50  ALA A O   1 
ATOM   405 C  CB  . ALA A 1 54 ? -8.037  6.480   -2.712  1.00 25.77  ? 50  ALA A CB  1 
ATOM   406 N  N   . VAL A 1 55 ? -5.274  6.680   -1.301  1.00 22.98  ? 51  VAL A N   1 
ATOM   407 C  CA  . VAL A 1 55 ? -3.976  6.124   -0.958  1.00 23.02  ? 51  VAL A CA  1 
ATOM   408 C  C   . VAL A 1 55 ? -3.787  6.079   0.545   1.00 23.22  ? 51  VAL A C   1 
ATOM   409 O  O   . VAL A 1 55 ? -3.271  5.090   1.060   1.00 24.22  ? 51  VAL A O   1 
ATOM   410 C  CB  . VAL A 1 55 ? -2.828  6.878   -1.627  1.00 23.10  ? 51  VAL A CB  1 
ATOM   411 C  CG1 . VAL A 1 55 ? -1.451  6.346   -1.182  1.00 23.71  ? 51  VAL A CG1 1 
ATOM   412 C  CG2 . VAL A 1 55 ? -2.934  6.804   -3.147  1.00 24.87  ? 51  VAL A CG2 1 
ATOM   413 N  N   . ARG A 1 56 ? -4.116  7.174   1.225   1.00 23.61  ? 52  ARG A N   1 
ATOM   414 C  CA  A ARG A 1 56 ? -3.953  7.182   2.669   0.50 24.01  ? 52  ARG A CA  1 
ATOM   415 C  CA  B ARG A 1 56 ? -3.955  7.181   2.671   0.50 27.13  ? 52  ARG A CA  1 
ATOM   416 C  C   . ARG A 1 56 ? -4.788  6.077   3.324   1.00 26.91  ? 52  ARG A C   1 
ATOM   417 O  O   . ARG A 1 56 ? -4.347  5.429   4.295   1.00 27.38  ? 52  ARG A O   1 
ATOM   418 C  CB  A ARG A 1 56 ? -4.267  8.585   3.185   0.50 24.87  ? 52  ARG A CB  1 
ATOM   419 C  CB  B ARG A 1 56 ? -4.283  8.554   3.253   0.50 33.06  ? 52  ARG A CB  1 
ATOM   420 C  CG  A ARG A 1 56 ? -3.202  9.604   2.832   0.50 24.80  ? 52  ARG A CG  1 
ATOM   421 C  CG  B ARG A 1 56 ? -3.048  9.346   3.644   0.50 39.61  ? 52  ARG A CG  1 
ATOM   422 C  CD  A ARG A 1 56 ? -3.389  10.947  3.533   0.50 29.26  ? 52  ARG A CD  1 
ATOM   423 C  CD  B ARG A 1 56 ? -2.845  10.629  2.876   0.50 43.80  ? 52  ARG A CD  1 
ATOM   424 N  NE  A ARG A 1 56 ? -2.072  11.557  3.669   0.50 37.43  ? 52  ARG A NE  1 
ATOM   425 N  NE  B ARG A 1 56 ? -4.015  11.458  3.083   0.50 41.48  ? 52  ARG A NE  1 
ATOM   426 C  CZ  A ARG A 1 56 ? -1.590  12.567  2.944   0.50 43.63  ? 52  ARG A CZ  1 
ATOM   427 C  CZ  B ARG A 1 56 ? -4.199  12.653  2.541   0.50 37.14  ? 52  ARG A CZ  1 
ATOM   428 N  NH1 A ARG A 1 56 ? -0.366  13.008  3.181   0.50 45.05  ? 52  ARG A NH1 1 
ATOM   429 N  NH1 B ARG A 1 56 ? -5.421  13.026  2.237   0.50 26.56  ? 52  ARG A NH1 1 
ATOM   430 N  NH2 A ARG A 1 56 ? -2.310  13.131  1.987   0.50 46.05  ? 52  ARG A NH2 1 
ATOM   431 N  NH2 B ARG A 1 56 ? -3.173  13.387  2.158   0.50 39.02  ? 52  ARG A NH2 1 
ATOM   432 N  N   . GLU A 1 57 ? -6.031  5.840   2.846   1.00 24.54  ? 53  GLU A N   1 
ATOM   433 C  CA  . GLU A 1 57 ? -6.851  4.794   3.440   1.00 25.89  ? 53  GLU A CA  1 
ATOM   434 C  C   . GLU A 1 57 ? -6.220  3.419   3.185   1.00 26.21  ? 53  GLU A C   1 
ATOM   435 O  O   . GLU A 1 57 ? -6.357  2.503   3.998   1.00 27.26  ? 53  GLU A O   1 
ATOM   436 C  CB  . GLU A 1 57 ? -8.286  4.915   2.928   1.00 29.98  ? 53  GLU A CB  1 
ATOM   437 C  CG  . GLU A 1 57 ? -9.298  4.145   3.760   1.00 38.81  ? 53  GLU A CG  1 
ATOM   438 C  CD  . GLU A 1 57 ? -10.737 4.641   3.709   1.00 47.77  ? 53  GLU A CD  1 
ATOM   439 O  OE1 . GLU A 1 57 ? -11.093 5.422   2.775   1.00 37.96  ? 53  GLU A OE1 1 
ATOM   440 O  OE2 . GLU A 1 57 ? -11.490 4.275   4.641   1.00 47.58  ? 53  GLU A OE2 1 
ATOM   441 N  N   . ALA A 1 58 ? -5.644  3.235   2.002   1.00 23.12  ? 54  ALA A N   1 
ATOM   442 C  CA  . ALA A 1 58 ? -4.971  1.994   1.652   1.00 21.20  ? 54  ALA A CA  1 
ATOM   443 C  C   . ALA A 1 58 ? -3.759  1.773   2.571   1.00 24.67  ? 54  ALA A C   1 
ATOM   444 O  O   . ALA A 1 58 ? -3.575  0.666   3.068   1.00 26.25  ? 54  ALA A O   1 
ATOM   445 C  CB  . ALA A 1 58 ? -4.581  1.881   0.210   1.00 24.25  ? 54  ALA A CB  1 
ATOM   446 N  N   . LEU A 1 59 ? -2.986  2.815   2.792   1.00 23.83  ? 55  LEU A N   1 
ATOM   447 C  CA  . LEU A 1 59 ? -1.800  2.682   3.664   1.00 23.43  ? 55  LEU A CA  1 
ATOM   448 C  C   . LEU A 1 59 ? -2.242  2.446   5.094   1.00 27.54  ? 55  LEU A C   1 
ATOM   449 O  O   . LEU A 1 59 ? -1.556  1.668   5.770   1.00 27.02  ? 55  LEU A O   1 
ATOM   450 C  CB  . LEU A 1 59 ? -0.945  3.937   3.577   1.00 23.07  ? 55  LEU A CB  1 
ATOM   451 C  CG  . LEU A 1 59 ? -0.299  4.162   2.208   1.00 23.64  ? 55  LEU A CG  1 
ATOM   452 C  CD1 . LEU A 1 59 ? 0.456   5.482   2.162   1.00 23.95  ? 55  LEU A CD1 1 
ATOM   453 C  CD2 . LEU A 1 59 ? 0.591   3.022   1.862   1.00 24.22  ? 55  LEU A CD2 1 
ATOM   454 N  N   . SER A 1 60 ? -3.347  3.036   5.531   1.00 25.85  ? 56  SER A N   1 
ATOM   455 C  CA  . SER A 1 60 ? -3.849  2.711   6.869   1.00 27.78  ? 56  SER A CA  1 
ATOM   456 C  C   . SER A 1 60 ? -4.241  1.239   6.957   1.00 31.29  ? 56  SER A C   1 
ATOM   457 O  O   . SER A 1 60 ? -4.056  0.623   8.016   1.00 33.94  ? 56  SER A O   1 
ATOM   458 C  CB  . SER A 1 60 ? -5.007  3.582   7.268   1.00 31.47  ? 56  SER A CB  1 
ATOM   459 O  OG  . SER A 1 60 ? -4.635  4.933   7.260   1.00 38.06  ? 56  SER A OG  1 
ATOM   460 N  N   . ALA A 1 61 ? -4.813  0.678   5.899   1.00 28.51  ? 57  ALA A N   1 
ATOM   461 C  CA  . ALA A 1 61 ? -5.213  -0.724  5.882   1.00 29.61  ? 57  ALA A CA  1 
ATOM   462 C  C   . ALA A 1 61 ? -3.951  -1.595  6.001   1.00 30.40  ? 57  ALA A C   1 
ATOM   463 O  O   . ALA A 1 61 ? -3.938  -2.543  6.796   1.00 34.15  ? 57  ALA A O   1 
ATOM   464 C  CB  . ALA A 1 61 ? -6.044  -1.045  4.661   1.00 32.60  ? 57  ALA A CB  1 
ATOM   465 N  N   . LEU A 1 62 ? -2.891  -1.246  5.277   1.00 29.82  ? 58  LEU A N   1 
ATOM   466 C  CA  . LEU A 1 62 ? -1.669  -2.049  5.354   1.00 29.82  ? 58  LEU A CA  1 
ATOM   467 C  C   . LEU A 1 62 ? -1.059  -1.917  6.747   1.00 31.76  ? 58  LEU A C   1 
ATOM   468 O  O   . LEU A 1 62 ? -0.405  -2.855  7.224   1.00 30.80  ? 58  LEU A O   1 
ATOM   469 C  CB  . LEU A 1 62 ? -0.614  -1.616  4.326   1.00 29.95  ? 58  LEU A CB  1 
ATOM   470 C  CG  . LEU A 1 62 ? -0.944  -1.771  2.844   1.00 40.77  ? 58  LEU A CG  1 
ATOM   471 C  CD1 . LEU A 1 62 ? 0.331   -1.777  1.991   1.00 44.19  ? 58  LEU A CD1 1 
ATOM   472 C  CD2 . LEU A 1 62 ? -1.797  -2.988  2.563   1.00 40.74  ? 58  LEU A CD2 1 
ATOM   473 N  N   . LYS A 1 63 ? -1.125  -0.731  7.340   1.00 28.04  ? 59  LYS A N   1 
ATOM   474 C  CA  . LYS A 1 63 ? -0.571  -0.484  8.670   1.00 31.65  ? 59  LYS A CA  1 
ATOM   475 C  C   . LYS A 1 63 ? -1.274  -1.347  9.707   1.00 39.43  ? 59  LYS A C   1 
ATOM   476 O  O   . LYS A 1 63 ? -0.611  -1.885  10.594  1.00 40.02  ? 59  LYS A O   1 
ATOM   477 C  CB  . LYS A 1 63 ? -0.702  0.980   9.106   1.00 35.08  ? 59  LYS A CB  1 
ATOM   478 C  CG  . LYS A 1 63 ? -0.045  1.338   10.442  1.00 39.07  ? 59  LYS A CG  1 
ATOM   479 C  CD  . LYS A 1 63 ? -0.024  2.827   10.765  1.00 47.69  ? 59  LYS A CD  1 
ATOM   480 C  CE  . LYS A 1 63 ? 1.027   3.600   9.996   1.00 54.06  ? 59  LYS A CE  1 
ATOM   481 N  NZ  . LYS A 1 63 ? 2.410   3.298   10.422  1.00 65.20  ? 59  LYS A NZ  1 
ATOM   482 N  N   . ALA A 1 64 ? -2.603  -1.435  9.605   1.00 36.40  ? 60  ALA A N   1 
ATOM   483 C  CA  . ALA A 1 64 ? -3.425  -2.311  10.439  1.00 39.88  ? 60  ALA A CA  1 
ATOM   484 C  C   . ALA A 1 64 ? -3.108  -3.802  10.274  1.00 44.23  ? 60  ALA A C   1 
ATOM   485 O  O   . ALA A 1 64 ? -3.419  -4.603  11.156  1.00 49.24  ? 60  ALA A O   1 
ATOM   486 C  CB  . ALA A 1 64 ? -4.880  -2.050  10.125  1.00 41.71  ? 60  ALA A CB  1 
HETATM 487 N  N   . MSE A 1 65 ? -2.556  -4.200  9.129   1.00 39.16  ? 61  MSE A N   1 
HETATM 488 C  CA  . MSE A 1 65 ? -2.137  -5.560  8.859   1.00 38.87  ? 61  MSE A CA  1 
HETATM 489 C  C   . MSE A 1 65 ? -0.719  -5.785  9.375   1.00 37.87  ? 61  MSE A C   1 
HETATM 490 O  O   . MSE A 1 65 ? -0.203  -6.886  9.239   1.00 46.44  ? 61  MSE A O   1 
HETATM 491 C  CB  . MSE A 1 65 ? -2.185  -5.868  7.361   1.00 43.05  ? 61  MSE A CB  1 
HETATM 492 C  CG  . MSE A 1 65 ? -3.575  -5.939  6.758   1.00 49.29  ? 61  MSE A CG  1 
HETATM 493 SE SE  . MSE A 1 65 ? -3.464  -5.935  4.797   1.00 54.99  ? 61  MSE A SE  1 
HETATM 494 C  CE  . MSE A 1 65 ? -3.636  -7.859  4.472   1.00 61.60  ? 61  MSE A CE  1 
ATOM   495 N  N   . GLY A 1 66 ? -0.094  -4.748  9.944   1.00 37.58  ? 62  GLY A N   1 
ATOM   496 C  CA  . GLY A 1 66 ? 1.276   -4.855  10.441  1.00 38.26  ? 62  GLY A CA  1 
ATOM   497 C  C   . GLY A 1 66 ? 2.351   -4.863  9.351   1.00 38.81  ? 62  GLY A C   1 
ATOM   498 O  O   . GLY A 1 66 ? 3.491   -5.264  9.597   1.00 39.20  ? 62  GLY A O   1 
ATOM   499 N  N   . LEU A 1 67 ? 2.063   -4.312  8.167   1.00 38.65  ? 63  LEU A N   1 
ATOM   500 C  CA  . LEU A 1 67 ? 3.016   -4.396  7.056   1.00 33.58  ? 63  LEU A CA  1 
ATOM   501 C  C   . LEU A 1 67 ? 3.870   -3.144  6.891   1.00 35.08  ? 63  LEU A C   1 
ATOM   502 O  O   . LEU A 1 67 ? 4.833   -3.142  6.118   1.00 35.88  ? 63  LEU A O   1 
ATOM   503 C  CB  . LEU A 1 67 ? 2.313   -4.744  5.733   1.00 37.05  ? 63  LEU A CB  1 
ATOM   504 C  CG  . LEU A 1 67 ? 1.432   -5.996  5.717   1.00 40.18  ? 63  LEU A CG  1 
ATOM   505 C  CD1 . LEU A 1 67 ? 0.818   -6.246  4.347   1.00 37.57  ? 63  LEU A CD1 1 
ATOM   506 C  CD2 . LEU A 1 67 ? 2.189   -7.240  6.182   1.00 49.43  ? 63  LEU A CD2 1 
ATOM   507 N  N   . VAL A 1 68 ? 3.518   -2.076  7.603   1.00 37.46  ? 64  VAL A N   1 
ATOM   508 C  CA  . VAL A 1 68 ? 4.068   -0.748  7.411   1.00 41.74  ? 64  VAL A CA  1 
ATOM   509 C  C   . VAL A 1 68 ? 4.739   -0.324  8.705   1.00 42.44  ? 64  VAL A C   1 
ATOM   510 O  O   . VAL A 1 68 ? 4.210   -0.649  9.765   1.00 53.09  ? 64  VAL A O   1 
ATOM   511 C  CB  . VAL A 1 68 ? 2.935   0.252   7.080   1.00 49.45  ? 64  VAL A CB  1 
ATOM   512 C  CG1 . VAL A 1 68 ? 3.343   1.676   7.416   1.00 52.99  ? 64  VAL A CG1 1 
ATOM   513 C  CG2 . VAL A 1 68 ? 2.471   0.132   5.651   1.00 53.09  ? 64  VAL A CG2 1 
ATOM   514 N  N   . GLU A 1 69 ? 5.812   0.480   8.628   1.00 42.88  ? 65  GLU A N   1 
ATOM   515 C  CA  . GLU A 1 69 ? 6.282   1.184   9.816   1.00 57.54  ? 65  GLU A CA  1 
ATOM   516 C  C   . GLU A 1 69 ? 6.973   2.504   9.452   1.00 64.06  ? 65  GLU A C   1 
ATOM   517 O  O   . GLU A 1 69 ? 7.120   2.841   8.277   1.00 55.51  ? 65  GLU A O   1 
ATOM   518 C  CB  . GLU A 1 69 ? 7.164   0.242   10.644  1.00 54.68  ? 65  GLU A CB  1 
ATOM   519 C  CG  . GLU A 1 69 ? 8.467   -0.162  9.985   1.00 55.01  ? 65  GLU A CG  1 
ATOM   520 C  CD  . GLU A 1 69 ? 9.204   -1.345  10.610  1.00 58.87  ? 65  GLU A CD  1 
ATOM   521 O  OE1 . GLU A 1 69 ? 8.820   -1.820  11.728  1.00 50.19  ? 65  GLU A OE1 1 
ATOM   522 O  OE2 . GLU A 1 69 ? 10.165  -1.815  9.963   1.00 58.72  ? 65  GLU A OE2 1 
HETATM 523 N  N   . MSE A 1 70 ? 7.375   3.260   10.487  1.00 78.03  ? 66  MSE A N   1 
HETATM 524 C  CA  . MSE A 1 70 ? 8.205   4.448   10.332  1.00 91.46  ? 66  MSE A CA  1 
HETATM 525 C  C   . MSE A 1 70 ? 9.596   4.170   10.904  1.00 101.07 ? 66  MSE A C   1 
HETATM 526 O  O   . MSE A 1 70 ? 9.708   3.556   11.963  1.00 107.46 ? 66  MSE A O   1 
HETATM 527 C  CB  . MSE A 1 70 ? 7.577   5.641   11.062  1.00 100.14 ? 66  MSE A CB  1 
HETATM 528 C  CG  . MSE A 1 70 ? 6.299   6.152   10.434  1.00 113.98 ? 66  MSE A CG  1 
HETATM 529 SE SE  . MSE A 1 70 ? 5.473   7.597   11.481  1.00 137.23 ? 66  MSE A SE  1 
HETATM 530 C  CE  . MSE A 1 70 ? 6.698   9.066   11.049  1.00 131.87 ? 66  MSE A CE  1 
ATOM   531 N  N   . LYS A 1 71 ? 10.644  4.620   10.193  1.00 108.19 ? 67  LYS A N   1 
ATOM   532 C  CA  . LYS A 1 71 ? 12.000  4.659   10.727  1.00 111.01 ? 67  LYS A CA  1 
ATOM   533 C  C   . LYS A 1 71 ? 12.290  6.058   11.267  1.00 122.80 ? 67  LYS A C   1 
ATOM   534 O  O   . LYS A 1 71 ? 12.787  6.913   10.534  1.00 125.28 ? 67  LYS A O   1 
ATOM   535 C  CB  . LYS A 1 71 ? 13.052  4.330   9.664   1.00 104.46 ? 67  LYS A CB  1 
ATOM   536 C  CG  . LYS A 1 71 ? 13.041  2.908   9.119   1.00 101.84 ? 67  LYS A CG  1 
ATOM   537 C  CD  . LYS A 1 71 ? 14.346  2.517   8.447   1.00 100.76 ? 67  LYS A CD  1 
ATOM   538 C  CE  . LYS A 1 71 ? 15.014  3.666   7.718   1.00 103.31 ? 67  LYS A CE  1 
ATOM   539 N  NZ  . LYS A 1 71 ? 16.169  3.216   6.908   1.00 107.14 ? 67  LYS A NZ  1 
ATOM   540 N  N   . GLN A 1 72 ? 11.987  6.264   12.558  1.00 127.37 ? 68  GLN A N   1 
ATOM   541 C  CA  . GLN A 1 72 ? 12.012  7.572   13.203  1.00 127.49 ? 68  GLN A CA  1 
ATOM   542 C  C   . GLN A 1 72 ? 10.892  8.434   12.616  1.00 121.79 ? 68  GLN A C   1 
ATOM   543 O  O   . GLN A 1 72 ? 9.877   8.662   13.273  1.00 106.11 ? 68  GLN A O   1 
ATOM   544 C  CB  . GLN A 1 72 ? 13.392  8.235   13.090  1.00 129.31 ? 68  GLN A CB  1 
ATOM   545 C  CG  . GLN A 1 72 ? 14.551  7.326   13.476  1.00 131.90 ? 68  GLN A CG  1 
ATOM   546 C  CD  . GLN A 1 72 ? 14.354  6.673   14.823  1.00 132.41 ? 68  GLN A CD  1 
ATOM   547 O  OE1 . GLN A 1 72 ? 14.199  5.458   14.926  1.00 128.49 ? 68  GLN A OE1 1 
ATOM   548 N  NE2 . GLN A 1 72 ? 14.342  7.483   15.869  1.00 134.50 ? 68  GLN A NE2 1 
ATOM   549 N  N   . GLY A 1 73 ? 11.087  8.892   11.373  1.00 124.88 ? 69  GLY A N   1 
ATOM   550 C  CA  . GLY A 1 73 ? 10.085  9.650   10.642  1.00 125.70 ? 69  GLY A CA  1 
ATOM   551 C  C   . GLY A 1 73 ? 10.524  9.894   9.202   1.00 128.26 ? 69  GLY A C   1 
ATOM   552 O  O   . GLY A 1 73 ? 11.490  9.287   8.737   1.00 135.32 ? 69  GLY A O   1 
ATOM   553 N  N   . GLU A 1 74 ? 9.799   10.779  8.507   1.00 123.56 ? 70  GLU A N   1 
ATOM   554 C  CA  . GLU A 1 74 ? 10.109  11.139  7.130   1.00 118.22 ? 70  GLU A CA  1 
ATOM   555 C  C   . GLU A 1 74 ? 10.122  9.882   6.257   1.00 101.46 ? 70  GLU A C   1 
ATOM   556 O  O   . GLU A 1 74 ? 11.169  9.476   5.748   1.00 99.04  ? 70  GLU A O   1 
ATOM   557 C  CB  . GLU A 1 74 ? 11.431  11.914  7.066   1.00 126.56 ? 70  GLU A CB  1 
ATOM   558 C  CG  . GLU A 1 74 ? 11.501  13.086  8.034   1.00 133.91 ? 70  GLU A CG  1 
ATOM   559 C  CD  . GLU A 1 74 ? 10.375  14.100  7.916   1.00 141.49 ? 70  GLU A CD  1 
ATOM   560 O  OE1 . GLU A 1 74 ? 9.587   14.219  8.876   1.00 145.17 ? 70  GLU A OE1 1 
ATOM   561 O  OE2 . GLU A 1 74 ? 10.294  14.775  6.870   1.00 145.86 ? 70  GLU A OE2 1 
ATOM   562 N  N   . GLY A 1 75 ? 8.938   9.267   6.115   1.00 80.89  ? 71  GLY A N   1 
ATOM   563 C  CA  . GLY A 1 75 ? 8.704   8.211   5.141   1.00 60.59  ? 71  GLY A CA  1 
ATOM   564 C  C   . GLY A 1 75 ? 7.911   7.036   5.709   1.00 49.28  ? 71  GLY A C   1 
ATOM   565 O  O   . GLY A 1 75 ? 7.875   6.792   6.914   1.00 48.06  ? 71  GLY A O   1 
ATOM   566 N  N   . THR A 1 76 ? 7.267   6.304   4.802   1.00 39.19  ? 72  THR A N   1 
ATOM   567 C  CA  . THR A 1 76 ? 6.596   5.062   5.142   1.00 39.55  ? 72  THR A CA  1 
ATOM   568 C  C   . THR A 1 76 ? 7.387   3.910   4.527   1.00 34.04  ? 72  THR A C   1 
ATOM   569 O  O   . THR A 1 76 ? 7.763   3.970   3.364   1.00 38.67  ? 72  THR A O   1 
ATOM   570 C  CB  . THR A 1 76 ? 5.148   5.053   4.619   1.00 41.51  ? 72  THR A CB  1 
ATOM   571 O  OG1 . THR A 1 76 ? 4.518   6.226   5.144   1.00 45.54  ? 72  THR A OG1 1 
ATOM   572 C  CG2 . THR A 1 76 ? 4.373   3.824   5.019   1.00 40.89  ? 72  THR A CG2 1 
ATOM   573 N  N   . TYR A 1 77 ? 7.601   2.869   5.329   1.00 34.81  ? 73  TYR A N   1 
ATOM   574 C  CA  . TYR A 1 77 ? 8.528   1.798   5.031   1.00 34.69  ? 73  TYR A CA  1 
ATOM   575 C  C   . TYR A 1 77 ? 7.764   0.501   5.210   1.00 33.07  ? 73  TYR A C   1 
ATOM   576 O  O   . TYR A 1 77 ? 6.947   0.387   6.137   1.00 33.74  ? 73  TYR A O   1 
ATOM   577 C  CB  . TYR A 1 77 ? 9.755   1.714   5.956   1.00 34.22  ? 73  TYR A CB  1 
ATOM   578 C  CG  . TYR A 1 77 ? 10.722  2.861   5.779   1.00 35.18  ? 73  TYR A CG  1 
ATOM   579 C  CD1 . TYR A 1 77 ? 10.455  4.090   6.381   1.00 43.13  ? 73  TYR A CD1 1 
ATOM   580 C  CD2 . TYR A 1 77 ? 11.832  2.766   4.940   1.00 41.40  ? 73  TYR A CD2 1 
ATOM   581 C  CE1 . TYR A 1 77 ? 11.293  5.176   6.218   1.00 43.49  ? 73  TYR A CE1 1 
ATOM   582 C  CE2 . TYR A 1 77 ? 12.662  3.864   4.746   1.00 42.79  ? 73  TYR A CE2 1 
ATOM   583 C  CZ  . TYR A 1 77 ? 12.385  5.066   5.380   1.00 47.11  ? 73  TYR A CZ  1 
ATOM   584 O  OH  . TYR A 1 77 ? 13.203  6.152   5.240   1.00 58.68  ? 73  TYR A OH  1 
ATOM   585 N  N   . LEU A 1 78 ? 8.000   -0.449  4.321   1.00 30.49  ? 74  LEU A N   1 
ATOM   586 C  CA  . LEU A 1 78 ? 7.538   -1.802  4.524   1.00 30.67  ? 74  LEU A CA  1 
ATOM   587 C  C   . LEU A 1 78 ? 8.369   -2.406  5.661   1.00 31.23  ? 74  LEU A C   1 
ATOM   588 O  O   . LEU A 1 78 ? 9.589   -2.326  5.623   1.00 31.57  ? 74  LEU A O   1 
ATOM   589 C  CB  . LEU A 1 78 ? 7.680   -2.640  3.252   1.00 36.29  ? 74  LEU A CB  1 
ATOM   590 C  CG  . LEU A 1 78 ? 6.905   -3.965  3.210   1.00 43.13  ? 74  LEU A CG  1 
ATOM   591 C  CD1 . LEU A 1 78 ? 5.413   -3.730  3.007   1.00 48.48  ? 74  LEU A CD1 1 
ATOM   592 C  CD2 . LEU A 1 78 ? 7.399   -4.878  2.092   1.00 49.57  ? 74  LEU A CD2 1 
ATOM   593 N  N   . LYS A 1 79 ? 7.665   -2.987  6.621   1.00 32.44  ? 75  LYS A N   1 
ATOM   594 C  CA  . LYS A 1 79 ? 8.301   -3.665  7.740   1.00 33.92  ? 75  LYS A CA  1 
ATOM   595 C  C   . LYS A 1 79 ? 9.304   -4.703  7.251   1.00 33.66  ? 75  LYS A C   1 
ATOM   596 O  O   . LYS A 1 79 ? 9.037   -5.458  6.310   1.00 32.40  ? 75  LYS A O   1 
ATOM   597 C  CB  . LYS A 1 79 ? 7.238   -4.332  8.598   1.00 38.19  ? 75  LYS A CB  1 
ATOM   598 C  CG  . LYS A 1 79 ? 7.774   -4.746  9.963   1.00 44.70  ? 75  LYS A CG  1 
ATOM   599 C  CD  . LYS A 1 79 ? 6.711   -5.181  10.904  1.00 47.02  ? 75  LYS A CD  1 
ATOM   600 C  CE  . LYS A 1 79 ? 5.885   -4.028  11.414  1.00 55.51  ? 75  LYS A CE  1 
ATOM   601 N  NZ  . LYS A 1 79 ? 4.996   -4.484  12.509  1.00 62.64  ? 75  LYS A NZ  1 
ATOM   602 N  N   . GLU A 1 80 ? 10.472  -4.724  7.918   1.00 32.39  ? 76  GLU A N   1 
ATOM   603 C  CA  . GLU A 1 80 ? 11.543  -5.644  7.574   1.00 31.47  ? 76  GLU A CA  1 
ATOM   604 C  C   . GLU A 1 80 ? 11.605  -6.769  8.619   1.00 35.36  ? 76  GLU A C   1 
ATOM   605 O  O   . GLU A 1 80 ? 11.756  -7.952  8.278   1.00 36.91  ? 76  GLU A O   1 
ATOM   606 C  CB  . GLU A 1 80 ? 12.835  -4.842  7.438   1.00 34.87  ? 76  GLU A CB  1 
ATOM   607 C  CG  . GLU A 1 80 ? 13.987  -5.599  6.815   1.00 36.89  ? 76  GLU A CG  1 
ATOM   608 C  CD  . GLU A 1 80 ? 15.142  -4.697  6.418   1.00 41.91  ? 76  GLU A CD  1 
ATOM   609 O  OE1 . GLU A 1 80 ? 15.243  -3.534  6.937   1.00 52.11  ? 76  GLU A OE1 1 
ATOM   610 O  OE2 . GLU A 1 80 ? 15.975  -5.172  5.635   1.00 58.67  ? 76  GLU A OE2 1 
ATOM   611 N  N   . PHE A 1 81 ? 11.550  -6.394  9.907   1.00 30.89  ? 77  PHE A N   1 
ATOM   612 C  CA  . PHE A 1 81 ? 11.763  -7.325  11.007  1.00 31.51  ? 77  PHE A CA  1 
ATOM   613 C  C   . PHE A 1 81 ? 10.564  -7.289  11.939  1.00 31.47  ? 77  PHE A C   1 
ATOM   614 O  O   . PHE A 1 81 ? 10.196  -6.221  12.440  1.00 34.62  ? 77  PHE A O   1 
ATOM   615 C  CB  . PHE A 1 81 ? 13.037  -6.963  11.794  1.00 29.74  ? 77  PHE A CB  1 
ATOM   616 C  CG  . PHE A 1 81 ? 14.281  -6.865  10.974  1.00 28.48  ? 77  PHE A CG  1 
ATOM   617 C  CD1 . PHE A 1 81 ? 14.817  -7.985  10.342  1.00 29.09  ? 77  PHE A CD1 1 
ATOM   618 C  CD2 . PHE A 1 81 ? 14.897  -5.639  10.774  1.00 27.27  ? 77  PHE A CD2 1 
ATOM   619 C  CE1 . PHE A 1 81 ? 15.959  -7.876  9.588   1.00 27.07  ? 77  PHE A CE1 1 
ATOM   620 C  CE2 . PHE A 1 81 ? 16.006  -5.536  9.952   1.00 28.75  ? 77  PHE A CE2 1 
ATOM   621 C  CZ  . PHE A 1 81 ? 16.551  -6.665  9.378   1.00 31.02  ? 77  PHE A CZ  1 
ATOM   622 N  N   A GLU A 1 82 ? 9.960   -8.452  12.172  0.50 39.21  ? 78  GLU A N   1 
ATOM   623 N  N   B GLU A 1 82 ? 9.986   -8.478  12.161  0.50 40.00  ? 78  GLU A N   1 
ATOM   624 C  CA  A GLU A 1 82 ? 8.759   -8.539  12.983  0.50 42.65  ? 78  GLU A CA  1 
ATOM   625 C  CA  B GLU A 1 82 ? 8.824   -8.677  13.017  0.50 43.72  ? 78  GLU A CA  1 
ATOM   626 C  C   A GLU A 1 82 ? 9.152   -8.645  14.465  0.50 33.96  ? 78  GLU A C   1 
ATOM   627 C  C   B GLU A 1 82 ? 9.156   -8.299  14.463  0.50 36.05  ? 78  GLU A C   1 
ATOM   628 O  O   A GLU A 1 82 ? 10.311  -9.020  14.733  0.50 27.26  ? 78  GLU A O   1 
ATOM   629 O  O   B GLU A 1 82 ? 8.258   -7.716  15.089  0.50 32.83  ? 78  GLU A O   1 
ATOM   630 C  CB  A GLU A 1 82 ? 7.895   -9.705  12.495  0.50 48.82  ? 78  GLU A CB  1 
ATOM   631 C  CB  B GLU A 1 82 ? 8.344   -10.132 12.990  0.50 50.10  ? 78  GLU A CB  1 
ATOM   632 C  CG  A GLU A 1 82 ? 7.241   -9.467  11.132  0.50 57.36  ? 78  GLU A CG  1 
ATOM   633 C  CG  B GLU A 1 82 ? 7.240   -10.412 11.981  0.50 58.03  ? 78  GLU A CG  1 
ATOM   634 C  CD  A GLU A 1 82 ? 7.822   -10.231 9.949   0.50 60.98  ? 78  GLU A CD  1 
ATOM   635 C  CD  B GLU A 1 82 ? 6.455   -11.689 12.243  0.50 58.33  ? 78  GLU A CD  1 
ATOM   636 O  OE1 A GLU A 1 82 ? 7.953   -11.465 10.052  0.50 60.56  ? 78  GLU A OE1 1 
ATOM   637 O  OE1 B GLU A 1 82 ? 6.920   -12.501 13.064  0.50 60.99  ? 78  GLU A OE1 1 
ATOM   638 O  OE2 A GLU A 1 82 ? 8.107   -9.593  8.911   0.50 67.99  ? 78  GLU A OE2 1 
ATOM   639 O  OE2 B GLU A 1 82 ? 5.367   -11.856 11.647  0.50 62.20  ? 78  GLU A OE2 1 
HETATM 640 NA NA  . NA  B 2 .  ? -6.380  1.156   -8.823  1.00 72.65  ? 101 NA  A NA  1 
HETATM 641 NA NA  . NA  C 2 .  ? -18.584 -2.632  -1.735  1.00 53.37  ? 102 NA  A NA  1 
HETATM 642 O  O   . HOH D 3 .  ? -16.911 -2.812  2.066   1.00 49.48  ? 201 HOH A O   1 
HETATM 643 O  O   . HOH D 3 .  ? -14.035 -0.165  4.353   1.00 52.83  ? 202 HOH A O   1 
HETATM 644 O  O   . HOH D 3 .  ? -2.718  -8.827  -9.262  1.00 57.57  ? 203 HOH A O   1 
HETATM 645 O  O   . HOH D 3 .  ? 11.735  -3.497  10.416  1.00 39.73  ? 204 HOH A O   1 
HETATM 646 O  O   . HOH D 3 .  ? -15.062 3.084   3.712   1.00 49.79  ? 205 HOH A O   1 
HETATM 647 O  O   . HOH D 3 .  ? 1.788   -6.474  -9.035  1.00 53.36  ? 206 HOH A O   1 
HETATM 648 O  O   . HOH D 3 .  ? 7.568   0.225   -7.021  1.00 80.66  ? 207 HOH A O   1 
HETATM 649 O  O   . HOH D 3 .  ? -19.135 -18.927 -10.132 1.00 63.17  ? 208 HOH A O   1 
HETATM 650 O  O   . HOH D 3 .  ? -14.467 -3.224  3.118   1.00 52.60  ? 209 HOH A O   1 
HETATM 651 O  O   A HOH D 3 .  ? -15.412 -4.087  0.109   0.50 29.51  ? 210 HOH A O   1 
HETATM 652 O  O   B HOH D 3 .  ? -14.599 -5.314  -0.332  0.50 42.29  ? 210 HOH A O   1 
HETATM 653 O  O   . HOH D 3 .  ? 7.120   7.272   1.834   1.00 45.23  ? 211 HOH A O   1 
HETATM 654 O  O   . HOH D 3 .  ? 8.233   -7.293  17.603  1.00 35.12  ? 212 HOH A O   1 
HETATM 655 O  O   . HOH D 3 .  ? 12.272  -10.580 14.220  1.00 45.23  ? 213 HOH A O   1 
HETATM 656 O  O   . HOH D 3 .  ? -4.333  -5.768  -7.837  1.00 51.19  ? 214 HOH A O   1 
HETATM 657 O  O   . HOH D 3 .  ? -18.411 -6.484  -3.906  1.00 60.03  ? 215 HOH A O   1 
HETATM 658 O  O   . HOH D 3 .  ? 14.616  -3.116  1.679   1.00 59.53  ? 216 HOH A O   1 
HETATM 659 O  O   . HOH D 3 .  ? 6.483   -6.106  14.129  1.00 58.83  ? 217 HOH A O   1 
HETATM 660 O  O   . HOH D 3 .  ? 3.806   6.250   1.309   1.00 56.66  ? 218 HOH A O   1 
HETATM 661 O  O   . HOH D 3 .  ? -14.334 -0.964  -7.360  1.00 30.94  ? 219 HOH A O   1 
HETATM 662 O  O   . HOH D 3 .  ? 10.039  6.900   9.069   1.00 60.55  ? 220 HOH A O   1 
HETATM 663 O  O   . HOH D 3 .  ? 2.068   -1.762  10.772  1.00 50.86  ? 221 HOH A O   1 
HETATM 664 O  O   . HOH D 3 .  ? -10.630 6.077   0.284   1.00 34.02  ? 222 HOH A O   1 
HETATM 665 O  O   . HOH D 3 .  ? 3.865   4.848   8.895   1.00 54.45  ? 223 HOH A O   1 
HETATM 666 O  O   A HOH D 3 .  ? 1.298   18.913  -4.397  0.25 18.06  ? 224 HOH A O   1 
HETATM 667 O  O   B HOH D 3 .  ? 0.047   19.388  -4.485  0.25 24.73  ? 224 HOH A O   1 
HETATM 668 O  O   C HOH D 3 .  ? -1.100  18.873  -6.181  0.50 56.13  ? 224 HOH A O   1 
HETATM 669 O  O   . HOH D 3 .  ? 10.428  -0.503  -3.577  1.00 47.13  ? 225 HOH A O   1 
HETATM 670 O  O   A HOH D 3 .  ? -17.092 -3.669  -2.765  0.40 36.32  ? 226 HOH A O   1 
HETATM 671 O  O   B HOH D 3 .  ? -19.579 -1.501  -2.876  0.20 18.76  ? 226 HOH A O   1 
HETATM 672 O  O   C HOH D 3 .  ? -17.649 -2.643  -0.143  0.40 32.43  ? 226 HOH A O   1 
HETATM 673 O  O   . HOH D 3 .  ? 8.580   -8.543  -1.422  1.00 42.72  ? 227 HOH A O   1 
HETATM 674 O  O   . HOH D 3 .  ? 0.847   11.593  -13.780 1.00 38.82  ? 228 HOH A O   1 
HETATM 675 O  O   . HOH D 3 .  ? -7.110  11.717  3.875   1.00 55.81  ? 229 HOH A O   1 
HETATM 676 O  O   . HOH D 3 .  ? 11.288  4.247   14.216  1.00 69.62  ? 230 HOH A O   1 
HETATM 677 O  O   . HOH D 3 .  ? -6.585  14.517  0.296   1.00 52.80  ? 231 HOH A O   1 
HETATM 678 O  O   . HOH D 3 .  ? 10.968  -10.604 10.788  1.00 59.14  ? 232 HOH A O   1 
HETATM 679 O  O   . HOH D 3 .  ? -6.193  -3.941  -7.314  1.00 35.33  ? 233 HOH A O   1 
HETATM 680 O  O   . HOH D 3 .  ? 8.997   1.898   -3.155  1.00 45.31  ? 234 HOH A O   1 
HETATM 681 O  O   . HOH D 3 .  ? 11.403  -1.226  7.530   1.00 43.75  ? 235 HOH A O   1 
HETATM 682 O  O   . HOH D 3 .  ? -10.983 -2.937  4.111   1.00 57.88  ? 236 HOH A O   1 
HETATM 683 O  O   . HOH D 3 .  ? 14.365  -7.015  1.986   1.00 53.35  ? 237 HOH A O   1 
HETATM 684 O  O   . HOH D 3 .  ? -7.965  9.039   3.757   1.00 41.21  ? 238 HOH A O   1 
HETATM 685 O  O   . HOH D 3 .  ? -4.218  10.944  -9.175  1.00 26.41  ? 239 HOH A O   1 
HETATM 686 O  O   . HOH D 3 .  ? 13.652  1.809   -0.340  1.00 50.30  ? 240 HOH A O   1 
HETATM 687 O  O   . HOH D 3 .  ? -8.181  2.134   6.117   1.00 45.37  ? 241 HOH A O   1 
HETATM 688 O  O   A HOH D 3 .  ? 0.388   -4.346  -8.406  0.50 27.29  ? 242 HOH A O   1 
HETATM 689 O  O   B HOH D 3 .  ? 0.399   -2.314  -9.403  0.50 59.73  ? 242 HOH A O   1 
HETATM 690 O  O   A HOH D 3 .  ? -4.873  1.674   -10.252 0.25 23.75  ? 243 HOH A O   1 
HETATM 691 O  O   B HOH D 3 .  ? -5.169  -0.174  -8.015  0.25 32.26  ? 243 HOH A O   1 
HETATM 692 O  O   C HOH D 3 .  ? -5.145  0.107   -9.718  0.50 45.42  ? 243 HOH A O   1 
HETATM 693 O  O   . HOH D 3 .  ? 0.039   14.299  -0.267  1.00 44.40  ? 244 HOH A O   1 
HETATM 694 O  O   . HOH D 3 .  ? -11.683 -8.834  -6.680  1.00 44.66  ? 245 HOH A O   1 
HETATM 695 O  O   . HOH D 3 .  ? 5.284   2.217   -6.198  1.00 49.09  ? 246 HOH A O   1 
HETATM 696 O  O   . HOH D 3 .  ? -6.547  -3.797  7.297   1.00 62.50  ? 247 HOH A O   1 
HETATM 697 O  O   . HOH D 3 .  ? -9.667  -0.296  6.239   1.00 59.14  ? 248 HOH A O   1 
HETATM 698 O  O   . HOH D 3 .  ? -3.928  1.928   10.656  1.00 43.43  ? 249 HOH A O   1 
HETATM 699 O  O   . HOH D 3 .  ? 6.267   2.433   -3.424  1.00 38.60  ? 250 HOH A O   1 
HETATM 700 O  O   . HOH D 3 .  ? -7.735  13.370  -1.660  1.00 32.33  ? 251 HOH A O   1 
HETATM 701 O  O   . HOH D 3 .  ? -11.951 4.424   -1.346  1.00 27.31  ? 252 HOH A O   1 
HETATM 702 O  O   . HOH D 3 .  ? 7.800   9.417   -3.951  1.00 41.39  ? 253 HOH A O   1 
HETATM 703 O  O   . HOH D 3 .  ? -13.882 4.646   2.035   1.00 40.88  ? 254 HOH A O   1 
HETATM 704 O  O   . HOH D 3 .  ? 3.031   2.620   -7.545  1.00 52.89  ? 255 HOH A O   1 
HETATM 705 O  O   . HOH D 3 .  ? -12.994 1.913   5.728   1.00 59.54  ? 256 HOH A O   1 
HETATM 706 O  O   . HOH D 3 .  ? -3.517  9.996   -11.821 1.00 29.72  ? 257 HOH A O   1 
HETATM 707 O  O   . HOH D 3 .  ? 6.329   2.630   13.345  1.00 64.84  ? 258 HOH A O   1 
HETATM 708 O  O   . HOH D 3 .  ? -18.411 -11.400 -5.797  1.00 60.41  ? 259 HOH A O   1 
HETATM 709 O  O   . HOH D 3 .  ? 12.427  0.388   10.829  1.00 67.04  ? 260 HOH A O   1 
HETATM 710 O  O   . HOH D 3 .  ? 13.896  -0.500  6.979   1.00 72.74  ? 261 HOH A O   1 
HETATM 711 O  O   . HOH D 3 .  ? 16.373  -2.484  3.655   1.00 57.11  ? 262 HOH A O   1 
HETATM 712 O  O   . HOH D 3 .  ? 10.398  -7.390  -8.684  1.00 49.87  ? 263 HOH A O   1 
HETATM 713 O  O   . HOH D 3 .  ? 6.868   -12.788 16.518  1.00 54.16  ? 264 HOH A O   1 
HETATM 714 O  O   . HOH D 3 .  ? -3.897  8.388   -18.330 1.00 62.28  ? 265 HOH A O   1 
HETATM 715 O  O   . HOH D 3 .  ? 14.530  -1.962  9.955   1.00 44.29  ? 266 HOH A O   1 
HETATM 716 O  O   . HOH D 3 .  ? -7.592  0.384   8.260   1.00 59.27  ? 267 HOH A O   1 
HETATM 717 O  O   . HOH D 3 .  ? -6.585  7.743   6.066   1.00 54.73  ? 268 HOH A O   1 
HETATM 718 O  O   . HOH D 3 .  ? 2.985   5.534   13.404  1.00 65.13  ? 269 HOH A O   1 
HETATM 719 O  O   . HOH D 3 .  ? -8.321  -2.000  7.622   1.00 61.79  ? 270 HOH A O   1 
HETATM 720 O  O   . HOH D 3 .  ? 17.030  -6.606  -6.458  1.00 57.76  ? 271 HOH A O   1 
HETATM 721 O  O   A HOH D 3 .  ? -7.920  -5.778  2.729   0.50 51.61  ? 272 HOH A O   1 
HETATM 722 O  O   B HOH D 3 .  ? -7.561  -4.931  0.242   0.50 43.87  ? 272 HOH A O   1 
# 
